data_8A5D
#
_entry.id   8A5D
#
_cell.length_a   1.00
_cell.length_b   1.00
_cell.length_c   1.00
_cell.angle_alpha   90.00
_cell.angle_beta   90.00
_cell.angle_gamma   90.00
#
_symmetry.space_group_name_H-M   'P 1'
#
loop_
_entity.id
_entity.type
_entity.pdbx_description
1 polymer 'Ino80 ATPase'
2 polymer 'Actin-related protein 8'
3 polymer Actin
4 polymer 'Actin related protein 4 (Arp4)'
5 polymer Ies4
6 non-polymer 'PHOSPHOTHIOPHOSPHORIC ACID-ADENYLATE ESTER'
7 non-polymer 'MAGNESIUM ION'
#
loop_
_entity_poly.entity_id
_entity_poly.type
_entity_poly.pdbx_seq_one_letter_code
_entity_poly.pdbx_strand_id
1 'polypeptide(L)'
;RKRRREKSMAATLEQQAAALQKASQAEDEAERLKYIREAERANKKVQQTKYILQKGIKGPARNLPPIEPNLEGGTMATFS
AENMEPGKVKGKGRGGRLKKSKEQKQAEKEQAELAQAAIDAGEEPPSKEETKIRIKLSKAKASAKEEAEKDKENKEPKQP
KEPEKPVEEPKDPLELKFQSKGYNQIYDQIWRDLARKDVSKVFRLATDSYATKASNLKKTAILASKEAKRWQLRTNKGTK
DLQARAKRVMRDMMGFWKRNEREERDLRKAAERLELENARKEEADREAARQRRKLNFLISQTELYSDYKDDDDKGTDYKD
DDDK
;
G
2 'polypeptide(L)'
;MVGKVSERVLAREGLERTDNGMRQTSWPEVQPINQKNYYTDYMKRDDQILSLRLQNEANRERLVKTAQDRDRALNTNTNG
EVPLPLDELQEDAPPAPSAAMDPSKIIVIHPGSQNLRIGFASDALPKTIPMVLGTQYSQTESEMHEALPRRQFEGRTMEQ
QYGEEWVKKYQKMCSDLKVTMRANKLKVLPNSKDLVVNFNRRTEPEIISQHNDPLQVEWTNVNKAPEDGTTQKVFIGQQA
LRIAEDSSPKYKLWWPIQHGWLNEDDYPTRAHLFDDLEMLLDRALRRELGLTKKADWKQYSCVIVIPDLYDKRYVELLLH
LCIEFFDLSRVAFIQESMAATFGAGYTQACVVDVGAQKTSISCVEDGLVIEDSRVNLKYGGYDVTETFIKMMLYDNFPYQ
DINLRRRHDFLLAEELKMKYCTLSQANISVQAFDFHLRAPNQPTRKYQFKFYDEVILAPMGFYDPSIFDNSTKLRGRRKL
IDRSYNAYDVDMPDDPTSSAQLAILAMVQPSLAAPTATASFNGDPTATPSKERTQPFNFLSRPDATGTPGTSKAPSPAPD
GASTPVPGPYIFGASSREANGGSPAPSGRNGGTPAPANGTTVLPATSFDNPTSQQPQQRSAKEIAAERDAVLPIAPLDVA
ILTSIQHAAKGDEKKVRELVGSIMVVGGGAKIPHFAPFLEEKLKIRRPDLADRILVSRSAREMDEQVVVWKGASVFAKLS
TNDSWVTNYEYKMLGSRCIYMKLLWHY
;
U
3 'polypeptide(L)'
;MEEEVAALVIDNGSGMCKAGFAGDDAPRAVFPSIVGRPRHHGIMIGMGQKDSYVGDEAQSKRGILTLRYPIEHGVVTNWD
DMEKIWHHTFYNELRVAPEEHPVLLTEAPINPKSNREKMTQIVFETFNAPAFYVSIQAVLSLYASGRTTGIVLDSGDGVT
HVVPIYEGFSLPHAIARLDMAGRDLTDYLMKILAERGYTFSTTAEREIVRDIKEKLCYVALDFEQEIQTAAQSSHLEKSY
ELPDGQVITIGNERFRAPEALFQPSVLGLESGGIHVTTFNSIMKCDVDVRKDLYGNIVMSGGTTMYPGLSDRMQKEITAL
APSSMKVKIIAPPERKYSVWIGGSILASLSTFQQMWISKQEYDESGPSIVHRKCF
;
V
4 'polypeptide(L)'
;MSQQPLSSSVQPADIYGGDEVSALVLDPGYCNTRAGFAGEEMPKQVIPSFYGHVDGRDLFGDEVIVPRAGFEVRNYMNRD
SMVEDWDAATRVWEYLLVQRLQPPRPTPASKNGLNVSDDGDVQMEDSAPNEDALDALEKPLTENPLLMTEAPWNTPKARE
KAIEVVMENWGTPAFWLSRTPVLAAFAAGKATALVIDVGGANTSVTAIHDGMVLKRSIQRSPAAGVWLSGQIRSMWKSQD
PPVNVVPTFMVENKKPVEAGAPPDCRLRNFGFPIHDSFRAFEEERVLTEFKESVVEVWRGPGKYLNPGNEDFAKTQPGRV
FEFPDGSNQMWREQRYRVAEGMWDETAAYPSLNPDEAAITKAQTIPALIKAALDGVDVDLRPNLLGNVVVTGSTSLLNGF
NDRLNHELTNMYPGLKIKLHAAGLTSERRFGAWIGGSILASLGTFHQMWISRKEYEENGAGIVEKRCK
;
W
5 'polypeptide(L)'
;MAPSSKNATPSNKDRRKSGIAAAGNGNAAASSKIVTLKVTPERLRAIFDPDILMEDAPASKASPAAANSNTENATESNPN
SPSASTPAGQSVMGPPAEGPKKKGVKRGAAALGPNGEPKPRGKPGPKKKQRLEDGTIVEEPSRKLGPKANQGAINAGLRA
LDRSGKPCRKWTRGTFQMKSFTGVVWEIPRWTAPPRPKPETAAPDDAAATVAVNGNGATPASTAADNNSNKENNNPSIAA
AKVEDASSQTAVKSEMSTGSGDIEMQSVAPSIAPSPAPVPIAVA
;
X
#
# COMPACT_ATOMS: atom_id res chain seq x y z
N PHE A 178 13.83 41.22 -46.34
CA PHE A 178 12.94 40.02 -46.14
C PHE A 178 12.40 39.50 -47.48
N GLN A 179 11.64 40.31 -48.22
CA GLN A 179 11.05 39.92 -49.54
C GLN A 179 12.14 40.02 -50.62
N SER A 180 13.09 39.07 -50.64
CA SER A 180 14.20 39.01 -51.65
C SER A 180 14.77 37.60 -51.80
N LYS A 181 15.33 37.32 -52.99
CA LYS A 181 15.92 36.00 -53.37
C LYS A 181 17.05 35.65 -52.40
N GLY A 182 17.84 36.63 -51.94
CA GLY A 182 18.94 36.45 -50.98
C GLY A 182 18.46 35.89 -49.65
N TYR A 183 17.46 36.53 -49.04
CA TYR A 183 16.86 36.08 -47.76
C TYR A 183 16.26 34.70 -47.92
N ASN A 184 15.46 34.49 -48.97
CA ASN A 184 14.81 33.19 -49.25
C ASN A 184 15.89 32.09 -49.40
N GLN A 185 16.98 32.36 -50.10
CA GLN A 185 18.05 31.37 -50.33
C GLN A 185 18.68 30.98 -48.98
N ILE A 186 18.99 31.96 -48.12
CA ILE A 186 19.66 31.69 -46.81
C ILE A 186 18.71 30.83 -45.97
N TYR A 187 17.47 31.26 -45.80
CA TYR A 187 16.47 30.56 -44.96
C TYR A 187 16.35 29.11 -45.46
N ASP A 188 16.15 28.90 -46.76
CA ASP A 188 15.99 27.53 -47.32
C ASP A 188 17.29 26.73 -47.10
N GLN A 189 18.46 27.33 -47.24
CA GLN A 189 19.76 26.62 -47.17
C GLN A 189 20.03 26.19 -45.73
N ILE A 190 19.67 27.02 -44.75
CA ILE A 190 19.73 26.67 -43.30
C ILE A 190 18.80 25.48 -43.01
N TRP A 191 17.56 25.54 -43.42
CA TRP A 191 16.61 24.44 -43.16
C TRP A 191 17.03 23.16 -43.88
N ARG A 192 17.55 23.24 -45.10
CA ARG A 192 17.99 22.04 -45.82
C ARG A 192 19.09 21.34 -45.02
N ASP A 193 20.10 22.07 -44.54
CA ASP A 193 21.23 21.47 -43.80
C ASP A 193 20.74 20.96 -42.45
N LEU A 194 19.90 21.72 -41.76
CA LEU A 194 19.29 21.33 -40.46
C LEU A 194 18.51 20.03 -40.57
N ALA A 195 17.65 19.92 -41.56
CA ALA A 195 16.83 18.71 -41.83
C ALA A 195 17.72 17.53 -42.26
N ARG A 196 18.63 17.70 -43.21
CA ARG A 196 19.37 16.55 -43.80
C ARG A 196 20.50 16.09 -42.86
N LYS A 197 21.28 17.02 -42.30
CA LYS A 197 22.50 16.67 -41.54
C LYS A 197 22.18 16.54 -40.03
N ASP A 198 21.65 17.58 -39.40
CA ASP A 198 21.56 17.66 -37.92
C ASP A 198 20.44 16.74 -37.42
N VAL A 199 19.21 16.90 -37.87
CA VAL A 199 18.06 16.05 -37.44
C VAL A 199 18.39 14.55 -37.59
N SER A 200 19.02 14.10 -38.67
CA SER A 200 19.36 12.67 -38.86
C SER A 200 20.40 12.21 -37.81
N LYS A 201 21.43 13.01 -37.50
CA LYS A 201 22.47 12.65 -36.50
C LYS A 201 21.81 12.64 -35.11
N VAL A 202 21.06 13.67 -34.78
CA VAL A 202 20.58 13.83 -33.38
C VAL A 202 19.48 12.83 -33.05
N PHE A 203 18.68 12.43 -34.01
CA PHE A 203 17.76 11.30 -33.83
C PHE A 203 18.48 9.98 -33.54
N ARG A 204 19.59 9.67 -34.19
CA ARG A 204 20.34 8.41 -33.92
C ARG A 204 20.96 8.48 -32.51
N LEU A 205 21.56 9.61 -32.17
CA LEU A 205 22.17 9.83 -30.84
C LEU A 205 21.09 9.71 -29.77
N ALA A 206 19.94 10.34 -29.94
CA ALA A 206 18.84 10.31 -28.96
C ALA A 206 18.28 8.86 -28.81
N THR A 207 18.08 8.12 -29.87
CA THR A 207 17.47 6.78 -29.78
C THR A 207 18.47 5.85 -29.08
N ASP A 208 19.75 5.96 -29.39
CA ASP A 208 20.79 5.14 -28.69
C ASP A 208 20.85 5.57 -27.22
N SER A 209 20.85 6.88 -26.95
CA SER A 209 20.95 7.42 -25.58
C SER A 209 19.79 6.88 -24.75
N TYR A 210 18.56 7.00 -25.22
CA TYR A 210 17.38 6.43 -24.53
C TYR A 210 17.56 4.92 -24.22
N ALA A 211 18.01 4.10 -25.16
CA ALA A 211 18.27 2.66 -24.95
C ALA A 211 19.32 2.45 -23.84
N THR A 212 20.35 3.28 -23.76
CA THR A 212 21.39 3.20 -22.69
C THR A 212 20.74 3.59 -21.36
N LYS A 213 19.97 4.67 -21.32
CA LYS A 213 19.35 5.17 -20.07
C LYS A 213 18.41 4.08 -19.54
N ALA A 214 17.51 3.59 -20.36
CA ALA A 214 16.57 2.52 -19.98
C ALA A 214 17.32 1.27 -19.51
N SER A 215 18.39 0.85 -20.19
CA SER A 215 19.20 -0.35 -19.80
C SER A 215 19.88 -0.14 -18.46
N ASN A 216 20.53 1.01 -18.25
CA ASN A 216 21.20 1.40 -16.98
C ASN A 216 20.22 1.25 -15.80
N LEU A 217 19.04 1.82 -15.97
CA LEU A 217 18.02 1.93 -14.90
C LEU A 217 17.48 0.52 -14.63
N LYS A 218 17.21 -0.28 -15.67
CA LYS A 218 16.55 -1.56 -15.46
C LYS A 218 17.51 -2.40 -14.62
N LYS A 219 18.76 -2.53 -15.02
CA LYS A 219 19.70 -3.45 -14.34
C LYS A 219 19.92 -2.93 -12.91
N THR A 220 20.00 -1.63 -12.68
CA THR A 220 20.15 -1.06 -11.31
C THR A 220 18.95 -1.46 -10.46
N ALA A 221 17.73 -1.29 -10.92
CA ALA A 221 16.52 -1.68 -10.18
C ALA A 221 16.51 -3.20 -9.87
N ILE A 222 17.09 -4.03 -10.70
CA ILE A 222 17.21 -5.48 -10.42
C ILE A 222 18.18 -5.72 -9.25
N LEU A 223 19.29 -5.01 -9.18
CA LEU A 223 20.22 -5.13 -8.06
C LEU A 223 19.56 -4.57 -6.78
N ALA A 224 19.04 -3.35 -6.80
CA ALA A 224 18.48 -2.71 -5.60
C ALA A 224 17.31 -3.51 -5.04
N SER A 225 16.49 -4.13 -5.89
CA SER A 225 15.34 -4.92 -5.40
C SER A 225 15.82 -6.24 -4.80
N LYS A 226 16.88 -6.88 -5.30
CA LYS A 226 17.45 -8.08 -4.66
C LYS A 226 17.92 -7.71 -3.23
N GLU A 227 18.65 -6.61 -3.07
CA GLU A 227 19.19 -6.17 -1.77
C GLU A 227 18.03 -5.97 -0.78
N ALA A 228 16.99 -5.28 -1.16
CA ALA A 228 15.86 -4.98 -0.25
C ALA A 228 15.30 -6.29 0.36
N LYS A 229 15.25 -7.38 -0.37
CA LYS A 229 14.66 -8.65 0.13
C LYS A 229 15.70 -9.54 0.87
N ARG A 230 17.00 -9.39 0.70
CA ARG A 230 17.99 -10.47 1.03
C ARG A 230 18.02 -10.78 2.53
N TRP A 231 17.72 -9.83 3.41
CA TRP A 231 17.74 -10.07 4.89
C TRP A 231 16.85 -11.26 5.29
N GLN A 232 15.87 -11.62 4.48
CA GLN A 232 14.89 -12.69 4.71
C GLN A 232 15.45 -14.07 4.35
N LEU A 233 16.47 -14.16 3.52
CA LEU A 233 16.94 -15.48 3.02
C LEU A 233 17.66 -16.22 4.15
N ARG A 234 17.24 -17.45 4.43
CA ARG A 234 17.86 -18.27 5.49
C ARG A 234 19.19 -18.83 4.98
N THR A 235 20.14 -18.99 5.89
CA THR A 235 21.55 -19.33 5.61
C THR A 235 22.11 -20.27 6.66
N ASN A 236 23.18 -20.98 6.31
CA ASN A 236 23.97 -21.85 7.22
C ASN A 236 24.36 -21.03 8.45
N LYS A 237 24.98 -19.88 8.24
CA LYS A 237 25.53 -19.05 9.35
C LYS A 237 24.38 -18.56 10.24
N GLY A 238 23.31 -18.03 9.63
CA GLY A 238 22.16 -17.46 10.36
C GLY A 238 21.52 -18.49 11.27
N THR A 239 21.23 -19.68 10.74
CA THR A 239 20.57 -20.77 11.51
C THR A 239 21.51 -21.24 12.63
N LYS A 240 22.81 -21.44 12.40
CA LYS A 240 23.71 -21.89 13.51
C LYS A 240 23.80 -20.83 14.62
N ASP A 241 23.90 -19.55 14.29
CA ASP A 241 23.90 -18.46 15.30
C ASP A 241 22.57 -18.45 16.05
N LEU A 242 21.45 -18.77 15.41
CA LEU A 242 20.14 -18.74 16.11
C LEU A 242 19.96 -19.97 17.00
N GLN A 243 20.38 -21.13 16.55
CA GLN A 243 20.52 -22.32 17.45
C GLN A 243 21.43 -22.00 18.67
N ALA A 244 22.54 -21.30 18.48
CA ALA A 244 23.42 -20.89 19.59
C ALA A 244 22.73 -19.89 20.56
N ARG A 245 22.02 -18.87 20.07
CA ARG A 245 21.25 -17.94 20.93
C ARG A 245 20.27 -18.73 21.81
N ALA A 246 19.46 -19.57 21.17
CA ALA A 246 18.42 -20.37 21.84
C ALA A 246 19.07 -21.29 22.90
N LYS A 247 20.18 -21.96 22.57
CA LYS A 247 20.83 -22.88 23.52
C LYS A 247 21.43 -22.13 24.73
N ARG A 248 22.01 -20.95 24.55
CA ARG A 248 22.53 -20.12 25.69
C ARG A 248 21.37 -19.77 26.62
N VAL A 249 20.25 -19.30 26.10
CA VAL A 249 19.10 -18.85 26.94
C VAL A 249 18.64 -20.06 27.76
N MET A 250 18.58 -21.22 27.16
CA MET A 250 18.05 -22.44 27.81
C MET A 250 19.06 -22.86 28.89
N ARG A 251 20.36 -22.79 28.65
CA ARG A 251 21.35 -23.13 29.70
C ARG A 251 21.29 -22.10 30.84
N ASP A 252 20.99 -20.84 30.57
CA ASP A 252 20.80 -19.81 31.62
C ASP A 252 19.56 -20.10 32.48
N MET A 253 18.51 -20.65 31.89
CA MET A 253 17.31 -21.12 32.64
C MET A 253 17.65 -22.33 33.49
N MET A 254 18.52 -23.23 33.04
CA MET A 254 18.96 -24.38 33.91
C MET A 254 19.84 -23.88 35.05
N GLY A 255 20.64 -22.85 34.79
CA GLY A 255 21.45 -22.19 35.83
C GLY A 255 20.57 -21.59 36.89
N PHE A 256 19.52 -20.90 36.45
CA PHE A 256 18.58 -20.17 37.34
C PHE A 256 18.02 -21.14 38.36
N TRP A 257 17.54 -22.30 37.94
CA TRP A 257 16.96 -23.29 38.87
C TRP A 257 18.06 -23.87 39.75
N LYS A 258 19.23 -24.23 39.23
CA LYS A 258 20.32 -24.78 40.08
C LYS A 258 20.70 -23.81 41.21
N ARG A 259 20.53 -22.48 41.09
CA ARG A 259 20.72 -21.53 42.22
C ARG A 259 19.49 -21.54 43.12
N ASN A 260 18.31 -21.17 42.62
CA ASN A 260 17.09 -20.96 43.44
C ASN A 260 16.64 -22.27 44.10
N GLU A 261 16.61 -23.40 43.39
CA GLU A 261 16.24 -24.73 43.96
C GLU A 261 17.26 -25.19 45.02
N ARG A 262 18.48 -24.63 45.06
CA ARG A 262 19.55 -24.96 46.04
C ARG A 262 19.52 -23.98 47.23
N GLU A 263 19.14 -22.72 46.99
CA GLU A 263 19.15 -21.63 48.01
C GLU A 263 17.82 -21.58 48.78
N GLU A 264 16.69 -21.97 48.16
CA GLU A 264 15.34 -22.06 48.79
C GLU A 264 15.32 -23.19 49.83
N SER B 6 27.74 36.32 -54.86
CA SER B 6 26.49 36.25 -54.02
C SER B 6 26.77 36.70 -52.56
N GLU B 7 27.67 35.99 -51.86
CA GLU B 7 27.84 36.04 -50.38
C GLU B 7 27.90 37.49 -49.85
N ARG B 8 28.70 38.38 -50.45
CA ARG B 8 28.91 39.76 -49.94
C ARG B 8 27.62 40.60 -50.05
N VAL B 9 26.70 40.30 -50.98
CA VAL B 9 25.38 41.01 -51.08
C VAL B 9 24.50 40.57 -49.89
N LEU B 10 24.57 39.29 -49.50
CA LEU B 10 23.85 38.76 -48.31
C LEU B 10 24.40 39.46 -47.06
N ALA B 11 25.73 39.52 -46.91
CA ALA B 11 26.43 40.20 -45.79
C ALA B 11 26.09 41.70 -45.79
N ARG B 12 25.94 42.34 -46.95
CA ARG B 12 25.56 43.78 -47.08
C ARG B 12 24.13 44.00 -46.60
N GLU B 13 23.21 43.05 -46.90
CA GLU B 13 21.82 43.03 -46.36
C GLU B 13 21.82 42.66 -44.86
N GLY B 14 22.95 42.16 -44.33
CA GLY B 14 23.11 41.81 -42.91
C GLY B 14 22.71 40.39 -42.60
N LEU B 15 22.52 39.55 -43.63
CA LEU B 15 22.05 38.14 -43.45
C LEU B 15 23.23 37.17 -43.51
N GLU B 16 23.39 36.34 -42.48
CA GLU B 16 24.57 35.45 -42.32
C GLU B 16 24.23 34.29 -41.39
N ARG B 17 24.46 33.06 -41.85
CA ARG B 17 24.18 31.85 -41.03
C ARG B 17 25.38 31.59 -40.10
N THR B 18 25.08 31.08 -38.90
CA THR B 18 25.94 31.19 -37.70
C THR B 18 25.75 29.98 -36.77
N ASP B 19 26.84 29.60 -36.12
CA ASP B 19 26.90 28.47 -35.16
C ASP B 19 26.40 28.94 -33.79
N ASN B 20 26.47 30.24 -33.51
CA ASN B 20 26.33 30.85 -32.16
C ASN B 20 27.30 30.18 -31.15
N GLY B 21 28.42 29.61 -31.62
CA GLY B 21 29.44 28.95 -30.79
C GLY B 21 28.94 27.73 -30.05
N MET B 22 27.75 27.26 -30.39
CA MET B 22 27.11 26.08 -29.76
C MET B 22 27.72 24.78 -30.29
N ARG B 23 27.62 23.73 -29.50
CA ARG B 23 27.84 22.32 -29.92
C ARG B 23 26.71 21.94 -30.88
N GLN B 24 26.90 20.87 -31.67
CA GLN B 24 25.89 20.29 -32.60
C GLN B 24 24.55 20.14 -31.85
N THR B 25 24.56 19.60 -30.64
CA THR B 25 23.31 19.39 -29.89
C THR B 25 23.57 19.35 -28.40
N SER B 26 22.58 19.80 -27.66
CA SER B 26 22.50 19.70 -26.19
C SER B 26 21.92 18.34 -25.78
N TRP B 27 21.45 17.49 -26.70
CA TRP B 27 20.74 16.22 -26.35
C TRP B 27 21.67 15.29 -25.56
N PRO B 28 21.31 14.87 -24.31
CA PRO B 28 22.26 14.18 -23.43
C PRO B 28 22.71 12.79 -23.92
N GLU B 29 24.01 12.56 -23.84
CA GLU B 29 24.66 11.30 -24.27
C GLU B 29 25.04 10.48 -23.02
N VAL B 30 24.16 9.57 -22.63
CA VAL B 30 24.27 8.70 -21.43
C VAL B 30 25.30 7.59 -21.71
N GLN B 31 26.26 7.38 -20.81
CA GLN B 31 27.23 6.25 -20.91
C GLN B 31 26.64 5.01 -20.26
N PRO B 32 26.91 3.80 -20.81
CA PRO B 32 26.40 2.58 -20.23
C PRO B 32 27.16 2.25 -18.93
N ILE B 33 26.40 1.99 -17.87
CA ILE B 33 26.93 1.50 -16.57
C ILE B 33 27.46 0.07 -16.72
N ASN B 34 28.66 -0.19 -16.26
CA ASN B 34 29.22 -1.56 -16.13
C ASN B 34 28.65 -2.19 -14.86
N GLN B 35 27.93 -3.32 -14.98
CA GLN B 35 27.25 -4.01 -13.83
C GLN B 35 27.93 -5.35 -13.54
N LYS B 36 29.11 -5.60 -14.10
CA LYS B 36 29.84 -6.89 -13.97
C LYS B 36 30.68 -6.83 -12.68
N ASN B 37 30.90 -8.00 -12.05
CA ASN B 37 31.76 -8.20 -10.86
C ASN B 37 31.27 -7.32 -9.70
N TYR B 38 29.96 -7.02 -9.62
CA TYR B 38 29.46 -6.08 -8.58
C TYR B 38 29.39 -6.77 -7.22
N TYR B 39 29.48 -5.94 -6.18
CA TYR B 39 29.24 -6.29 -4.76
C TYR B 39 28.35 -5.20 -4.14
N THR B 40 27.88 -5.50 -2.93
CA THR B 40 27.02 -4.59 -2.12
C THR B 40 27.52 -4.51 -0.67
N ASP B 41 27.20 -3.42 0.01
CA ASP B 41 27.58 -3.12 1.40
C ASP B 41 26.33 -3.05 2.29
N TYR B 42 25.16 -3.51 1.83
CA TYR B 42 23.90 -3.22 2.56
C TYR B 42 23.66 -4.33 3.55
N MET B 43 23.56 -3.97 4.84
CA MET B 43 23.28 -4.85 5.98
C MET B 43 24.28 -6.00 6.03
N LYS B 44 25.55 -5.70 5.72
CA LYS B 44 26.61 -6.71 5.70
C LYS B 44 27.25 -6.84 7.09
N ARG B 45 27.09 -5.85 7.96
CA ARG B 45 27.78 -5.77 9.28
C ARG B 45 26.76 -5.43 10.37
N ASP B 46 26.89 -5.96 11.58
CA ASP B 46 25.82 -5.83 12.61
C ASP B 46 25.62 -4.36 12.98
N ASP B 47 26.66 -3.53 12.90
CA ASP B 47 26.61 -2.06 13.15
C ASP B 47 25.64 -1.35 12.20
N GLN B 48 25.31 -1.97 11.06
CA GLN B 48 24.38 -1.41 10.06
C GLN B 48 22.96 -1.84 10.32
N ILE B 49 22.73 -2.75 11.27
CA ILE B 49 21.35 -3.21 11.58
C ILE B 49 20.89 -2.57 12.90
N LEU B 50 19.84 -1.73 12.88
CA LEU B 50 19.40 -0.81 13.99
C LEU B 50 19.20 -1.65 15.23
N SER B 51 18.50 -2.77 15.10
CA SER B 51 18.18 -3.69 16.21
C SER B 51 19.46 -4.15 16.90
N LEU B 52 20.47 -4.52 16.14
CA LEU B 52 21.68 -5.17 16.68
C LEU B 52 22.62 -4.08 17.18
N ARG B 53 22.69 -2.95 16.50
CA ARG B 53 23.47 -1.79 16.97
C ARG B 53 22.95 -1.40 18.36
N LEU B 54 21.64 -1.22 18.50
CA LEU B 54 21.04 -0.80 19.78
C LEU B 54 21.31 -1.89 20.84
N GLN B 55 21.28 -3.17 20.49
CA GLN B 55 21.59 -4.24 21.47
C GLN B 55 23.05 -4.12 21.90
N ASN B 56 23.99 -3.93 20.98
CA ASN B 56 25.44 -3.80 21.30
C ASN B 56 25.64 -2.58 22.20
N GLU B 57 24.98 -1.45 21.92
CA GLU B 57 25.01 -0.21 22.75
C GLU B 57 24.48 -0.54 24.15
N ALA B 58 23.38 -1.29 24.26
CA ALA B 58 22.74 -1.68 25.54
C ALA B 58 23.65 -2.62 26.33
N ASN B 59 24.22 -3.63 25.69
CA ASN B 59 25.17 -4.58 26.31
C ASN B 59 26.39 -3.80 26.86
N ARG B 60 26.93 -2.83 26.12
CA ARG B 60 28.05 -1.98 26.61
C ARG B 60 27.58 -1.17 27.82
N GLU B 61 26.43 -0.50 27.73
CA GLU B 61 25.87 0.36 28.81
C GLU B 61 25.66 -0.47 30.10
N ARG B 62 25.20 -1.73 29.95
CA ARG B 62 25.03 -2.70 31.07
C ARG B 62 26.39 -2.99 31.74
N LEU B 63 27.44 -3.26 30.96
CA LEU B 63 28.73 -3.80 31.48
C LEU B 63 29.67 -2.68 31.96
N VAL B 64 29.64 -1.51 31.31
CA VAL B 64 30.54 -0.36 31.65
C VAL B 64 30.11 0.23 33.00
N MET B 101 17.97 -6.51 35.16
CA MET B 101 17.02 -5.35 35.21
C MET B 101 15.87 -5.68 36.20
N ASP B 102 15.27 -4.64 36.79
CA ASP B 102 14.30 -4.73 37.91
C ASP B 102 13.09 -5.58 37.52
N PRO B 103 12.89 -6.78 38.13
CA PRO B 103 11.74 -7.62 37.87
C PRO B 103 10.38 -6.98 38.19
N SER B 104 10.34 -6.06 39.14
CA SER B 104 9.06 -5.39 39.51
C SER B 104 8.60 -4.49 38.37
N LYS B 105 9.46 -4.20 37.39
CA LYS B 105 9.11 -3.30 36.26
C LYS B 105 8.74 -4.11 35.02
N ILE B 106 8.64 -5.41 35.11
CA ILE B 106 8.30 -6.28 33.94
C ILE B 106 6.92 -6.91 34.15
N ILE B 107 5.99 -6.54 33.29
CA ILE B 107 4.65 -7.17 33.23
C ILE B 107 4.74 -8.50 32.48
N VAL B 108 4.02 -9.52 32.92
CA VAL B 108 4.02 -10.85 32.23
C VAL B 108 2.59 -11.22 31.90
N ILE B 109 2.27 -11.36 30.64
CA ILE B 109 0.87 -11.50 30.17
C ILE B 109 0.73 -12.83 29.44
N HIS B 110 -0.32 -13.57 29.75
CA HIS B 110 -0.60 -14.86 29.08
C HIS B 110 -2.09 -14.91 28.73
N PRO B 111 -2.50 -14.40 27.54
CA PRO B 111 -3.92 -14.19 27.24
C PRO B 111 -4.54 -15.54 26.92
N GLY B 112 -5.87 -15.57 26.85
CA GLY B 112 -6.54 -16.86 26.58
C GLY B 112 -8.00 -16.70 26.24
N SER B 113 -8.63 -17.83 25.95
CA SER B 113 -10.02 -17.88 25.52
C SER B 113 -11.01 -17.96 26.69
N GLN B 114 -10.63 -18.48 27.86
CA GLN B 114 -11.46 -18.25 29.08
C GLN B 114 -10.74 -17.25 30.00
N ASN B 115 -9.44 -17.37 30.18
CA ASN B 115 -8.73 -16.71 31.29
C ASN B 115 -7.49 -15.95 30.80
N LEU B 116 -7.28 -14.77 31.35
CA LEU B 116 -6.05 -13.96 31.25
C LEU B 116 -5.26 -14.15 32.52
N ARG B 117 -3.96 -14.37 32.42
CA ARG B 117 -3.03 -14.43 33.58
C ARG B 117 -2.01 -13.31 33.44
N ILE B 118 -1.87 -12.50 34.48
CA ILE B 118 -1.09 -11.24 34.45
C ILE B 118 -0.44 -11.02 35.80
N GLY B 119 0.69 -10.32 35.84
CA GLY B 119 1.45 -10.06 37.06
C GLY B 119 2.76 -9.36 36.77
N PHE B 120 3.47 -8.95 37.79
CA PHE B 120 4.87 -8.54 37.63
C PHE B 120 5.78 -9.77 37.72
N ALA B 121 6.92 -9.74 37.07
CA ALA B 121 7.82 -10.90 37.03
C ALA B 121 8.28 -11.19 38.43
N SER B 122 8.22 -10.20 39.34
CA SER B 122 8.62 -10.35 40.77
C SER B 122 7.59 -11.18 41.54
N ASP B 123 6.33 -11.21 41.07
CA ASP B 123 5.21 -11.90 41.74
C ASP B 123 5.47 -13.40 41.78
N ALA B 124 5.04 -14.08 42.85
CA ALA B 124 5.16 -15.54 42.96
C ALA B 124 4.17 -16.20 41.99
N LEU B 125 2.98 -15.62 41.85
CA LEU B 125 1.90 -16.20 41.05
C LEU B 125 1.19 -15.09 40.28
N PRO B 126 0.63 -15.43 39.10
CA PRO B 126 -0.21 -14.50 38.40
C PRO B 126 -1.54 -14.21 39.08
N LYS B 127 -2.08 -13.01 38.82
CA LYS B 127 -3.53 -12.69 38.93
C LYS B 127 -4.26 -13.29 37.73
N THR B 128 -5.30 -14.07 37.97
CA THR B 128 -6.13 -14.71 36.91
C THR B 128 -7.51 -14.05 36.90
N ILE B 129 -7.99 -13.63 35.72
CA ILE B 129 -9.37 -13.13 35.51
C ILE B 129 -9.93 -13.70 34.22
N PRO B 130 -11.25 -13.90 34.09
CA PRO B 130 -11.88 -14.21 32.81
C PRO B 130 -11.60 -13.15 31.73
N MET B 131 -11.13 -13.59 30.58
CA MET B 131 -10.72 -12.65 29.52
C MET B 131 -12.01 -12.24 28.76
N VAL B 132 -12.78 -11.37 29.38
CA VAL B 132 -14.11 -10.95 28.91
C VAL B 132 -14.32 -9.49 29.30
N LEU B 133 -15.14 -8.79 28.54
CA LEU B 133 -15.35 -7.32 28.64
C LEU B 133 -16.84 -7.09 28.53
N GLY B 134 -17.41 -6.32 29.44
CA GLY B 134 -18.82 -5.93 29.41
C GLY B 134 -18.95 -4.49 28.98
N THR B 135 -19.78 -4.22 27.96
CA THR B 135 -20.11 -2.84 27.52
C THR B 135 -21.62 -2.68 27.31
N GLN B 136 -22.11 -1.44 27.28
CA GLN B 136 -23.54 -1.14 27.04
C GLN B 136 -23.88 -1.44 25.57
N TYR B 137 -25.05 -2.04 25.34
CA TYR B 137 -25.48 -2.50 24.00
C TYR B 137 -27.01 -2.63 23.94
N SER B 138 -27.55 -2.79 22.75
CA SER B 138 -29.01 -2.96 22.53
C SER B 138 -29.50 -4.34 23.02
N GLN B 139 -28.61 -5.34 23.12
CA GLN B 139 -28.98 -6.77 23.29
C GLN B 139 -27.93 -7.51 24.11
N THR B 140 -28.30 -8.54 24.85
CA THR B 140 -27.35 -9.45 25.56
C THR B 140 -26.87 -10.55 24.60
N GLU B 141 -25.75 -11.18 24.93
CA GLU B 141 -25.21 -12.33 24.14
C GLU B 141 -26.24 -13.47 24.04
N SER B 142 -27.14 -13.59 25.00
CA SER B 142 -28.18 -14.65 25.12
C SER B 142 -29.32 -14.39 24.16
N GLU B 143 -29.60 -13.12 23.82
CA GLU B 143 -30.74 -12.75 22.93
C GLU B 143 -30.38 -12.93 21.46
N MET B 144 -29.10 -12.75 21.11
CA MET B 144 -28.64 -12.71 19.71
C MET B 144 -28.48 -14.11 19.10
N HIS B 145 -28.40 -15.19 19.89
CA HIS B 145 -28.04 -16.55 19.35
C HIS B 145 -28.91 -17.67 19.93
N GLU B 146 -28.96 -18.81 19.23
CA GLU B 146 -29.66 -20.04 19.70
C GLU B 146 -29.00 -20.55 20.99
N ALA B 147 -29.78 -21.17 21.89
CA ALA B 147 -29.31 -21.62 23.22
C ALA B 147 -28.23 -22.69 23.08
N LEU B 148 -27.41 -22.85 24.11
CA LEU B 148 -26.35 -23.92 24.19
C LEU B 148 -26.61 -24.79 25.41
N PRO B 149 -26.35 -26.11 25.37
CA PRO B 149 -26.00 -26.82 24.14
C PRO B 149 -27.16 -26.82 23.15
N ARG B 150 -26.81 -26.99 21.86
CA ARG B 150 -27.76 -26.86 20.72
C ARG B 150 -28.81 -27.99 20.74
N ARG B 151 -30.08 -27.60 20.68
CA ARG B 151 -31.25 -28.50 20.64
C ARG B 151 -32.24 -27.96 19.60
N GLN B 152 -32.80 -28.85 18.78
CA GLN B 152 -33.87 -28.51 17.80
C GLN B 152 -35.20 -28.53 18.58
N PHE B 153 -35.52 -27.43 19.27
CA PHE B 153 -36.74 -27.31 20.11
C PHE B 153 -38.00 -27.60 19.27
N GLU B 154 -38.93 -28.33 19.88
CA GLU B 154 -40.23 -28.77 19.29
C GLU B 154 -40.00 -29.70 18.07
N GLY B 155 -38.85 -30.39 18.02
CA GLY B 155 -38.65 -31.55 17.12
C GLY B 155 -39.57 -32.70 17.47
N ARG B 156 -39.72 -33.67 16.56
CA ARG B 156 -40.71 -34.78 16.67
C ARG B 156 -40.39 -35.70 17.86
N THR B 157 -39.11 -35.83 18.21
CA THR B 157 -38.58 -36.83 19.17
C THR B 157 -37.18 -36.41 19.67
N MET B 158 -36.73 -36.94 20.80
CA MET B 158 -35.36 -36.68 21.33
C MET B 158 -34.29 -37.02 20.28
N GLU B 159 -34.48 -38.09 19.50
CA GLU B 159 -33.52 -38.51 18.44
C GLU B 159 -33.29 -37.36 17.45
N GLN B 160 -34.31 -36.54 17.15
CA GLN B 160 -34.18 -35.32 16.31
C GLN B 160 -33.68 -34.15 17.16
N GLN B 161 -34.23 -33.98 18.36
CA GLN B 161 -34.02 -32.79 19.22
C GLN B 161 -32.51 -32.64 19.51
N TYR B 162 -31.83 -33.74 19.80
CA TYR B 162 -30.37 -33.79 20.07
C TYR B 162 -29.60 -34.07 18.78
N GLY B 163 -30.16 -34.83 17.85
CA GLY B 163 -29.54 -35.15 16.55
C GLY B 163 -29.06 -36.59 16.47
N GLU B 164 -29.45 -37.31 15.41
CA GLU B 164 -29.44 -38.79 15.39
C GLU B 164 -28.01 -39.31 15.50
N GLU B 165 -27.07 -38.70 14.79
CA GLU B 165 -25.62 -39.09 14.81
C GLU B 165 -25.07 -39.00 16.23
N TRP B 166 -25.40 -37.92 16.94
CA TRP B 166 -24.93 -37.67 18.32
C TRP B 166 -25.54 -38.71 19.25
N VAL B 167 -26.85 -39.00 19.12
CA VAL B 167 -27.52 -40.00 19.98
C VAL B 167 -26.93 -41.40 19.75
N LYS B 168 -26.71 -41.80 18.50
CA LYS B 168 -26.01 -43.07 18.20
C LYS B 168 -24.62 -43.10 18.88
N LYS B 169 -23.84 -42.02 18.79
CA LYS B 169 -22.47 -41.96 19.36
C LYS B 169 -22.51 -42.04 20.89
N TYR B 170 -23.44 -41.36 21.56
CA TYR B 170 -23.61 -41.42 23.03
C TYR B 170 -23.92 -42.86 23.42
N GLN B 171 -24.83 -43.53 22.71
CA GLN B 171 -25.18 -44.95 23.00
C GLN B 171 -23.97 -45.88 22.77
N LYS B 172 -23.21 -45.69 21.69
CA LYS B 172 -21.95 -46.45 21.47
C LYS B 172 -21.03 -46.28 22.68
N MET B 173 -20.70 -45.03 23.05
CA MET B 173 -19.79 -44.74 24.18
C MET B 173 -20.29 -45.43 25.47
N CYS B 174 -21.58 -45.36 25.79
CA CYS B 174 -22.18 -46.05 26.96
C CYS B 174 -21.84 -47.54 26.93
N SER B 175 -22.13 -48.22 25.82
CA SER B 175 -21.95 -49.69 25.68
C SER B 175 -20.47 -50.05 25.82
N ASP B 176 -19.57 -49.25 25.25
CA ASP B 176 -18.10 -49.47 25.32
C ASP B 176 -17.59 -49.32 26.77
N LEU B 177 -18.07 -48.30 27.49
CA LEU B 177 -17.73 -48.09 28.93
C LEU B 177 -18.18 -49.31 29.75
N LYS B 178 -19.42 -49.79 29.56
CA LYS B 178 -19.98 -51.00 30.25
C LYS B 178 -19.05 -52.20 30.02
N VAL B 179 -18.75 -52.52 28.76
CA VAL B 179 -17.84 -53.65 28.38
C VAL B 179 -16.48 -53.46 29.09
N THR B 180 -15.93 -52.24 29.07
CA THR B 180 -14.60 -51.93 29.65
C THR B 180 -14.61 -52.21 31.16
N MET B 181 -15.54 -51.62 31.90
CA MET B 181 -15.51 -51.72 33.39
C MET B 181 -15.98 -53.12 33.83
N ARG B 182 -16.78 -53.83 33.04
CA ARG B 182 -17.09 -55.28 33.25
C ARG B 182 -15.82 -56.12 33.09
N ALA B 183 -14.99 -55.84 32.07
CA ALA B 183 -13.67 -56.50 31.85
C ALA B 183 -12.73 -56.23 33.04
N ASN B 184 -12.80 -55.04 33.64
CA ASN B 184 -12.04 -54.66 34.86
C ASN B 184 -12.70 -55.21 36.14
N LYS B 185 -13.85 -55.89 36.04
CA LYS B 185 -14.62 -56.53 37.15
C LYS B 185 -15.05 -55.49 38.21
N LEU B 186 -15.48 -54.31 37.76
CA LEU B 186 -16.25 -53.33 38.59
C LEU B 186 -17.75 -53.72 38.59
N LYS B 187 -18.52 -53.21 39.55
CA LYS B 187 -19.99 -53.40 39.63
C LYS B 187 -20.70 -52.65 38.49
N VAL B 188 -21.66 -53.31 37.83
CA VAL B 188 -22.62 -52.66 36.88
C VAL B 188 -24.01 -53.25 37.12
N LEU B 189 -24.86 -52.52 37.86
CA LEU B 189 -26.29 -52.88 38.03
C LEU B 189 -27.01 -52.55 36.73
N PRO B 190 -27.73 -53.51 36.06
CA PRO B 190 -28.36 -53.25 34.76
C PRO B 190 -29.29 -52.03 34.68
N ASN B 191 -29.95 -51.67 35.78
CA ASN B 191 -30.94 -50.55 35.81
C ASN B 191 -30.25 -49.23 36.17
N SER B 192 -28.91 -49.13 36.19
CA SER B 192 -28.18 -47.92 36.64
C SER B 192 -28.68 -46.66 35.91
N LYS B 193 -28.76 -46.66 34.57
CA LYS B 193 -29.22 -45.48 33.79
C LYS B 193 -30.73 -45.23 34.04
N ASP B 194 -31.53 -46.28 34.21
CA ASP B 194 -33.00 -46.19 34.43
C ASP B 194 -33.29 -45.49 35.77
N LEU B 195 -32.56 -45.84 36.84
CA LEU B 195 -32.68 -45.18 38.16
C LEU B 195 -32.45 -43.68 38.01
N VAL B 196 -31.42 -43.29 37.26
CA VAL B 196 -31.03 -41.87 37.03
C VAL B 196 -32.16 -41.17 36.25
N VAL B 197 -32.57 -41.72 35.12
CA VAL B 197 -33.55 -41.06 34.21
C VAL B 197 -34.88 -40.93 34.96
N ASN B 198 -35.35 -41.99 35.62
CA ASN B 198 -36.66 -42.00 36.34
C ASN B 198 -36.62 -40.98 37.48
N PHE B 199 -35.55 -40.94 38.28
CA PHE B 199 -35.44 -39.94 39.38
C PHE B 199 -35.48 -38.52 38.83
N ASN B 200 -34.66 -38.21 37.81
CA ASN B 200 -34.52 -36.85 37.25
C ASN B 200 -35.86 -36.40 36.62
N ARG B 201 -36.56 -37.32 35.97
CA ARG B 201 -37.89 -37.08 35.32
C ARG B 201 -38.97 -36.81 36.38
N ARG B 202 -38.89 -37.50 37.54
CA ARG B 202 -39.94 -37.48 38.60
C ARG B 202 -39.53 -36.56 39.77
N THR B 203 -38.75 -35.51 39.52
CA THR B 203 -38.20 -34.60 40.57
C THR B 203 -38.42 -33.13 40.18
N GLU B 204 -38.60 -32.27 41.18
CA GLU B 204 -39.01 -30.84 41.02
C GLU B 204 -38.24 -29.96 42.00
N PRO B 205 -38.02 -28.66 41.67
CA PRO B 205 -37.26 -27.76 42.55
C PRO B 205 -37.98 -27.27 43.82
N GLU B 206 -37.19 -26.89 44.81
CA GLU B 206 -37.64 -26.25 46.07
C GLU B 206 -37.23 -24.78 46.06
N ILE B 207 -38.19 -23.87 46.23
CA ILE B 207 -37.91 -22.40 46.33
C ILE B 207 -37.47 -22.09 47.77
N ILE B 208 -36.35 -21.39 47.91
CA ILE B 208 -35.72 -21.08 49.22
C ILE B 208 -35.93 -19.59 49.55
N SER B 209 -36.42 -19.31 50.77
CA SER B 209 -36.64 -17.95 51.31
C SER B 209 -35.32 -17.15 51.33
N GLN B 210 -35.39 -15.87 50.99
CA GLN B 210 -34.22 -15.00 50.63
C GLN B 210 -33.14 -15.03 51.73
N HIS B 211 -33.51 -15.08 53.01
CA HIS B 211 -32.58 -15.06 54.16
C HIS B 211 -32.18 -16.49 54.59
N ASN B 212 -32.98 -17.50 54.26
CA ASN B 212 -32.70 -18.92 54.61
C ASN B 212 -31.67 -19.52 53.64
N ASP B 213 -31.49 -18.92 52.46
CA ASP B 213 -30.37 -19.21 51.52
C ASP B 213 -29.04 -19.01 52.24
N PRO B 214 -28.12 -20.01 52.25
CA PRO B 214 -26.80 -19.82 52.89
C PRO B 214 -25.87 -18.80 52.19
N LEU B 215 -26.16 -18.42 50.93
CA LEU B 215 -25.27 -17.52 50.13
C LEU B 215 -26.10 -16.50 49.34
N GLN B 216 -26.32 -15.32 49.93
CA GLN B 216 -26.94 -14.16 49.23
C GLN B 216 -25.98 -13.70 48.14
N VAL B 217 -26.45 -13.68 46.89
CA VAL B 217 -25.64 -13.29 45.70
C VAL B 217 -25.46 -11.76 45.66
N GLU B 218 -24.26 -11.32 45.28
CA GLU B 218 -23.97 -9.91 44.95
C GLU B 218 -23.79 -9.77 43.44
N TRP B 219 -24.70 -9.05 42.78
CA TRP B 219 -24.58 -8.66 41.35
C TRP B 219 -23.78 -7.36 41.22
N THR B 220 -23.09 -7.19 40.09
CA THR B 220 -22.27 -5.99 39.81
C THR B 220 -23.19 -4.77 39.69
N ASN B 221 -22.91 -3.72 40.44
CA ASN B 221 -23.68 -2.45 40.36
C ASN B 221 -23.18 -1.65 39.16
N VAL B 222 -23.81 -1.83 37.98
CA VAL B 222 -23.35 -1.18 36.72
C VAL B 222 -23.50 0.34 36.77
N ASN B 223 -24.30 0.86 37.70
CA ASN B 223 -24.58 2.31 37.82
C ASN B 223 -23.39 3.04 38.48
N LYS B 224 -22.55 2.33 39.24
CA LYS B 224 -21.47 2.89 40.10
C LYS B 224 -20.37 3.51 39.23
N ALA B 225 -19.94 4.73 39.58
CA ALA B 225 -18.82 5.45 38.92
C ALA B 225 -17.49 4.71 39.18
N PRO B 226 -16.65 4.48 38.14
CA PRO B 226 -15.34 3.83 38.33
C PRO B 226 -14.31 4.74 39.01
N GLU B 227 -13.26 4.14 39.58
CA GLU B 227 -12.24 4.87 40.40
C GLU B 227 -10.80 4.52 39.96
N ASP B 228 -10.61 4.00 38.74
CA ASP B 228 -9.30 3.48 38.25
C ASP B 228 -8.65 4.48 37.26
N GLY B 229 -8.90 5.78 37.41
CA GLY B 229 -8.31 6.83 36.54
C GLY B 229 -8.90 6.86 35.13
N THR B 230 -10.13 6.36 34.97
CA THR B 230 -10.87 6.29 33.67
C THR B 230 -12.39 6.42 33.94
N THR B 231 -13.17 6.74 32.90
CA THR B 231 -14.57 7.26 33.04
C THR B 231 -15.63 6.32 32.43
N GLN B 232 -15.33 5.58 31.35
CA GLN B 232 -16.32 4.71 30.65
C GLN B 232 -16.78 3.59 31.60
N LYS B 233 -18.10 3.38 31.76
CA LYS B 233 -18.63 2.28 32.63
C LYS B 233 -18.58 0.96 31.86
N VAL B 234 -17.37 0.40 31.77
CA VAL B 234 -17.08 -0.98 31.28
C VAL B 234 -16.50 -1.84 32.42
N PHE B 235 -16.77 -3.14 32.37
CA PHE B 235 -16.40 -4.13 33.41
C PHE B 235 -15.56 -5.24 32.77
N ILE B 236 -14.56 -5.75 33.46
CA ILE B 236 -13.73 -6.88 32.95
C ILE B 236 -13.74 -8.04 33.94
N GLY B 237 -13.44 -9.22 33.45
CA GLY B 237 -13.26 -10.38 34.32
C GLY B 237 -14.51 -10.77 35.09
N GLN B 238 -14.31 -11.08 36.37
CA GLN B 238 -15.36 -11.66 37.24
C GLN B 238 -16.49 -10.65 37.41
N GLN B 239 -16.19 -9.36 37.50
CA GLN B 239 -17.25 -8.32 37.63
C GLN B 239 -18.22 -8.39 36.46
N ALA B 240 -17.73 -8.64 35.25
CA ALA B 240 -18.56 -8.63 34.02
C ALA B 240 -19.47 -9.87 34.01
N LEU B 241 -18.96 -11.04 34.36
CA LEU B 241 -19.75 -12.28 34.41
C LEU B 241 -20.88 -12.12 35.44
N ARG B 242 -20.72 -11.30 36.48
CA ARG B 242 -21.73 -11.17 37.56
C ARG B 242 -22.59 -9.95 37.32
N ILE B 243 -22.66 -9.45 36.09
CA ILE B 243 -23.70 -8.44 35.73
C ILE B 243 -24.99 -9.23 35.55
N ALA B 244 -26.07 -8.75 36.16
CA ALA B 244 -27.43 -9.33 36.02
C ALA B 244 -27.85 -9.25 34.55
N GLU B 245 -28.51 -10.30 34.04
CA GLU B 245 -29.02 -10.30 32.63
C GLU B 245 -29.99 -9.13 32.38
N ASP B 246 -30.63 -8.56 33.41
CA ASP B 246 -31.68 -7.51 33.28
C ASP B 246 -31.29 -6.20 33.97
N SER B 247 -30.01 -5.83 33.98
CA SER B 247 -29.51 -4.52 34.50
C SER B 247 -30.17 -3.31 33.78
N SER B 248 -30.29 -2.16 34.45
CA SER B 248 -31.10 -1.01 33.97
C SER B 248 -30.55 -0.45 32.66
N PRO B 249 -29.27 -0.02 32.57
CA PRO B 249 -28.56 0.02 31.29
C PRO B 249 -28.21 -1.44 30.94
N LYS B 250 -28.32 -1.81 29.67
CA LYS B 250 -28.21 -3.22 29.23
C LYS B 250 -26.82 -3.51 28.67
N TYR B 251 -26.21 -4.62 29.11
CA TYR B 251 -24.78 -4.94 28.85
C TYR B 251 -24.66 -6.17 27.99
N LYS B 252 -23.72 -6.16 27.04
CA LYS B 252 -23.28 -7.40 26.32
C LYS B 252 -21.88 -7.76 26.75
N LEU B 253 -21.59 -9.07 26.84
CA LEU B 253 -20.20 -9.53 27.10
C LEU B 253 -19.51 -9.92 25.82
N TRP B 254 -18.29 -9.41 25.64
CA TRP B 254 -17.43 -9.68 24.45
C TRP B 254 -16.19 -10.49 24.85
N TRP B 255 -15.98 -11.66 24.27
CA TRP B 255 -14.75 -12.48 24.45
C TRP B 255 -13.84 -12.27 23.24
N PRO B 256 -12.85 -11.38 23.25
CA PRO B 256 -12.03 -11.15 22.06
C PRO B 256 -11.19 -12.32 21.52
N ILE B 257 -10.98 -13.39 22.28
CA ILE B 257 -10.26 -14.61 21.81
C ILE B 257 -11.13 -15.85 22.03
N GLN B 258 -11.25 -16.73 21.05
CA GLN B 258 -12.04 -17.99 21.12
C GLN B 258 -11.41 -19.03 20.21
N HIS B 259 -11.46 -20.28 20.58
CA HIS B 259 -10.73 -21.44 19.97
C HIS B 259 -9.23 -21.17 19.85
N GLY B 260 -8.73 -20.18 20.59
CA GLY B 260 -7.31 -19.83 20.69
C GLY B 260 -6.85 -18.91 19.61
N TRP B 261 -7.78 -18.25 18.93
CA TRP B 261 -7.47 -17.22 17.91
C TRP B 261 -8.46 -16.07 18.04
N LEU B 262 -8.14 -14.92 17.46
CA LEU B 262 -8.98 -13.70 17.53
C LEU B 262 -10.40 -14.03 17.10
N ASN B 263 -11.38 -13.63 17.90
CA ASN B 263 -12.78 -14.07 17.81
C ASN B 263 -13.47 -13.19 16.79
N GLU B 264 -13.11 -13.36 15.51
CA GLU B 264 -13.63 -12.51 14.41
C GLU B 264 -15.12 -12.75 14.22
N ASP B 265 -15.62 -13.96 14.49
CA ASP B 265 -17.05 -14.29 14.29
C ASP B 265 -17.96 -13.27 14.98
N ASP B 266 -17.67 -12.91 16.23
CA ASP B 266 -18.63 -12.14 17.06
C ASP B 266 -18.53 -10.64 16.78
N TYR B 267 -17.43 -10.18 16.18
CA TYR B 267 -17.20 -8.76 15.90
C TYR B 267 -17.61 -8.33 14.50
N PRO B 268 -18.15 -7.11 14.31
CA PRO B 268 -18.55 -6.66 12.98
C PRO B 268 -17.39 -6.11 12.14
N THR B 269 -16.35 -5.58 12.78
CA THR B 269 -15.19 -4.92 12.13
C THR B 269 -13.84 -5.20 12.85
N ARG B 270 -12.74 -5.11 12.14
CA ARG B 270 -11.36 -5.24 12.64
C ARG B 270 -11.07 -4.13 13.65
N ALA B 271 -11.66 -2.94 13.47
CA ALA B 271 -11.44 -1.77 14.35
C ALA B 271 -12.03 -2.06 15.73
N HIS B 272 -13.21 -2.67 15.75
CA HIS B 272 -13.95 -2.98 16.99
C HIS B 272 -13.21 -4.08 17.78
N LEU B 273 -12.79 -5.12 17.12
CA LEU B 273 -12.03 -6.23 17.74
C LEU B 273 -10.74 -5.68 18.33
N PHE B 274 -9.96 -4.89 17.61
CA PHE B 274 -8.68 -4.33 18.11
C PHE B 274 -8.96 -3.36 19.27
N ASP B 275 -10.02 -2.54 19.20
CA ASP B 275 -10.39 -1.58 20.27
C ASP B 275 -10.75 -2.31 21.59
N ASP B 276 -11.24 -3.54 21.50
CA ASP B 276 -11.61 -4.36 22.69
C ASP B 276 -10.46 -5.16 23.30
N LEU B 277 -9.61 -5.79 22.51
CA LEU B 277 -8.41 -6.42 23.11
C LEU B 277 -7.56 -5.30 23.75
N GLU B 278 -7.56 -4.08 23.19
CA GLU B 278 -6.83 -2.93 23.80
C GLU B 278 -7.52 -2.57 25.11
N MET B 279 -8.84 -2.39 25.10
CA MET B 279 -9.60 -1.96 26.30
C MET B 279 -9.48 -2.98 27.45
N LEU B 280 -9.56 -4.27 27.15
CA LEU B 280 -9.45 -5.34 28.16
C LEU B 280 -8.08 -5.26 28.85
N LEU B 281 -7.00 -5.19 28.10
CA LEU B 281 -5.64 -5.22 28.68
C LEU B 281 -5.38 -3.87 29.38
N ASP B 282 -5.90 -2.77 28.89
CA ASP B 282 -5.79 -1.44 29.57
C ASP B 282 -6.39 -1.56 30.97
N ARG B 283 -7.63 -2.03 31.07
CA ARG B 283 -8.32 -2.23 32.36
C ARG B 283 -7.63 -3.31 33.20
N ALA B 284 -7.11 -4.38 32.65
CA ALA B 284 -6.36 -5.38 33.45
C ALA B 284 -5.15 -4.68 34.09
N LEU B 285 -4.36 -3.87 33.39
CA LEU B 285 -3.20 -3.18 34.03
C LEU B 285 -3.71 -2.24 35.13
N ARG B 286 -4.76 -1.44 34.89
CA ARG B 286 -5.33 -0.50 35.88
C ARG B 286 -5.93 -1.23 37.11
N ARG B 287 -6.62 -2.33 36.92
CA ARG B 287 -7.51 -2.98 37.93
C ARG B 287 -6.86 -4.20 38.55
N GLU B 288 -6.08 -5.00 37.84
CA GLU B 288 -5.42 -6.20 38.44
C GLU B 288 -4.05 -5.81 38.97
N LEU B 289 -3.26 -5.07 38.21
CA LEU B 289 -1.89 -4.68 38.63
C LEU B 289 -1.88 -3.34 39.39
N GLY B 290 -2.99 -2.60 39.44
CA GLY B 290 -3.05 -1.30 40.16
C GLY B 290 -2.17 -0.20 39.57
N LEU B 291 -1.86 -0.29 38.27
CA LEU B 291 -1.08 0.75 37.54
C LEU B 291 -2.05 1.84 37.10
N THR B 292 -2.59 2.59 38.05
CA THR B 292 -3.67 3.59 37.83
C THR B 292 -3.18 4.77 36.99
N LYS B 293 -1.94 5.25 37.13
CA LYS B 293 -1.46 6.45 36.39
C LYS B 293 -0.84 6.05 35.04
N LYS B 294 -1.53 6.28 33.92
CA LYS B 294 -1.06 5.83 32.58
C LYS B 294 0.26 6.50 32.18
N ALA B 295 0.48 7.76 32.55
CA ALA B 295 1.69 8.52 32.18
C ALA B 295 2.95 7.77 32.65
N ASP B 296 2.83 6.95 33.71
CA ASP B 296 3.98 6.25 34.32
C ASP B 296 4.25 4.91 33.63
N TRP B 297 3.36 4.42 32.75
CA TRP B 297 3.48 3.08 32.13
C TRP B 297 4.73 2.97 31.26
N LYS B 298 5.28 4.08 30.76
CA LYS B 298 6.45 4.04 29.86
C LYS B 298 7.65 3.37 30.53
N GLN B 299 7.70 3.27 31.85
CA GLN B 299 8.87 2.70 32.55
C GLN B 299 8.80 1.18 32.63
N TYR B 300 7.66 0.57 32.28
CA TYR B 300 7.49 -0.91 32.35
C TYR B 300 7.86 -1.60 31.03
N SER B 301 8.44 -2.78 31.10
CA SER B 301 8.57 -3.73 29.97
C SER B 301 7.51 -4.85 30.05
N CYS B 302 7.41 -5.67 29.03
CA CYS B 302 6.33 -6.68 28.89
C CYS B 302 6.84 -7.99 28.27
N VAL B 303 6.47 -9.10 28.86
CA VAL B 303 6.68 -10.43 28.25
C VAL B 303 5.32 -11.01 27.89
N ILE B 304 5.18 -11.41 26.64
CA ILE B 304 3.87 -11.90 26.17
C ILE B 304 4.06 -13.35 25.78
N VAL B 305 3.15 -14.18 26.26
CA VAL B 305 3.17 -15.60 25.86
C VAL B 305 2.28 -15.77 24.64
N ILE B 306 2.77 -16.44 23.60
CA ILE B 306 1.98 -16.70 22.35
C ILE B 306 1.88 -18.21 22.12
N PRO B 307 0.89 -18.67 21.33
CA PRO B 307 0.83 -20.07 20.93
C PRO B 307 1.99 -20.57 20.08
N ASP B 308 2.31 -21.85 20.12
CA ASP B 308 3.42 -22.43 19.30
C ASP B 308 3.08 -22.39 17.77
N LEU B 309 1.83 -22.63 17.37
CA LEU B 309 1.33 -22.25 16.02
C LEU B 309 0.59 -20.92 16.14
N TYR B 310 1.37 -19.86 16.16
CA TYR B 310 0.83 -18.48 16.22
C TYR B 310 0.29 -18.11 14.84
N ASP B 311 -0.59 -17.12 14.83
CA ASP B 311 -0.93 -16.27 13.68
C ASP B 311 -0.05 -15.02 13.73
N LYS B 312 0.74 -14.75 12.68
CA LYS B 312 1.62 -13.56 12.67
C LYS B 312 0.80 -12.26 12.85
N ARG B 313 -0.45 -12.20 12.40
CA ARG B 313 -1.29 -10.98 12.60
C ARG B 313 -1.58 -10.74 14.08
N TYR B 314 -1.76 -11.79 14.88
CA TYR B 314 -2.04 -11.67 16.33
C TYR B 314 -0.77 -11.22 17.05
N VAL B 315 0.38 -11.85 16.78
CA VAL B 315 1.68 -11.35 17.32
C VAL B 315 1.90 -9.86 17.01
N GLU B 316 1.59 -9.43 15.81
CA GLU B 316 1.87 -8.05 15.36
C GLU B 316 0.82 -7.10 15.93
N LEU B 317 -0.39 -7.58 16.24
CA LEU B 317 -1.42 -6.77 16.98
C LEU B 317 -0.93 -6.54 18.41
N LEU B 318 -0.44 -7.59 19.06
CA LEU B 318 0.00 -7.51 20.47
C LEU B 318 1.17 -6.55 20.61
N LEU B 319 2.13 -6.62 19.70
CA LEU B 319 3.33 -5.72 19.74
C LEU B 319 2.87 -4.30 19.47
N HIS B 320 1.92 -4.10 18.58
CA HIS B 320 1.38 -2.74 18.33
C HIS B 320 0.61 -2.18 19.56
N LEU B 321 -0.24 -2.96 20.24
CA LEU B 321 -0.92 -2.51 21.51
C LEU B 321 0.14 -2.00 22.50
N CYS B 322 1.14 -2.84 22.78
CA CYS B 322 2.12 -2.57 23.84
C CYS B 322 2.92 -1.28 23.57
N ILE B 323 3.33 -1.06 22.34
CA ILE B 323 4.28 0.04 22.02
C ILE B 323 3.52 1.28 21.54
N GLU B 324 2.39 1.18 20.87
CA GLU B 324 1.69 2.40 20.40
C GLU B 324 0.64 2.88 21.40
N PHE B 325 -0.14 2.00 22.01
CA PHE B 325 -1.27 2.41 22.90
C PHE B 325 -0.79 2.54 24.35
N PHE B 326 0.04 1.62 24.82
CA PHE B 326 0.51 1.59 26.22
C PHE B 326 1.87 2.28 26.37
N ASP B 327 2.65 2.36 25.30
CA ASP B 327 3.96 3.05 25.27
C ASP B 327 4.99 2.34 26.18
N LEU B 328 4.92 1.04 26.33
CA LEU B 328 5.89 0.30 27.17
C LEU B 328 7.30 0.40 26.58
N SER B 329 8.32 0.19 27.39
CA SER B 329 9.74 0.36 27.02
C SER B 329 10.25 -0.75 26.08
N ARG B 330 9.73 -1.95 26.23
CA ARG B 330 10.23 -3.14 25.49
C ARG B 330 9.16 -4.25 25.54
N VAL B 331 9.16 -5.12 24.58
CA VAL B 331 8.30 -6.32 24.56
C VAL B 331 9.20 -7.51 24.15
N ALA B 332 8.96 -8.67 24.73
CA ALA B 332 9.55 -9.94 24.36
C ALA B 332 8.47 -11.02 24.25
N PHE B 333 8.69 -12.02 23.41
CA PHE B 333 7.71 -13.08 23.09
C PHE B 333 8.34 -14.41 23.42
N ILE B 334 7.54 -15.30 23.98
CA ILE B 334 7.95 -16.70 24.23
C ILE B 334 6.75 -17.59 23.89
N GLN B 335 7.00 -18.72 23.28
CA GLN B 335 5.92 -19.67 22.92
C GLN B 335 5.48 -20.50 24.14
N GLU B 336 4.20 -20.86 24.22
CA GLU B 336 3.58 -21.63 25.34
C GLU B 336 4.45 -22.84 25.70
N SER B 337 4.81 -23.70 24.77
CA SER B 337 5.59 -24.91 25.07
C SER B 337 6.98 -24.58 25.61
N MET B 338 7.59 -23.49 25.14
CA MET B 338 8.94 -23.12 25.59
C MET B 338 8.80 -22.69 27.05
N ALA B 339 7.89 -21.78 27.30
CA ALA B 339 7.58 -21.25 28.65
C ALA B 339 7.22 -22.43 29.61
N ALA B 340 6.40 -23.39 29.22
CA ALA B 340 6.12 -24.59 30.04
C ALA B 340 7.42 -25.31 30.48
N THR B 341 8.36 -25.58 29.59
CA THR B 341 9.60 -26.29 29.98
C THR B 341 10.40 -25.35 30.88
N PHE B 342 10.38 -24.06 30.66
CA PHE B 342 11.17 -23.12 31.50
C PHE B 342 10.58 -23.03 32.90
N GLY B 343 9.27 -23.26 33.04
CA GLY B 343 8.58 -23.36 34.34
C GLY B 343 9.08 -24.57 35.11
N ALA B 344 9.15 -25.69 34.43
CA ALA B 344 9.60 -26.98 34.99
C ALA B 344 11.09 -26.92 35.30
N GLY B 345 11.91 -26.34 34.42
CA GLY B 345 13.36 -26.56 34.40
C GLY B 345 13.73 -27.84 33.64
N TYR B 346 13.13 -28.05 32.47
CA TYR B 346 13.39 -29.21 31.58
C TYR B 346 14.13 -28.74 30.33
N THR B 347 15.16 -29.48 29.94
CA THR B 347 15.92 -29.22 28.69
C THR B 347 15.17 -29.78 27.48
N GLN B 348 14.31 -30.80 27.65
CA GLN B 348 13.76 -31.63 26.54
C GLN B 348 12.46 -32.30 26.97
N ALA B 349 11.36 -32.01 26.30
CA ALA B 349 10.01 -32.38 26.78
C ALA B 349 8.99 -32.34 25.66
N CYS B 350 7.97 -33.20 25.80
CA CYS B 350 6.78 -33.15 24.94
C CYS B 350 5.65 -32.48 25.74
N VAL B 351 5.24 -31.29 25.38
CA VAL B 351 4.34 -30.46 26.21
C VAL B 351 2.94 -30.58 25.62
N VAL B 352 1.99 -30.99 26.43
CA VAL B 352 0.57 -31.05 26.08
C VAL B 352 -0.13 -29.99 26.93
N ASP B 353 -0.85 -29.08 26.30
CA ASP B 353 -1.47 -27.92 26.98
C ASP B 353 -2.95 -27.97 26.65
N VAL B 354 -3.77 -28.31 27.63
CA VAL B 354 -5.21 -28.58 27.44
C VAL B 354 -5.92 -27.39 28.06
N GLY B 355 -6.72 -26.71 27.30
CA GLY B 355 -7.25 -25.43 27.79
C GLY B 355 -8.71 -25.42 27.71
N ALA B 356 -9.32 -24.24 27.75
CA ALA B 356 -10.78 -24.11 27.59
C ALA B 356 -11.13 -24.52 26.19
N GLN B 357 -10.44 -23.93 25.20
CA GLN B 357 -10.92 -24.00 23.80
C GLN B 357 -9.91 -24.51 22.79
N LYS B 358 -8.80 -24.94 23.25
CA LYS B 358 -7.70 -25.37 22.37
C LYS B 358 -6.91 -26.39 23.17
N THR B 359 -6.37 -27.37 22.50
CA THR B 359 -5.35 -28.27 23.06
C THR B 359 -4.16 -28.15 22.12
N SER B 360 -2.98 -27.93 22.63
CA SER B 360 -1.77 -27.97 21.78
C SER B 360 -0.70 -28.98 22.26
N ILE B 361 -0.11 -29.72 21.34
CA ILE B 361 1.07 -30.58 21.59
C ILE B 361 2.29 -30.00 20.86
N SER B 362 3.42 -29.87 21.52
CA SER B 362 4.72 -29.57 20.89
C SER B 362 5.87 -30.29 21.58
N CYS B 363 6.84 -30.78 20.83
CA CYS B 363 8.14 -31.20 21.42
C CYS B 363 9.08 -30.00 21.47
N VAL B 364 9.93 -29.96 22.47
CA VAL B 364 10.92 -28.87 22.67
C VAL B 364 12.27 -29.54 22.97
N GLU B 365 13.34 -28.95 22.45
CA GLU B 365 14.71 -29.46 22.59
C GLU B 365 15.72 -28.32 22.31
N ASP B 366 16.83 -28.31 23.03
CA ASP B 366 17.97 -27.39 22.80
C ASP B 366 17.50 -25.93 22.68
N GLY B 367 16.47 -25.53 23.41
CA GLY B 367 16.05 -24.10 23.44
C GLY B 367 15.04 -23.72 22.35
N LEU B 368 14.63 -24.66 21.51
CA LEU B 368 13.72 -24.38 20.39
C LEU B 368 12.55 -25.36 20.44
N VAL B 369 11.36 -24.84 20.16
CA VAL B 369 10.20 -25.73 19.86
C VAL B 369 10.54 -26.44 18.56
N ILE B 370 10.43 -27.75 18.50
CA ILE B 370 10.72 -28.50 17.25
C ILE B 370 9.59 -28.16 16.30
N GLU B 371 9.94 -27.42 15.26
CA GLU B 371 9.03 -26.64 14.41
C GLU B 371 8.04 -27.59 13.74
N ASP B 372 8.44 -28.80 13.34
CA ASP B 372 7.51 -29.76 12.65
C ASP B 372 6.55 -30.46 13.58
N SER B 373 6.80 -30.47 14.88
CA SER B 373 6.08 -31.29 15.87
C SER B 373 4.79 -30.58 16.27
N ARG B 374 4.62 -29.31 15.95
CA ARG B 374 3.50 -28.51 16.51
C ARG B 374 2.15 -29.02 15.99
N VAL B 375 1.27 -29.42 16.89
CA VAL B 375 -0.15 -29.75 16.63
C VAL B 375 -1.05 -28.85 17.48
N ASN B 376 -2.21 -28.52 16.96
CA ASN B 376 -3.11 -27.54 17.60
C ASN B 376 -4.55 -27.89 17.27
N LEU B 377 -5.27 -28.45 18.26
CA LEU B 377 -6.64 -29.02 18.13
C LEU B 377 -7.69 -28.09 18.72
N LYS B 378 -8.78 -27.86 18.01
CA LYS B 378 -9.82 -26.91 18.45
C LYS B 378 -10.86 -27.62 19.33
N TYR B 379 -10.42 -28.26 20.42
CA TYR B 379 -11.29 -28.60 21.58
C TYR B 379 -10.53 -28.42 22.89
N GLY B 380 -11.29 -28.23 23.97
CA GLY B 380 -10.74 -28.23 25.34
C GLY B 380 -11.75 -28.56 26.41
N GLY B 381 -11.52 -28.03 27.59
CA GLY B 381 -12.38 -28.25 28.75
C GLY B 381 -13.72 -27.62 28.57
N TYR B 382 -13.91 -26.65 27.67
CA TYR B 382 -15.25 -26.05 27.45
C TYR B 382 -16.17 -27.04 26.75
N ASP B 383 -15.61 -27.81 25.82
CA ASP B 383 -16.35 -28.91 25.15
C ASP B 383 -16.85 -29.89 26.19
N VAL B 384 -16.01 -30.23 27.17
CA VAL B 384 -16.38 -31.16 28.26
C VAL B 384 -17.56 -30.58 29.05
N THR B 385 -17.56 -29.31 29.37
CA THR B 385 -18.72 -28.66 30.05
C THR B 385 -19.98 -28.84 29.18
N GLU B 386 -19.98 -28.40 27.90
CA GLU B 386 -21.18 -28.51 27.03
C GLU B 386 -21.62 -29.98 26.86
N THR B 387 -20.69 -30.91 26.69
CA THR B 387 -21.00 -32.33 26.43
C THR B 387 -21.61 -32.94 27.68
N PHE B 388 -21.07 -32.62 28.86
CA PHE B 388 -21.63 -33.04 30.16
C PHE B 388 -23.07 -32.54 30.26
N ILE B 389 -23.30 -31.25 30.07
CA ILE B 389 -24.66 -30.66 30.15
C ILE B 389 -25.59 -31.32 29.12
N LYS B 390 -25.14 -31.59 27.90
CA LYS B 390 -26.00 -32.23 26.86
C LYS B 390 -26.34 -33.69 27.24
N MET B 391 -25.36 -34.47 27.72
CA MET B 391 -25.55 -35.87 28.17
C MET B 391 -26.53 -35.94 29.35
N MET B 392 -26.41 -35.02 30.27
CA MET B 392 -27.33 -34.95 31.41
C MET B 392 -28.72 -34.52 30.94
N LEU B 393 -28.83 -33.53 30.05
CA LEU B 393 -30.15 -33.09 29.51
C LEU B 393 -30.84 -34.26 28.83
N TYR B 394 -30.10 -35.06 28.07
CA TYR B 394 -30.67 -36.26 27.41
C TYR B 394 -31.22 -37.20 28.49
N ASP B 395 -30.50 -37.36 29.59
CA ASP B 395 -30.88 -38.20 30.77
C ASP B 395 -31.85 -37.42 31.70
N ASN B 396 -32.72 -36.58 31.13
CA ASN B 396 -33.85 -35.89 31.79
C ASN B 396 -33.40 -34.99 32.97
N PHE B 397 -32.18 -34.46 32.95
CA PHE B 397 -31.67 -33.50 33.97
C PHE B 397 -32.69 -32.40 34.25
N PRO B 398 -33.01 -32.09 35.53
CA PRO B 398 -34.22 -31.34 35.88
C PRO B 398 -34.42 -29.98 35.19
N TYR B 399 -33.36 -29.17 35.12
CA TYR B 399 -33.35 -27.75 34.66
C TYR B 399 -33.24 -27.74 33.13
N GLN B 400 -34.27 -28.24 32.44
CA GLN B 400 -34.25 -28.41 30.97
C GLN B 400 -34.05 -27.06 30.28
N ASP B 401 -34.45 -25.97 30.92
CA ASP B 401 -34.39 -24.60 30.33
C ASP B 401 -32.96 -24.03 30.38
N ILE B 402 -31.96 -24.75 30.86
CA ILE B 402 -30.56 -24.24 30.95
C ILE B 402 -30.05 -23.81 29.57
N ASN B 403 -29.28 -22.72 29.55
CA ASN B 403 -28.74 -22.11 28.32
C ASN B 403 -27.38 -21.50 28.64
N LEU B 404 -26.30 -22.14 28.17
CA LEU B 404 -24.91 -21.73 28.53
C LEU B 404 -24.50 -20.40 27.88
N ARG B 405 -25.38 -19.73 27.12
CA ARG B 405 -25.13 -18.34 26.66
C ARG B 405 -25.59 -17.33 27.68
N ARG B 406 -26.15 -17.77 28.81
CA ARG B 406 -26.78 -16.92 29.85
C ARG B 406 -25.88 -16.99 31.08
N ARG B 407 -25.49 -15.85 31.67
CA ARG B 407 -24.22 -15.83 32.44
C ARG B 407 -24.27 -16.74 33.68
N HIS B 408 -25.41 -16.75 34.39
CA HIS B 408 -25.56 -17.59 35.61
C HIS B 408 -25.54 -19.07 35.25
N ASP B 409 -26.10 -19.45 34.09
CA ASP B 409 -26.06 -20.87 33.61
C ASP B 409 -24.64 -21.30 33.25
N PHE B 410 -23.83 -20.36 32.72
CA PHE B 410 -22.43 -20.65 32.34
C PHE B 410 -21.64 -20.93 33.61
N LEU B 411 -21.78 -20.05 34.60
CA LEU B 411 -21.09 -20.25 35.90
C LEU B 411 -21.58 -21.55 36.57
N LEU B 412 -22.86 -21.83 36.56
CA LEU B 412 -23.40 -23.09 37.09
C LEU B 412 -22.76 -24.29 36.36
N ALA B 413 -22.74 -24.31 35.02
CA ALA B 413 -22.20 -25.46 34.25
C ALA B 413 -20.70 -25.65 34.52
N GLU B 414 -19.89 -24.57 34.59
CA GLU B 414 -18.47 -24.66 34.98
C GLU B 414 -18.33 -25.27 36.39
N GLU B 415 -19.12 -24.83 37.36
CA GLU B 415 -19.11 -25.33 38.75
C GLU B 415 -19.47 -26.83 38.78
N LEU B 416 -20.58 -27.24 38.16
CA LEU B 416 -20.99 -28.66 38.07
C LEU B 416 -19.83 -29.49 37.50
N LYS B 417 -19.22 -29.03 36.41
CA LYS B 417 -18.18 -29.80 35.70
C LYS B 417 -16.96 -29.96 36.63
N MET B 418 -16.54 -28.91 37.33
CA MET B 418 -15.38 -28.97 38.25
C MET B 418 -15.62 -29.91 39.43
N LYS B 419 -16.86 -30.02 39.93
CA LYS B 419 -17.20 -30.94 41.05
C LYS B 419 -17.17 -32.40 40.61
N TYR B 420 -17.80 -32.78 39.49
CA TYR B 420 -18.18 -34.21 39.25
C TYR B 420 -17.40 -34.90 38.13
N CYS B 421 -17.06 -34.24 37.02
CA CYS B 421 -16.42 -34.92 35.85
C CYS B 421 -15.05 -35.48 36.25
N THR B 422 -14.76 -36.71 35.82
CA THR B 422 -13.66 -37.55 36.39
C THR B 422 -13.30 -38.68 35.39
N LEU B 423 -12.02 -38.96 35.20
CA LEU B 423 -11.56 -40.11 34.36
C LEU B 423 -11.10 -41.30 35.22
N SER B 424 -11.17 -41.26 36.56
CA SER B 424 -11.03 -42.46 37.42
C SER B 424 -12.29 -43.33 37.34
N GLN B 425 -12.24 -44.45 36.64
CA GLN B 425 -13.39 -45.34 36.35
C GLN B 425 -13.90 -46.01 37.62
N ALA B 426 -13.04 -46.26 38.62
CA ALA B 426 -13.40 -46.94 39.89
C ALA B 426 -14.36 -46.11 40.76
N ASN B 427 -14.52 -44.80 40.48
CA ASN B 427 -15.38 -43.87 41.26
C ASN B 427 -16.87 -44.02 40.91
N ILE B 428 -17.25 -44.92 40.00
CA ILE B 428 -18.52 -44.78 39.24
C ILE B 428 -19.64 -45.65 39.86
N SER B 429 -20.77 -45.02 40.13
CA SER B 429 -22.01 -45.62 40.68
C SER B 429 -23.15 -44.60 40.50
N VAL B 430 -24.41 -45.02 40.65
CA VAL B 430 -25.52 -44.03 40.63
C VAL B 430 -25.36 -43.10 41.84
N GLN B 431 -25.12 -41.81 41.60
CA GLN B 431 -24.85 -40.81 42.67
C GLN B 431 -25.88 -39.71 42.67
N ALA B 432 -26.22 -39.21 43.86
CA ALA B 432 -27.34 -38.27 44.10
C ALA B 432 -26.81 -37.00 44.75
N PHE B 433 -27.12 -35.85 44.16
CA PHE B 433 -26.57 -34.53 44.57
C PHE B 433 -27.58 -33.44 44.31
N ASP B 434 -27.21 -32.20 44.64
CA ASP B 434 -28.11 -31.05 44.47
C ASP B 434 -27.29 -29.79 44.16
N PHE B 435 -27.95 -28.83 43.52
CA PHE B 435 -27.38 -27.51 43.20
C PHE B 435 -28.45 -26.43 43.38
N HIS B 436 -28.00 -25.22 43.67
CA HIS B 436 -28.87 -24.03 43.81
C HIS B 436 -28.76 -23.19 42.54
N LEU B 437 -29.86 -23.06 41.82
CA LEU B 437 -29.99 -22.07 40.73
C LEU B 437 -30.29 -20.72 41.38
N ARG B 438 -29.31 -19.82 41.36
CA ARG B 438 -29.49 -18.40 41.76
C ARG B 438 -29.43 -17.54 40.51
N ALA B 439 -30.45 -16.70 40.33
CA ALA B 439 -30.78 -15.95 39.10
C ALA B 439 -31.26 -14.55 39.49
N PRO B 440 -30.99 -13.51 38.67
CA PRO B 440 -31.26 -12.14 39.09
C PRO B 440 -32.76 -11.88 39.24
N ASN B 441 -33.12 -11.20 40.34
CA ASN B 441 -34.51 -10.74 40.67
C ASN B 441 -35.50 -11.93 40.63
N GLN B 442 -35.07 -13.12 41.06
CA GLN B 442 -35.90 -14.36 41.07
C GLN B 442 -35.45 -15.26 42.23
N PRO B 443 -36.35 -15.88 43.02
CA PRO B 443 -35.93 -16.55 44.25
C PRO B 443 -35.14 -17.86 44.02
N THR B 444 -34.14 -18.12 44.87
CA THR B 444 -33.23 -19.29 44.78
C THR B 444 -34.02 -20.60 44.71
N ARG B 445 -33.71 -21.46 43.74
CA ARG B 445 -34.35 -22.79 43.57
C ARG B 445 -33.27 -23.86 43.79
N LYS B 446 -33.59 -24.87 44.58
CA LYS B 446 -32.70 -26.04 44.77
C LYS B 446 -33.21 -27.21 43.93
N TYR B 447 -32.31 -27.84 43.18
CA TYR B 447 -32.63 -29.05 42.39
C TYR B 447 -31.84 -30.25 42.94
N GLN B 448 -32.55 -31.32 43.29
CA GLN B 448 -31.92 -32.65 43.49
C GLN B 448 -31.82 -33.28 42.10
N PHE B 449 -30.74 -34.02 41.84
CA PHE B 449 -30.55 -34.78 40.58
C PHE B 449 -29.65 -35.99 40.82
N LYS B 450 -29.74 -36.97 39.93
CA LYS B 450 -28.87 -38.17 39.95
C LYS B 450 -28.10 -38.25 38.64
N PHE B 451 -26.92 -38.86 38.67
CA PHE B 451 -26.11 -39.14 37.47
C PHE B 451 -25.44 -40.49 37.60
N TYR B 452 -24.94 -41.06 36.51
CA TYR B 452 -24.26 -42.38 36.55
C TYR B 452 -22.94 -42.31 35.79
N ASP B 453 -22.93 -41.98 34.50
CA ASP B 453 -21.72 -42.13 33.64
C ASP B 453 -21.44 -40.88 32.79
N GLU B 454 -22.39 -39.96 32.74
CA GLU B 454 -22.24 -38.63 32.07
C GLU B 454 -20.93 -37.96 32.55
N VAL B 455 -20.55 -38.22 33.79
CA VAL B 455 -19.35 -37.63 34.46
C VAL B 455 -18.07 -38.19 33.85
N ILE B 456 -18.08 -39.39 33.26
CA ILE B 456 -16.84 -39.95 32.65
C ILE B 456 -16.91 -39.82 31.12
N LEU B 457 -18.08 -39.98 30.53
CA LEU B 457 -18.19 -40.03 29.06
C LEU B 457 -17.89 -38.65 28.51
N ALA B 458 -18.23 -37.55 29.20
CA ALA B 458 -17.93 -36.18 28.67
C ALA B 458 -16.41 -36.00 28.58
N PRO B 459 -15.60 -36.26 29.63
CA PRO B 459 -14.13 -36.33 29.49
C PRO B 459 -13.61 -37.30 28.41
N MET B 460 -14.16 -38.50 28.30
CA MET B 460 -13.66 -39.52 27.34
C MET B 460 -13.83 -39.02 25.89
N GLY B 461 -14.59 -37.94 25.66
CA GLY B 461 -14.64 -37.23 24.37
C GLY B 461 -13.25 -36.86 23.85
N PHE B 462 -12.26 -36.61 24.70
CA PHE B 462 -10.88 -36.32 24.22
C PHE B 462 -10.30 -37.51 23.42
N TYR B 463 -10.90 -38.70 23.45
CA TYR B 463 -10.42 -39.89 22.67
C TYR B 463 -11.46 -40.30 21.63
N ASP B 464 -12.59 -39.56 21.52
CA ASP B 464 -13.51 -39.64 20.33
C ASP B 464 -14.17 -38.28 20.12
N PRO B 465 -13.42 -37.26 19.62
CA PRO B 465 -13.87 -35.86 19.69
C PRO B 465 -14.99 -35.51 18.73
N SER B 466 -15.56 -36.52 18.07
CA SER B 466 -16.80 -36.41 17.28
C SER B 466 -17.99 -36.18 18.20
N ILE B 467 -17.93 -36.54 19.48
CA ILE B 467 -19.03 -36.35 20.48
C ILE B 467 -19.17 -34.86 20.83
N PHE B 468 -18.13 -34.03 20.62
CA PHE B 468 -18.17 -32.56 20.86
C PHE B 468 -18.87 -31.81 19.73
N ASP B 469 -19.49 -30.68 20.03
CA ASP B 469 -20.13 -29.84 18.97
C ASP B 469 -19.05 -29.03 18.26
N ASN B 470 -18.57 -29.55 17.14
CA ASN B 470 -17.54 -28.91 16.31
C ASN B 470 -18.17 -28.08 15.18
N SER B 471 -19.49 -27.87 15.16
CA SER B 471 -20.22 -27.50 13.90
C SER B 471 -19.94 -26.04 13.50
N THR B 472 -19.68 -25.15 14.46
CA THR B 472 -19.60 -23.68 14.20
C THR B 472 -18.19 -23.13 14.46
N LYS B 473 -17.21 -23.97 14.76
CA LYS B 473 -15.93 -23.47 15.31
C LYS B 473 -15.17 -22.66 14.25
N LEU B 474 -15.41 -23.01 13.00
CA LEU B 474 -14.66 -22.44 11.85
C LEU B 474 -15.45 -21.27 11.25
N ARG B 475 -16.64 -20.97 11.75
CA ARG B 475 -17.45 -19.84 11.22
C ARG B 475 -16.73 -18.52 11.50
N GLY B 476 -16.56 -17.68 10.48
CA GLY B 476 -15.88 -16.39 10.63
C GLY B 476 -14.36 -16.47 10.62
N ARG B 477 -13.73 -17.60 10.27
CA ARG B 477 -12.27 -17.83 10.51
C ARG B 477 -11.37 -16.78 9.86
N ARG B 478 -11.73 -16.16 8.72
CA ARG B 478 -10.91 -15.05 8.14
C ARG B 478 -11.83 -13.91 7.70
N LYS B 479 -12.92 -13.68 8.44
CA LYS B 479 -13.99 -12.72 8.09
C LYS B 479 -13.44 -11.29 8.11
N LEU B 480 -12.55 -10.95 9.04
CA LEU B 480 -12.07 -9.56 9.29
C LEU B 480 -10.56 -9.43 9.10
N ILE B 481 -9.82 -10.47 9.47
CA ILE B 481 -8.34 -10.44 9.52
C ILE B 481 -7.86 -11.50 8.54
N ASP B 482 -7.19 -11.11 7.45
CA ASP B 482 -6.66 -12.10 6.48
C ASP B 482 -5.41 -12.87 6.99
N ARG B 483 -5.15 -14.01 6.40
CA ARG B 483 -3.90 -14.81 6.47
C ARG B 483 -2.66 -13.90 6.36
N SER B 484 -1.57 -14.28 6.98
CA SER B 484 -0.31 -13.51 6.87
C SER B 484 0.36 -13.84 5.55
N TYR B 485 0.78 -12.82 4.81
CA TYR B 485 1.55 -12.94 3.54
C TYR B 485 2.84 -12.18 3.71
N ASN B 486 3.86 -12.65 2.99
CA ASN B 486 5.20 -12.02 2.98
C ASN B 486 5.07 -10.51 2.70
N ALA B 487 5.91 -9.70 3.34
CA ALA B 487 5.87 -8.21 3.26
C ALA B 487 6.07 -7.74 1.82
N TYR B 488 6.96 -8.43 1.09
CA TYR B 488 7.34 -8.11 -0.30
C TYR B 488 6.54 -8.98 -1.28
N ASP B 489 6.62 -10.29 -1.13
CA ASP B 489 5.97 -11.28 -2.05
C ASP B 489 4.53 -11.50 -1.59
N VAL B 490 3.64 -10.55 -1.86
CA VAL B 490 2.30 -10.43 -1.24
C VAL B 490 1.37 -11.57 -1.68
N ASP B 491 1.84 -12.51 -2.50
CA ASP B 491 1.07 -13.72 -2.88
C ASP B 491 1.38 -14.85 -1.94
N MET B 492 2.54 -14.89 -1.29
CA MET B 492 3.01 -16.09 -0.54
C MET B 492 2.67 -16.02 0.97
N PRO B 493 1.87 -16.99 1.49
CA PRO B 493 1.61 -17.10 2.91
C PRO B 493 2.85 -17.28 3.80
N ASP B 494 2.90 -16.49 4.89
CA ASP B 494 4.06 -16.31 5.80
C ASP B 494 3.73 -16.83 7.21
N ASP B 495 2.48 -17.27 7.46
CA ASP B 495 2.11 -17.93 8.75
C ASP B 495 2.86 -19.25 8.85
N PRO B 496 3.19 -19.70 10.09
CA PRO B 496 3.93 -20.94 10.31
C PRO B 496 3.13 -22.20 9.91
N THR B 497 3.87 -23.26 9.66
CA THR B 497 3.32 -24.57 9.28
C THR B 497 4.16 -25.68 9.93
N SER B 498 3.57 -26.85 10.05
CA SER B 498 4.25 -28.03 10.57
C SER B 498 3.77 -29.29 9.84
N SER B 499 4.69 -30.24 9.65
CA SER B 499 4.37 -31.57 9.06
C SER B 499 3.26 -32.24 9.86
N ALA B 500 3.34 -32.16 11.19
CA ALA B 500 2.40 -32.82 12.10
C ALA B 500 1.02 -32.19 11.91
N GLN B 501 0.85 -30.88 11.92
CA GLN B 501 -0.53 -30.31 11.78
C GLN B 501 -1.10 -30.68 10.41
N LEU B 502 -0.31 -30.68 9.31
CA LEU B 502 -0.80 -31.19 7.98
C LEU B 502 -1.21 -32.68 8.07
N ALA B 503 -0.41 -33.52 8.75
CA ALA B 503 -0.76 -34.95 9.00
C ALA B 503 -2.10 -35.10 9.75
N ILE B 504 -2.44 -34.17 10.65
CA ILE B 504 -3.73 -34.18 11.38
C ILE B 504 -4.82 -33.75 10.38
N LEU B 505 -4.61 -32.70 9.60
CA LEU B 505 -5.68 -32.22 8.67
C LEU B 505 -5.96 -33.33 7.66
N ALA B 506 -4.93 -34.09 7.24
CA ALA B 506 -5.06 -35.19 6.25
C ALA B 506 -5.94 -36.33 6.80
N MET B 507 -6.02 -36.52 8.12
CA MET B 507 -6.90 -37.54 8.73
C MET B 507 -8.36 -37.10 8.60
N VAL B 508 -8.65 -35.81 8.72
CA VAL B 508 -10.02 -35.24 8.63
C VAL B 508 -10.44 -35.24 7.15
N GLN B 509 -9.53 -34.85 6.24
CA GLN B 509 -9.82 -34.60 4.81
C GLN B 509 -8.58 -34.80 3.94
N PRO B 510 -8.44 -35.95 3.22
CA PRO B 510 -7.32 -36.21 2.30
C PRO B 510 -6.97 -35.09 1.30
N SER B 511 -5.77 -34.53 1.49
CA SER B 511 -5.29 -33.23 0.94
C SER B 511 -3.86 -33.43 0.40
N GLN B 618 -2.00 -26.26 -11.97
CA GLN B 618 -1.40 -26.57 -10.64
C GLN B 618 -1.80 -25.49 -9.63
N ARG B 619 -2.17 -25.90 -8.41
CA ARG B 619 -2.61 -25.00 -7.31
C ARG B 619 -1.45 -24.10 -6.85
N SER B 620 -1.74 -22.80 -6.67
CA SER B 620 -0.84 -21.78 -6.06
C SER B 620 -0.78 -21.95 -4.54
N ALA B 621 0.15 -21.26 -3.90
CA ALA B 621 0.27 -21.24 -2.42
C ALA B 621 -1.01 -20.68 -1.77
N LYS B 622 -1.65 -19.65 -2.31
CA LYS B 622 -2.93 -19.15 -1.74
C LYS B 622 -4.02 -20.22 -1.86
N GLU B 623 -4.12 -20.94 -2.97
CA GLU B 623 -5.18 -21.97 -3.13
C GLU B 623 -4.95 -23.08 -2.11
N ILE B 624 -3.71 -23.56 -1.96
CA ILE B 624 -3.36 -24.63 -1.00
C ILE B 624 -3.68 -24.17 0.44
N ALA B 625 -3.30 -22.95 0.82
CA ALA B 625 -3.58 -22.35 2.14
C ALA B 625 -5.10 -22.24 2.37
N ALA B 626 -5.86 -21.68 1.43
CA ALA B 626 -7.32 -21.50 1.57
C ALA B 626 -8.02 -22.87 1.66
N GLU B 627 -7.44 -23.91 1.05
CA GLU B 627 -8.01 -25.28 1.05
C GLU B 627 -7.80 -25.89 2.44
N ARG B 628 -6.65 -25.64 3.07
CA ARG B 628 -6.37 -26.16 4.43
C ARG B 628 -7.19 -25.38 5.46
N ASP B 629 -7.37 -24.06 5.29
CA ASP B 629 -8.15 -23.18 6.21
C ASP B 629 -9.60 -23.62 6.31
N ALA B 630 -10.08 -24.42 5.36
CA ALA B 630 -11.48 -24.88 5.35
C ALA B 630 -11.65 -26.12 6.25
N VAL B 631 -10.56 -26.74 6.71
CA VAL B 631 -10.57 -27.97 7.55
C VAL B 631 -10.28 -27.62 9.02
N LEU B 632 -11.18 -28.01 9.93
CA LEU B 632 -11.01 -27.83 11.39
C LEU B 632 -10.17 -28.98 11.96
N PRO B 633 -9.01 -28.70 12.61
CA PRO B 633 -8.10 -29.75 13.08
C PRO B 633 -8.65 -30.41 14.35
N ILE B 634 -9.17 -31.63 14.17
CA ILE B 634 -9.79 -32.44 15.26
C ILE B 634 -9.23 -33.85 15.14
N ALA B 635 -8.64 -34.34 16.22
CA ALA B 635 -8.05 -35.68 16.30
C ALA B 635 -8.08 -36.15 17.75
N PRO B 636 -8.19 -37.46 17.98
CA PRO B 636 -8.04 -37.99 19.33
C PRO B 636 -6.67 -37.60 19.92
N LEU B 637 -6.66 -37.33 21.22
CA LEU B 637 -5.47 -36.81 21.92
C LEU B 637 -4.32 -37.85 21.91
N ASP B 638 -4.60 -39.13 21.96
CA ASP B 638 -3.57 -40.20 21.89
C ASP B 638 -2.92 -40.22 20.49
N VAL B 639 -3.72 -40.04 19.44
CA VAL B 639 -3.23 -40.02 18.03
C VAL B 639 -2.43 -38.72 17.76
N ALA B 640 -2.90 -37.60 18.27
CA ALA B 640 -2.22 -36.31 18.13
C ALA B 640 -0.84 -36.37 18.78
N ILE B 641 -0.71 -36.96 19.96
CA ILE B 641 0.57 -36.98 20.71
C ILE B 641 1.56 -37.82 19.93
N LEU B 642 1.14 -39.01 19.48
CA LEU B 642 2.08 -39.96 18.84
C LEU B 642 2.50 -39.45 17.46
N THR B 643 1.63 -38.76 16.72
CA THR B 643 1.98 -38.12 15.42
C THR B 643 2.88 -36.92 15.64
N SER B 644 2.62 -36.08 16.62
CA SER B 644 3.49 -34.93 16.94
C SER B 644 4.89 -35.48 17.25
N ILE B 645 5.03 -36.46 18.13
CA ILE B 645 6.37 -37.01 18.50
C ILE B 645 7.02 -37.64 17.26
N GLN B 646 6.30 -38.38 16.43
CA GLN B 646 6.88 -39.08 15.26
C GLN B 646 7.52 -38.04 14.33
N HIS B 647 6.85 -36.93 14.06
CA HIS B 647 7.41 -35.78 13.30
C HIS B 647 8.59 -35.11 14.03
N ALA B 648 8.59 -35.01 15.35
CA ALA B 648 9.68 -34.39 16.13
C ALA B 648 10.96 -35.22 15.92
N ALA B 649 10.86 -36.53 15.91
CA ALA B 649 12.00 -37.47 15.86
C ALA B 649 12.40 -37.79 14.42
N LYS B 650 11.54 -37.48 13.43
CA LYS B 650 11.81 -37.69 11.98
C LYS B 650 12.27 -39.13 11.70
N GLY B 651 11.62 -40.10 12.35
CA GLY B 651 11.90 -41.54 12.14
C GLY B 651 13.06 -42.07 12.98
N ASP B 652 13.70 -41.24 13.80
CA ASP B 652 14.73 -41.72 14.77
C ASP B 652 14.03 -42.36 15.98
N GLU B 653 14.00 -43.69 16.01
CA GLU B 653 13.41 -44.48 17.15
C GLU B 653 13.98 -44.02 18.50
N LYS B 654 15.25 -43.60 18.58
CA LYS B 654 15.89 -43.25 19.87
C LYS B 654 15.37 -41.91 20.36
N LYS B 655 15.01 -40.97 19.48
CA LYS B 655 14.34 -39.73 19.94
C LYS B 655 12.87 -39.97 20.23
N VAL B 656 12.22 -40.93 19.58
CA VAL B 656 10.83 -41.30 19.96
C VAL B 656 10.82 -41.79 21.40
N ARG B 657 11.75 -42.68 21.76
CA ARG B 657 11.85 -43.25 23.13
C ARG B 657 12.12 -42.14 24.16
N GLU B 658 13.01 -41.20 23.87
CA GLU B 658 13.29 -40.07 24.79
C GLU B 658 12.02 -39.21 24.99
N LEU B 659 11.37 -38.77 23.92
CA LEU B 659 10.26 -37.80 24.02
C LEU B 659 9.07 -38.44 24.70
N VAL B 660 8.79 -39.71 24.40
CA VAL B 660 7.64 -40.45 25.02
C VAL B 660 7.84 -40.60 26.54
N GLY B 661 9.07 -40.65 27.03
CA GLY B 661 9.35 -40.66 28.47
C GLY B 661 9.35 -39.28 29.11
N SER B 662 8.85 -38.27 28.41
CA SER B 662 9.02 -36.84 28.80
C SER B 662 7.72 -36.04 28.52
N ILE B 663 6.56 -36.68 28.56
CA ILE B 663 5.28 -36.00 28.29
C ILE B 663 4.84 -35.25 29.55
N MET B 664 4.52 -33.99 29.37
CA MET B 664 4.19 -33.07 30.46
C MET B 664 2.82 -32.44 30.14
N VAL B 665 1.88 -32.56 31.04
CA VAL B 665 0.50 -32.03 30.85
C VAL B 665 0.33 -30.74 31.64
N VAL B 666 -0.19 -29.70 31.01
CA VAL B 666 -0.49 -28.40 31.68
C VAL B 666 -1.81 -27.84 31.16
N GLY B 667 -2.20 -26.69 31.68
CA GLY B 667 -3.45 -26.01 31.31
C GLY B 667 -4.61 -26.46 32.18
N GLY B 668 -5.61 -25.62 32.30
CA GLY B 668 -6.77 -25.95 33.14
C GLY B 668 -7.61 -27.15 32.67
N GLY B 669 -7.70 -27.45 31.40
CA GLY B 669 -8.53 -28.58 30.91
C GLY B 669 -7.97 -29.88 31.39
N ALA B 670 -6.68 -29.92 31.67
CA ALA B 670 -5.97 -31.14 32.17
C ALA B 670 -6.24 -31.37 33.65
N LYS B 671 -7.00 -30.49 34.30
CA LYS B 671 -7.08 -30.43 35.78
C LYS B 671 -8.22 -31.33 36.25
N ILE B 672 -8.92 -32.02 35.33
CA ILE B 672 -9.81 -33.21 35.57
C ILE B 672 -9.04 -34.28 36.35
N PRO B 673 -9.66 -34.89 37.40
CA PRO B 673 -9.03 -35.99 38.15
C PRO B 673 -8.64 -37.21 37.31
N HIS B 674 -7.44 -37.72 37.58
CA HIS B 674 -6.87 -38.95 36.97
C HIS B 674 -6.51 -38.74 35.48
N PHE B 675 -6.38 -37.51 34.97
CA PHE B 675 -6.18 -37.26 33.50
C PHE B 675 -4.82 -37.79 33.01
N ALA B 676 -3.73 -37.50 33.72
CA ALA B 676 -2.40 -37.99 33.32
C ALA B 676 -2.34 -39.54 33.33
N PRO B 677 -2.76 -40.26 34.39
CA PRO B 677 -2.86 -41.72 34.34
C PRO B 677 -3.70 -42.29 33.20
N PHE B 678 -4.85 -41.67 32.91
CA PHE B 678 -5.75 -42.10 31.81
C PHE B 678 -5.04 -41.98 30.45
N LEU B 679 -4.36 -40.84 30.21
CA LEU B 679 -3.62 -40.57 28.95
C LEU B 679 -2.46 -41.55 28.80
N GLU B 680 -1.75 -41.87 29.88
CA GLU B 680 -0.64 -42.86 29.81
C GLU B 680 -1.20 -44.25 29.44
N GLU B 681 -2.33 -44.67 30.01
CA GLU B 681 -2.94 -45.99 29.66
C GLU B 681 -3.32 -45.99 28.16
N LYS B 682 -3.94 -44.91 27.67
CA LYS B 682 -4.37 -44.81 26.25
C LYS B 682 -3.14 -44.86 25.31
N LEU B 683 -2.06 -44.17 25.61
CA LEU B 683 -0.83 -44.25 24.78
C LEU B 683 -0.29 -45.68 24.83
N LYS B 684 -0.25 -46.33 25.99
CA LYS B 684 0.35 -47.68 26.13
C LYS B 684 -0.44 -48.71 25.32
N ILE B 685 -1.77 -48.64 25.21
CA ILE B 685 -2.53 -49.64 24.40
C ILE B 685 -2.41 -49.31 22.90
N ARG B 686 -2.08 -48.08 22.53
CA ARG B 686 -1.91 -47.69 21.10
C ARG B 686 -0.49 -47.98 20.60
N ARG B 687 0.52 -48.02 21.46
CA ARG B 687 1.92 -48.43 21.10
C ARG B 687 2.47 -49.43 22.12
N PRO B 688 2.05 -50.71 22.07
CA PRO B 688 2.53 -51.75 22.99
C PRO B 688 4.05 -51.95 23.03
N ASP B 689 4.74 -51.54 21.96
CA ASP B 689 6.22 -51.55 21.83
C ASP B 689 6.87 -50.51 22.76
N LEU B 690 6.19 -49.40 23.01
CA LEU B 690 6.71 -48.27 23.84
C LEU B 690 6.21 -48.36 25.28
N ALA B 691 5.37 -49.33 25.63
CA ALA B 691 4.70 -49.39 26.95
C ALA B 691 5.72 -49.41 28.11
N ASP B 692 6.93 -49.91 27.88
CA ASP B 692 8.00 -50.02 28.91
C ASP B 692 8.54 -48.61 29.25
N ARG B 693 8.25 -47.60 28.43
CA ARG B 693 8.92 -46.27 28.52
C ARG B 693 7.95 -45.09 28.41
N ILE B 694 6.69 -45.25 28.00
CA ILE B 694 5.75 -44.10 28.02
C ILE B 694 5.59 -43.64 29.47
N LEU B 695 5.72 -42.34 29.71
CA LEU B 695 5.60 -41.78 31.08
C LEU B 695 4.99 -40.37 31.04
N VAL B 696 3.73 -40.25 31.43
CA VAL B 696 3.00 -38.95 31.40
C VAL B 696 2.94 -38.33 32.80
N SER B 697 3.25 -37.05 32.92
CA SER B 697 3.35 -36.33 34.21
C SER B 697 2.43 -35.11 34.18
N ARG B 698 1.77 -34.78 35.30
CA ARG B 698 0.93 -33.55 35.40
C ARG B 698 1.75 -32.43 36.06
N SER B 699 1.76 -31.25 35.44
CA SER B 699 2.47 -30.04 35.90
C SER B 699 3.97 -30.32 36.14
N ALA B 700 4.63 -29.40 36.85
CA ALA B 700 6.04 -29.55 37.26
C ALA B 700 6.32 -28.76 38.55
N ARG B 701 7.28 -29.26 39.35
CA ARG B 701 7.73 -28.69 40.65
C ARG B 701 6.52 -28.13 41.44
N GLU B 702 5.46 -28.96 41.53
CA GLU B 702 4.33 -28.85 42.49
C GLU B 702 3.50 -27.61 42.21
N MET B 703 3.62 -27.02 41.01
CA MET B 703 2.76 -25.89 40.57
C MET B 703 1.38 -26.38 40.14
N ASP B 704 0.42 -25.46 40.16
CA ASP B 704 -0.88 -25.55 39.47
C ASP B 704 -0.66 -25.71 37.95
N GLU B 705 -1.28 -26.68 37.31
CA GLU B 705 -1.28 -26.83 35.84
C GLU B 705 -1.57 -25.47 35.17
N GLN B 706 -2.42 -24.63 35.76
CA GLN B 706 -2.86 -23.35 35.14
C GLN B 706 -1.78 -22.27 35.16
N VAL B 707 -0.67 -22.43 35.90
CA VAL B 707 0.35 -21.34 36.05
C VAL B 707 1.76 -21.80 35.66
N VAL B 708 2.01 -23.04 35.26
CA VAL B 708 3.39 -23.49 34.89
C VAL B 708 3.92 -22.58 33.79
N VAL B 709 3.06 -22.22 32.83
CA VAL B 709 3.49 -21.44 31.64
C VAL B 709 3.85 -20.03 32.09
N TRP B 710 3.04 -19.40 32.93
CA TRP B 710 3.35 -18.01 33.39
C TRP B 710 4.63 -18.02 34.21
N LYS B 711 4.83 -19.00 35.07
CA LYS B 711 6.08 -19.09 35.86
C LYS B 711 7.26 -19.15 34.89
N GLY B 712 7.23 -20.00 33.86
CA GLY B 712 8.30 -20.04 32.82
C GLY B 712 8.55 -18.68 32.10
N ALA B 713 7.49 -17.98 31.71
CA ALA B 713 7.57 -16.64 31.09
C ALA B 713 8.24 -15.65 32.05
N SER B 714 7.98 -15.75 33.35
CA SER B 714 8.56 -14.81 34.34
C SER B 714 10.04 -15.12 34.50
N VAL B 715 10.46 -16.40 34.39
CA VAL B 715 11.93 -16.72 34.47
C VAL B 715 12.60 -16.13 33.23
N PHE B 716 11.95 -16.20 32.07
CA PHE B 716 12.51 -15.68 30.78
C PHE B 716 12.69 -14.17 30.86
N ALA B 717 11.80 -13.46 31.54
CA ALA B 717 12.00 -12.02 31.83
C ALA B 717 13.30 -11.77 32.63
N LYS B 718 13.55 -12.57 33.64
CA LYS B 718 14.59 -12.33 34.66
C LYS B 718 15.99 -12.66 34.13
N LEU B 719 16.17 -13.75 33.38
CA LEU B 719 17.52 -14.29 33.03
C LEU B 719 18.29 -13.38 32.07
N SER B 720 19.58 -13.18 32.33
CA SER B 720 20.44 -12.10 31.76
C SER B 720 20.76 -12.34 30.29
N THR B 721 20.80 -13.60 29.86
CA THR B 721 21.16 -14.02 28.47
C THR B 721 20.05 -13.68 27.48
N ASN B 722 18.84 -13.37 27.93
CA ASN B 722 17.71 -12.99 27.05
C ASN B 722 17.93 -11.59 26.46
N ASP B 723 18.30 -11.53 25.18
CA ASP B 723 18.42 -10.29 24.37
C ASP B 723 17.28 -10.15 23.34
N SER B 724 16.21 -10.92 23.48
CA SER B 724 15.09 -11.04 22.53
C SER B 724 14.18 -9.80 22.63
N TRP B 725 14.59 -8.72 23.27
CA TRP B 725 13.65 -7.59 23.50
C TRP B 725 13.53 -6.68 22.28
N VAL B 726 12.30 -6.41 21.85
CA VAL B 726 12.01 -5.37 20.83
C VAL B 726 11.78 -4.09 21.57
N THR B 727 12.72 -3.12 21.43
CA THR B 727 12.63 -1.79 22.11
C THR B 727 11.65 -0.87 21.39
N ASN B 728 11.06 0.04 22.14
CA ASN B 728 10.03 0.99 21.67
C ASN B 728 10.52 1.70 20.38
N TYR B 729 11.71 2.27 20.40
CA TYR B 729 12.32 3.07 19.30
C TYR B 729 12.53 2.20 18.05
N GLU B 730 13.14 1.02 18.12
CA GLU B 730 13.23 0.11 16.93
C GLU B 730 11.85 0.07 16.24
N TYR B 731 10.80 -0.21 16.98
CA TYR B 731 9.43 -0.40 16.44
C TYR B 731 8.91 0.90 15.78
N LYS B 732 9.17 2.06 16.35
CA LYS B 732 8.77 3.34 15.71
C LYS B 732 9.46 3.53 14.33
N MET B 733 10.70 3.03 14.18
CA MET B 733 11.46 3.06 12.92
C MET B 733 10.99 1.98 11.92
N LEU B 734 10.97 0.75 12.30
CA LEU B 734 10.87 -0.35 11.35
C LEU B 734 9.63 -1.25 11.58
N GLY B 735 8.79 -1.02 12.58
CA GLY B 735 7.57 -1.84 12.80
C GLY B 735 7.87 -3.33 12.88
N SER B 736 6.97 -4.18 12.39
CA SER B 736 7.01 -5.65 12.57
C SER B 736 8.36 -6.22 12.09
N ARG B 737 9.08 -5.51 11.23
CA ARG B 737 10.37 -6.04 10.70
C ARG B 737 11.34 -6.41 11.83
N CYS B 738 11.36 -5.69 12.95
CA CYS B 738 12.34 -5.96 14.04
C CYS B 738 12.04 -7.28 14.77
N ILE B 739 10.81 -7.82 14.68
CA ILE B 739 10.50 -9.14 15.24
C ILE B 739 11.45 -10.16 14.62
N TYR B 740 11.61 -10.14 13.29
CA TYR B 740 12.48 -11.06 12.50
C TYR B 740 13.91 -11.03 13.01
N MET B 741 14.36 -9.85 13.47
CA MET B 741 15.75 -9.64 13.92
C MET B 741 15.99 -10.24 15.31
N LYS B 742 15.04 -10.05 16.22
CA LYS B 742 15.26 -10.20 17.69
C LYS B 742 14.72 -11.51 18.23
N LEU B 743 13.64 -12.13 17.72
CA LEU B 743 13.11 -13.40 18.30
C LEU B 743 14.15 -14.54 18.35
N LEU B 744 13.94 -15.50 19.24
CA LEU B 744 14.83 -16.66 19.44
C LEU B 744 14.32 -17.90 18.70
N TRP B 745 13.57 -17.74 17.60
CA TRP B 745 13.24 -18.82 16.61
C TRP B 745 12.99 -18.12 15.27
N HIS B 746 13.01 -18.84 14.15
CA HIS B 746 12.69 -18.24 12.83
C HIS B 746 11.20 -17.84 12.79
N TYR B 747 10.89 -16.56 12.92
CA TYR B 747 9.50 -16.02 13.02
C TYR B 747 8.69 -16.33 11.74
N GLU C 4 37.96 2.82 2.37
CA GLU C 4 36.75 3.44 1.74
C GLU C 4 35.76 3.90 2.83
N VAL C 5 34.97 4.94 2.56
CA VAL C 5 33.91 5.43 3.49
C VAL C 5 32.54 5.41 2.81
N ALA C 6 31.51 5.24 3.63
CA ALA C 6 30.10 5.23 3.20
C ALA C 6 29.66 6.63 2.75
N ALA C 7 28.80 6.67 1.76
CA ALA C 7 28.05 7.87 1.38
C ALA C 7 27.08 8.24 2.49
N LEU C 8 26.72 9.49 2.53
CA LEU C 8 25.61 10.01 3.36
C LEU C 8 24.38 9.91 2.47
N VAL C 9 23.26 9.58 3.04
CA VAL C 9 21.96 9.57 2.38
C VAL C 9 21.13 10.60 3.13
N ILE C 10 20.64 11.59 2.44
CA ILE C 10 19.84 12.69 3.04
C ILE C 10 18.48 12.70 2.35
N ASP C 11 17.41 12.65 3.10
CA ASP C 11 16.02 12.63 2.60
C ASP C 11 15.33 13.78 3.28
N ASN C 12 15.34 14.92 2.62
CA ASN C 12 14.69 16.15 3.15
C ASN C 12 13.22 16.05 2.80
N GLY C 13 12.38 16.68 3.62
CA GLY C 13 10.91 16.64 3.48
C GLY C 13 10.25 17.83 4.14
N SER C 14 9.01 18.15 3.75
CA SER C 14 8.28 19.35 4.26
C SER C 14 8.09 19.24 5.77
N GLY C 15 8.14 18.04 6.30
CA GLY C 15 7.94 17.76 7.72
C GLY C 15 9.25 17.42 8.38
N MET C 16 9.92 16.37 7.98
CA MET C 16 11.02 15.74 8.74
C MET C 16 12.17 15.45 7.80
N CYS C 17 13.36 15.89 8.16
CA CYS C 17 14.62 15.46 7.52
C CYS C 17 15.04 14.11 8.07
N LYS C 18 15.50 13.21 7.21
CA LYS C 18 16.12 11.94 7.59
C LYS C 18 17.54 11.88 7.05
N ALA C 19 18.47 11.38 7.80
CA ALA C 19 19.88 11.33 7.41
C ALA C 19 20.58 10.15 8.04
N GLY C 20 21.65 9.72 7.39
CA GLY C 20 22.43 8.61 7.86
C GLY C 20 23.30 8.06 6.79
N PHE C 21 23.95 6.98 7.10
CA PHE C 21 25.04 6.40 6.31
C PHE C 21 24.49 5.30 5.39
N ALA C 22 24.97 5.29 4.16
CA ALA C 22 24.55 4.29 3.18
C ALA C 22 24.95 2.92 3.74
N GLY C 23 24.08 1.93 3.55
CA GLY C 23 24.34 0.56 4.02
C GLY C 23 23.66 0.27 5.33
N ASP C 24 23.29 1.27 6.11
CA ASP C 24 22.43 1.11 7.31
C ASP C 24 21.03 0.78 6.84
N ASP C 25 20.26 -0.01 7.61
CA ASP C 25 18.80 -0.22 7.37
C ASP C 25 17.89 0.90 7.93
N ALA C 26 18.40 1.91 8.66
CA ALA C 26 17.53 3.02 9.15
C ALA C 26 18.32 4.32 9.36
N PRO C 27 17.68 5.49 9.28
CA PRO C 27 18.40 6.75 9.54
C PRO C 27 19.08 6.79 10.90
N ARG C 28 20.12 7.60 11.05
CA ARG C 28 20.67 7.95 12.37
C ARG C 28 19.94 9.13 12.95
N ALA C 29 19.35 9.95 12.11
CA ALA C 29 18.84 11.25 12.54
C ALA C 29 17.53 11.52 11.83
N VAL C 30 16.59 12.07 12.55
CA VAL C 30 15.27 12.53 12.05
C VAL C 30 14.93 13.75 12.86
N PHE C 31 14.58 14.84 12.23
CA PHE C 31 14.25 16.09 12.95
C PHE C 31 13.35 16.98 12.09
N PRO C 32 12.52 17.85 12.68
CA PRO C 32 11.62 18.68 11.90
C PRO C 32 12.35 19.65 10.95
N SER C 33 11.82 19.82 9.75
CA SER C 33 12.43 20.67 8.71
C SER C 33 12.01 22.08 9.03
N ILE C 34 12.46 22.60 10.16
CA ILE C 34 12.02 23.92 10.69
C ILE C 34 13.28 24.72 10.92
N VAL C 35 13.23 26.00 10.59
CA VAL C 35 14.35 26.91 10.93
C VAL C 35 13.71 28.10 11.65
N GLY C 36 14.42 28.66 12.61
CA GLY C 36 14.00 29.87 13.32
C GLY C 36 15.04 30.95 13.25
N ARG C 37 14.58 32.19 13.07
CA ARG C 37 15.41 33.42 13.10
C ARG C 37 14.85 34.30 14.22
N PRO C 38 15.67 35.14 14.90
CA PRO C 38 15.15 36.06 15.94
C PRO C 38 14.09 37.04 15.40
N ARG C 39 13.03 37.27 16.19
CA ARG C 39 11.83 38.06 15.78
C ARG C 39 12.21 39.52 15.55
N HIS C 40 12.93 40.10 16.51
CA HIS C 40 13.22 41.56 16.64
C HIS C 40 14.25 42.01 15.61
N ASP C 51 22.82 34.55 14.26
CA ASP C 51 22.36 33.37 15.02
C ASP C 51 21.07 32.80 14.40
N SER C 52 20.84 31.49 14.51
CA SER C 52 19.66 30.75 13.99
C SER C 52 19.59 29.34 14.57
N TYR C 53 18.41 28.72 14.53
CA TYR C 53 18.16 27.42 15.18
C TYR C 53 17.41 26.53 14.19
N VAL C 54 17.55 25.24 14.37
CA VAL C 54 16.98 24.21 13.46
C VAL C 54 16.24 23.17 14.29
N GLY C 55 15.21 22.54 13.72
CA GLY C 55 14.59 21.31 14.27
C GLY C 55 13.98 21.54 15.65
N ASP C 56 14.20 20.62 16.60
CA ASP C 56 13.49 20.69 17.91
C ASP C 56 14.06 21.76 18.82
N GLU C 57 15.31 22.21 18.60
CA GLU C 57 15.84 23.40 19.32
C GLU C 57 15.05 24.65 18.89
N ALA C 58 14.72 24.78 17.63
CA ALA C 58 13.90 25.91 17.14
C ALA C 58 12.47 25.77 17.69
N GLN C 59 11.91 24.56 17.72
CA GLN C 59 10.55 24.35 18.30
C GLN C 59 10.55 24.78 19.78
N SER C 60 11.56 24.36 20.55
CA SER C 60 11.71 24.67 22.00
C SER C 60 11.73 26.19 22.20
N LYS C 61 12.55 26.92 21.44
CA LYS C 61 12.74 28.38 21.62
C LYS C 61 11.72 29.19 20.79
N ARG C 62 10.53 28.66 20.48
CA ARG C 62 9.61 29.29 19.49
C ARG C 62 9.13 30.66 19.97
N GLY C 63 9.17 30.92 21.28
CA GLY C 63 8.73 32.20 21.88
C GLY C 63 9.50 33.42 21.37
N ILE C 64 10.76 33.26 20.99
CA ILE C 64 11.64 34.42 20.59
C ILE C 64 12.04 34.33 19.11
N LEU C 65 11.50 33.36 18.36
CA LEU C 65 11.87 33.11 16.94
C LEU C 65 10.65 33.29 16.04
N THR C 66 10.88 33.71 14.80
CA THR C 66 9.93 33.46 13.70
C THR C 66 10.35 32.13 13.04
N LEU C 67 9.41 31.19 12.96
CA LEU C 67 9.65 29.80 12.50
C LEU C 67 9.09 29.60 11.10
N ARG C 68 9.83 28.90 10.24
CA ARG C 68 9.50 28.77 8.80
C ARG C 68 9.84 27.36 8.34
N TYR C 69 9.07 26.83 7.40
CA TYR C 69 9.47 25.59 6.69
C TYR C 69 10.13 25.97 5.36
N PRO C 70 11.41 25.65 5.11
CA PRO C 70 12.01 25.92 3.81
C PRO C 70 11.50 25.02 2.67
N ILE C 71 11.01 23.82 2.97
CA ILE C 71 10.36 22.92 1.96
C ILE C 71 8.84 22.98 2.05
N GLU C 72 8.20 23.21 0.92
CA GLU C 72 6.75 23.40 0.80
C GLU C 72 6.23 22.50 -0.32
N HIS C 73 5.21 21.69 -0.03
CA HIS C 73 4.63 20.71 -0.98
C HIS C 73 5.73 19.87 -1.62
N GLY C 74 6.81 19.58 -0.90
CA GLY C 74 7.94 18.74 -1.34
C GLY C 74 9.00 19.49 -2.18
N VAL C 75 8.84 20.79 -2.43
CA VAL C 75 9.81 21.60 -3.25
C VAL C 75 10.52 22.63 -2.37
N VAL C 76 11.81 22.85 -2.55
CA VAL C 76 12.59 23.82 -1.73
C VAL C 76 12.19 25.25 -2.13
N THR C 77 11.84 26.09 -1.18
CA THR C 77 11.25 27.43 -1.47
C THR C 77 12.02 28.56 -0.80
N ASN C 78 12.99 28.22 0.04
CA ASN C 78 14.00 29.17 0.53
C ASN C 78 15.35 28.43 0.65
N TRP C 79 16.34 28.80 -0.15
CA TRP C 79 17.63 28.07 -0.19
C TRP C 79 18.53 28.52 0.97
N ASP C 80 18.27 29.69 1.55
CA ASP C 80 19.02 30.18 2.75
C ASP C 80 18.73 29.25 3.93
N ASP C 81 17.45 29.05 4.24
CA ASP C 81 16.99 28.15 5.33
C ASP C 81 17.37 26.74 4.96
N MET C 82 17.23 26.31 3.72
CA MET C 82 17.60 24.92 3.35
C MET C 82 19.08 24.66 3.65
N GLU C 83 19.95 25.61 3.37
CA GLU C 83 21.40 25.45 3.63
C GLU C 83 21.64 25.27 5.14
N LYS C 84 20.89 25.97 6.00
CA LYS C 84 21.00 25.78 7.47
C LYS C 84 20.62 24.34 7.86
N ILE C 85 19.56 23.81 7.28
CA ILE C 85 19.15 22.41 7.58
C ILE C 85 20.26 21.41 7.22
N TRP C 86 20.93 21.58 6.08
CA TRP C 86 22.01 20.63 5.68
C TRP C 86 23.20 20.81 6.60
N HIS C 87 23.51 22.08 6.96
CA HIS C 87 24.62 22.37 7.87
C HIS C 87 24.38 21.66 9.21
N HIS C 88 23.19 21.82 9.77
CA HIS C 88 22.77 21.08 10.99
C HIS C 88 22.93 19.58 10.81
N THR C 89 22.45 19.03 9.69
CA THR C 89 22.44 17.57 9.45
C THR C 89 23.86 16.97 9.51
N PHE C 90 24.83 17.62 8.87
CA PHE C 90 26.20 17.08 8.80
C PHE C 90 26.87 17.28 10.14
N TYR C 91 26.92 18.51 10.65
CA TYR C 91 27.80 18.87 11.77
C TYR C 91 27.18 18.63 13.15
N ASN C 92 25.86 18.57 13.29
CA ASN C 92 25.21 18.43 14.63
C ASN C 92 24.52 17.07 14.76
N GLU C 93 23.83 16.61 13.73
CA GLU C 93 23.12 15.31 13.79
C GLU C 93 24.11 14.18 13.53
N LEU C 94 24.73 14.10 12.34
CA LEU C 94 25.54 12.92 11.96
C LEU C 94 26.95 13.00 12.54
N ARG C 95 27.48 14.20 12.86
CA ARG C 95 28.84 14.45 13.39
C ARG C 95 29.88 13.94 12.39
N VAL C 96 29.79 14.39 11.12
CA VAL C 96 30.77 14.07 10.04
C VAL C 96 31.07 15.33 9.24
N ALA C 97 32.26 15.39 8.64
CA ALA C 97 32.63 16.46 7.67
C ALA C 97 32.24 16.01 6.26
N PRO C 98 31.35 16.71 5.52
CA PRO C 98 30.95 16.30 4.18
C PRO C 98 32.11 16.13 3.17
N GLU C 99 33.21 16.86 3.39
CA GLU C 99 34.41 16.86 2.51
C GLU C 99 34.95 15.43 2.36
N GLU C 100 34.58 14.49 3.22
CA GLU C 100 35.16 13.11 3.18
C GLU C 100 34.22 12.13 2.46
N HIS C 101 32.96 12.46 2.24
CA HIS C 101 31.90 11.46 1.97
C HIS C 101 31.13 11.84 0.72
N PRO C 102 30.84 10.90 -0.20
CA PRO C 102 29.83 11.15 -1.21
C PRO C 102 28.44 11.41 -0.61
N VAL C 103 27.57 12.17 -1.29
CA VAL C 103 26.24 12.56 -0.76
C VAL C 103 25.13 12.17 -1.71
N LEU C 104 24.21 11.28 -1.29
CA LEU C 104 22.98 11.03 -2.06
C LEU C 104 21.84 11.88 -1.52
N LEU C 105 21.31 12.80 -2.31
CA LEU C 105 20.09 13.58 -1.97
C LEU C 105 18.91 13.03 -2.75
N THR C 106 17.74 13.44 -2.33
CA THR C 106 16.46 12.98 -2.92
C THR C 106 15.70 14.23 -3.36
N GLU C 107 14.80 14.07 -4.33
CA GLU C 107 13.99 15.20 -4.83
C GLU C 107 12.56 14.71 -5.05
N ALA C 108 11.58 15.63 -4.96
CA ALA C 108 10.15 15.29 -5.17
C ALA C 108 9.94 15.05 -6.64
N PRO C 109 9.06 14.07 -7.03
CA PRO C 109 8.62 13.90 -8.41
C PRO C 109 8.24 15.24 -9.05
N ILE C 110 8.67 15.44 -10.29
CA ILE C 110 8.28 16.58 -11.18
C ILE C 110 8.61 17.91 -10.48
N ASN C 111 9.73 17.98 -9.76
CA ASN C 111 10.19 19.28 -9.19
C ASN C 111 10.97 20.02 -10.27
N PRO C 112 11.06 21.37 -10.19
CA PRO C 112 11.67 22.17 -11.26
C PRO C 112 13.15 21.90 -11.55
N LYS C 113 13.55 21.94 -12.83
CA LYS C 113 14.96 21.75 -13.26
C LYS C 113 15.87 22.78 -12.58
N SER C 114 15.48 24.05 -12.46
CA SER C 114 16.28 25.09 -11.76
C SER C 114 16.71 24.63 -10.35
N ASN C 115 15.85 23.95 -9.61
CA ASN C 115 16.14 23.50 -8.23
C ASN C 115 17.19 22.39 -8.24
N ARG C 116 17.22 21.51 -9.23
CA ARG C 116 18.24 20.44 -9.29
C ARG C 116 19.63 21.07 -9.45
N GLU C 117 19.73 22.12 -10.25
CA GLU C 117 20.98 22.87 -10.44
C GLU C 117 21.35 23.55 -9.14
N LYS C 118 20.38 24.17 -8.49
CA LYS C 118 20.64 25.00 -7.29
C LYS C 118 21.18 24.11 -6.15
N MET C 119 20.65 22.90 -5.95
CA MET C 119 21.16 22.00 -4.89
C MET C 119 22.52 21.47 -5.29
N THR C 120 22.76 21.28 -6.58
CA THR C 120 24.06 20.79 -7.12
C THR C 120 25.12 21.85 -6.84
N GLN C 121 24.77 23.09 -6.94
CA GLN C 121 25.76 24.16 -6.65
C GLN C 121 26.10 24.13 -5.18
N ILE C 122 25.10 24.03 -4.29
CA ILE C 122 25.31 24.11 -2.80
C ILE C 122 26.17 22.96 -2.26
N VAL C 123 26.01 21.76 -2.75
CA VAL C 123 26.87 20.67 -2.23
C VAL C 123 28.33 20.88 -2.62
N PHE C 124 28.62 21.44 -3.79
CA PHE C 124 30.02 21.57 -4.27
C PHE C 124 30.66 22.87 -3.79
N GLU C 125 29.90 23.95 -3.76
CA GLU C 125 30.46 25.28 -3.45
C GLU C 125 30.40 25.56 -1.96
N THR C 126 29.44 25.00 -1.22
CA THR C 126 29.22 25.32 0.22
C THR C 126 29.74 24.19 1.11
N PHE C 127 29.52 22.94 0.76
CA PHE C 127 29.94 21.76 1.56
C PHE C 127 31.24 21.10 1.01
N ASN C 128 31.67 21.39 -0.19
CA ASN C 128 32.80 20.69 -0.87
C ASN C 128 32.60 19.17 -0.86
N ALA C 129 31.38 18.65 -1.04
CA ALA C 129 31.15 17.19 -1.24
C ALA C 129 32.03 16.70 -2.40
N PRO C 130 32.85 15.66 -2.21
CA PRO C 130 33.71 15.17 -3.27
C PRO C 130 32.93 14.58 -4.46
N ALA C 131 31.72 14.05 -4.22
CA ALA C 131 30.86 13.38 -5.22
C ALA C 131 29.42 13.46 -4.76
N PHE C 132 28.49 13.45 -5.67
CA PHE C 132 27.08 13.77 -5.35
C PHE C 132 26.09 13.15 -6.34
N TYR C 133 24.89 12.89 -5.83
CA TYR C 133 23.80 12.38 -6.69
C TYR C 133 22.45 12.89 -6.24
N VAL C 134 21.54 13.12 -7.17
CA VAL C 134 20.10 13.38 -6.87
C VAL C 134 19.21 12.28 -7.44
N SER C 135 18.20 11.89 -6.69
CA SER C 135 17.37 10.69 -6.99
C SER C 135 15.89 10.98 -6.70
N ILE C 136 15.01 10.37 -7.47
CA ILE C 136 13.56 10.68 -7.32
C ILE C 136 13.07 9.81 -6.16
N GLN C 137 12.46 10.46 -5.18
CA GLN C 137 11.97 9.80 -3.97
C GLN C 137 11.17 8.55 -4.36
N ALA C 138 10.16 8.66 -5.20
CA ALA C 138 9.22 7.51 -5.42
C ALA C 138 9.99 6.27 -5.90
N VAL C 139 11.02 6.45 -6.70
CA VAL C 139 11.79 5.34 -7.31
C VAL C 139 12.61 4.65 -6.23
N LEU C 140 13.23 5.40 -5.34
CA LEU C 140 13.89 4.86 -4.11
C LEU C 140 12.87 3.99 -3.35
N SER C 141 11.68 4.50 -3.05
CA SER C 141 10.67 3.73 -2.31
C SER C 141 10.34 2.40 -3.01
N LEU C 142 10.40 2.37 -4.32
CA LEU C 142 10.04 1.17 -5.05
C LEU C 142 11.16 0.15 -4.81
N TYR C 143 12.43 0.54 -4.86
CA TYR C 143 13.58 -0.38 -4.65
C TYR C 143 13.47 -1.00 -3.26
N ALA C 144 13.24 -0.17 -2.24
CA ALA C 144 12.93 -0.59 -0.86
C ALA C 144 11.79 -1.66 -0.82
N SER C 145 10.76 -1.51 -1.60
CA SER C 145 9.59 -2.40 -1.60
C SER C 145 9.92 -3.66 -2.34
N GLY C 146 11.12 -3.80 -2.86
CA GLY C 146 11.59 -5.06 -3.50
C GLY C 146 10.98 -5.37 -4.87
N ARG C 147 10.90 -4.36 -5.75
CA ARG C 147 10.44 -4.54 -7.15
C ARG C 147 10.91 -3.43 -8.09
N THR C 148 10.75 -3.70 -9.39
CA THR C 148 11.31 -2.88 -10.50
C THR C 148 10.21 -2.08 -11.19
N THR C 149 9.00 -2.57 -11.18
CA THR C 149 7.83 -1.97 -11.82
C THR C 149 6.73 -1.80 -10.77
N GLY C 150 5.99 -0.70 -10.88
CA GLY C 150 4.84 -0.55 -10.01
C GLY C 150 4.26 0.80 -10.07
N ILE C 151 3.31 1.06 -9.20
CA ILE C 151 2.85 2.47 -8.98
C ILE C 151 2.95 2.81 -7.48
N VAL C 152 3.64 3.86 -7.18
CA VAL C 152 3.91 4.36 -5.82
C VAL C 152 2.91 5.45 -5.47
N LEU C 153 2.08 5.24 -4.45
CA LEU C 153 1.35 6.31 -3.73
C LEU C 153 2.27 6.78 -2.62
N ASP C 154 2.91 7.94 -2.77
CA ASP C 154 3.83 8.50 -1.76
C ASP C 154 3.10 9.64 -1.10
N SER C 155 2.79 9.52 0.20
CA SER C 155 2.00 10.55 0.92
C SER C 155 2.64 10.83 2.27
N GLY C 156 3.14 12.09 2.44
CA GLY C 156 3.89 12.55 3.63
C GLY C 156 3.18 13.70 4.32
N ASP C 157 3.97 14.70 4.74
CA ASP C 157 3.43 15.86 5.48
C ASP C 157 2.78 16.88 4.53
N GLY C 158 3.35 17.05 3.33
CA GLY C 158 3.11 18.26 2.51
C GLY C 158 2.39 17.99 1.24
N VAL C 159 2.67 16.86 0.62
CA VAL C 159 2.07 16.55 -0.71
C VAL C 159 1.81 15.04 -0.83
N THR C 160 0.84 14.65 -1.63
CA THR C 160 0.63 13.23 -2.01
C THR C 160 0.81 13.05 -3.51
N HIS C 161 1.74 12.22 -3.93
CA HIS C 161 1.99 11.96 -5.38
C HIS C 161 1.62 10.53 -5.69
N VAL C 162 1.23 10.30 -6.92
CA VAL C 162 1.11 8.95 -7.51
C VAL C 162 2.13 8.86 -8.65
N VAL C 163 2.99 7.84 -8.64
CA VAL C 163 4.13 7.78 -9.57
C VAL C 163 4.23 6.39 -10.21
N PRO C 164 3.83 6.24 -11.50
CA PRO C 164 4.05 5.03 -12.28
C PRO C 164 5.50 4.83 -12.66
N ILE C 165 5.95 3.60 -12.59
CA ILE C 165 7.38 3.24 -12.82
C ILE C 165 7.39 1.94 -13.61
N TYR C 166 8.13 1.87 -14.71
CA TYR C 166 8.24 0.61 -15.50
C TYR C 166 9.71 0.28 -15.71
N GLU C 167 10.16 -0.89 -15.26
CA GLU C 167 11.55 -1.37 -15.33
C GLU C 167 12.51 -0.24 -14.90
N GLY C 168 12.22 0.35 -13.75
CA GLY C 168 13.15 1.25 -13.07
C GLY C 168 13.09 2.66 -13.57
N PHE C 169 12.23 2.94 -14.55
CA PHE C 169 12.14 4.29 -15.16
C PHE C 169 10.75 4.87 -14.86
N SER C 170 10.68 6.00 -14.18
CA SER C 170 9.36 6.62 -13.89
C SER C 170 8.74 7.17 -15.18
N LEU C 171 7.44 7.49 -15.17
CA LEU C 171 6.72 7.95 -16.38
C LEU C 171 6.12 9.32 -16.06
N PRO C 172 6.91 10.42 -16.15
CA PRO C 172 6.49 11.71 -15.60
C PRO C 172 5.18 12.32 -16.14
N HIS C 173 4.77 12.02 -17.37
CA HIS C 173 3.50 12.55 -17.94
C HIS C 173 2.33 11.93 -17.15
N ALA C 174 2.53 10.73 -16.58
CA ALA C 174 1.47 9.95 -15.87
C ALA C 174 1.49 10.24 -14.36
N ILE C 175 2.39 11.10 -13.89
CA ILE C 175 2.47 11.47 -12.45
C ILE C 175 1.35 12.45 -12.11
N ALA C 176 0.58 12.10 -11.08
CA ALA C 176 -0.55 12.92 -10.58
C ALA C 176 -0.21 13.36 -9.15
N ARG C 177 -0.78 14.46 -8.67
CA ARG C 177 -0.32 15.15 -7.43
C ARG C 177 -1.51 15.72 -6.67
N LEU C 178 -2.05 14.92 -5.75
CA LEU C 178 -3.15 15.32 -4.82
C LEU C 178 -2.53 16.30 -3.84
N ASP C 179 -2.94 17.56 -3.89
CA ASP C 179 -2.19 18.64 -3.19
C ASP C 179 -2.71 18.75 -1.76
N MET C 180 -2.63 17.65 -1.02
CA MET C 180 -3.25 17.46 0.29
C MET C 180 -2.71 16.19 0.96
N ALA C 181 -2.24 16.30 2.21
CA ALA C 181 -1.53 15.23 2.93
C ALA C 181 -1.52 15.51 4.44
N GLY C 182 -0.48 15.07 5.12
CA GLY C 182 -0.44 14.99 6.59
C GLY C 182 -0.88 16.27 7.31
N ARG C 183 -0.35 17.44 6.96
CA ARG C 183 -0.69 18.70 7.66
C ARG C 183 -2.19 19.03 7.53
N ASP C 184 -2.77 18.86 6.36
CA ASP C 184 -4.19 19.16 6.10
C ASP C 184 -5.06 18.33 7.04
N LEU C 185 -4.69 17.08 7.28
CA LEU C 185 -5.46 16.21 8.18
C LEU C 185 -5.30 16.64 9.65
N THR C 186 -4.15 17.16 10.07
CA THR C 186 -4.00 17.75 11.42
C THR C 186 -4.95 18.94 11.60
N ASP C 187 -4.95 19.86 10.66
CA ASP C 187 -5.81 21.07 10.73
C ASP C 187 -7.27 20.65 10.73
N TYR C 188 -7.64 19.67 9.91
CA TYR C 188 -9.04 19.17 9.88
C TYR C 188 -9.41 18.56 11.24
N LEU C 189 -8.54 17.71 11.83
CA LEU C 189 -8.78 17.08 13.16
C LEU C 189 -8.94 18.19 14.22
N MET C 190 -8.15 19.26 14.21
CA MET C 190 -8.38 20.40 15.12
C MET C 190 -9.77 21.00 14.89
N LYS C 191 -10.19 21.19 13.66
CA LYS C 191 -11.50 21.83 13.38
C LYS C 191 -12.61 20.95 13.97
N ILE C 192 -12.63 19.66 13.68
CA ILE C 192 -13.73 18.78 14.17
C ILE C 192 -13.60 18.52 15.69
N LEU C 193 -12.43 18.58 16.31
CA LEU C 193 -12.33 18.53 17.80
C LEU C 193 -12.82 19.85 18.40
N ALA C 194 -12.65 21.00 17.76
CA ALA C 194 -13.29 22.27 18.18
C ALA C 194 -14.83 22.16 18.09
N GLU C 195 -15.36 21.43 17.12
CA GLU C 195 -16.82 21.19 16.99
C GLU C 195 -17.32 20.24 18.10
N ARG C 196 -16.43 19.48 18.74
CA ARG C 196 -16.79 18.63 19.91
C ARG C 196 -16.60 19.41 21.24
N GLY C 197 -16.06 20.63 21.21
CA GLY C 197 -16.06 21.57 22.36
C GLY C 197 -14.70 21.77 23.02
N TYR C 198 -13.65 21.04 22.62
CA TYR C 198 -12.25 21.29 23.06
C TYR C 198 -11.71 22.56 22.40
N THR C 199 -10.64 23.16 22.93
CA THR C 199 -10.03 24.39 22.36
C THR C 199 -8.67 24.04 21.76
N PHE C 200 -8.51 24.21 20.45
CA PHE C 200 -7.24 23.92 19.72
C PHE C 200 -7.01 24.98 18.64
N SER C 201 -6.11 25.94 18.90
CA SER C 201 -5.66 26.96 17.92
C SER C 201 -4.39 27.65 18.43
N THR C 202 -3.28 26.91 18.42
CA THR C 202 -1.93 27.32 18.92
C THR C 202 -0.93 26.27 18.44
N THR C 203 0.34 26.62 18.27
CA THR C 203 1.35 25.68 17.70
C THR C 203 1.62 24.53 18.66
N ALA C 204 1.67 24.76 19.98
CA ALA C 204 1.76 23.70 21.01
C ALA C 204 0.59 22.71 20.86
N GLU C 205 -0.59 23.26 20.58
CA GLU C 205 -1.83 22.48 20.42
C GLU C 205 -1.77 21.68 19.11
N ARG C 206 -1.17 22.22 18.05
CA ARG C 206 -0.97 21.44 16.80
C ARG C 206 -0.07 20.23 17.07
N GLU C 207 1.00 20.37 17.84
CA GLU C 207 1.88 19.22 18.15
C GLU C 207 1.13 18.19 19.02
N ILE C 208 0.25 18.64 19.91
CA ILE C 208 -0.65 17.74 20.69
C ILE C 208 -1.58 16.98 19.72
N VAL C 209 -2.23 17.70 18.80
CA VAL C 209 -3.23 17.08 17.91
C VAL C 209 -2.53 16.16 16.92
N ARG C 210 -1.32 16.47 16.50
CA ARG C 210 -0.52 15.53 15.68
C ARG C 210 -0.32 14.22 16.44
N ASP C 211 0.02 14.29 17.72
CA ASP C 211 0.23 13.07 18.56
C ASP C 211 -1.08 12.28 18.71
N ILE C 212 -2.23 12.96 18.80
CA ILE C 212 -3.57 12.29 18.82
C ILE C 212 -3.79 11.54 17.50
N LYS C 213 -3.61 12.22 16.36
CA LYS C 213 -3.78 11.65 15.00
C LYS C 213 -2.90 10.41 14.82
N GLU C 214 -1.64 10.44 15.21
CA GLU C 214 -0.72 9.29 14.98
C GLU C 214 -0.97 8.13 15.97
N LYS C 215 -1.92 8.22 16.91
CA LYS C 215 -2.28 7.08 17.84
C LYS C 215 -3.74 6.62 17.67
N LEU C 216 -4.69 7.54 17.75
CA LEU C 216 -6.13 7.24 17.83
C LEU C 216 -6.80 7.13 16.47
N CYS C 217 -6.28 7.70 15.38
CA CYS C 217 -7.01 7.69 14.07
C CYS C 217 -6.85 6.37 13.30
N TYR C 218 -7.88 5.99 12.55
CA TYR C 218 -7.85 4.78 11.69
C TYR C 218 -8.76 4.96 10.48
N VAL C 219 -8.65 4.06 9.49
CA VAL C 219 -9.43 4.19 8.23
C VAL C 219 -10.53 3.13 8.29
N ALA C 220 -11.78 3.56 8.19
CA ALA C 220 -12.95 2.66 8.16
C ALA C 220 -12.98 1.85 6.85
N LEU C 221 -13.29 0.56 6.91
CA LEU C 221 -13.50 -0.26 5.69
C LEU C 221 -14.82 0.12 5.00
N ASP C 222 -15.84 0.53 5.74
CA ASP C 222 -17.12 1.08 5.18
C ASP C 222 -17.50 2.32 5.98
N PHE C 223 -17.25 3.50 5.43
CA PHE C 223 -17.40 4.76 6.19
C PHE C 223 -18.86 5.02 6.54
N GLU C 224 -19.80 4.81 5.64
CA GLU C 224 -21.22 5.08 5.97
C GLU C 224 -21.67 4.12 7.08
N GLN C 225 -21.20 2.87 7.08
CA GLN C 225 -21.58 1.90 8.13
C GLN C 225 -20.89 2.22 9.47
N GLU C 226 -19.66 2.73 9.48
CA GLU C 226 -19.03 3.20 10.75
C GLU C 226 -19.73 4.46 11.25
N ILE C 227 -20.17 5.38 10.39
CA ILE C 227 -21.01 6.52 10.83
C ILE C 227 -22.31 5.99 11.45
N GLN C 228 -22.94 4.98 10.83
CA GLN C 228 -24.23 4.40 11.30
C GLN C 228 -24.03 3.75 12.68
N THR C 229 -22.97 2.98 12.86
CA THR C 229 -22.73 2.19 14.11
C THR C 229 -22.05 3.01 15.20
N ALA C 230 -21.41 4.14 14.89
CA ALA C 230 -20.66 4.96 15.88
C ALA C 230 -21.64 5.64 16.85
N ALA C 231 -22.93 5.72 16.52
CA ALA C 231 -24.01 6.32 17.36
C ALA C 231 -23.99 5.76 18.81
N GLN C 232 -23.65 4.48 19.02
CA GLN C 232 -23.47 3.85 20.35
C GLN C 232 -22.37 2.78 20.31
N SER C 233 -21.19 3.08 20.86
CA SER C 233 -20.08 2.11 21.10
C SER C 233 -19.12 2.63 22.17
N SER C 234 -19.09 1.99 23.34
CA SER C 234 -18.17 2.32 24.45
C SER C 234 -16.71 2.01 24.05
N HIS C 235 -16.54 1.12 23.09
CA HIS C 235 -15.24 0.67 22.51
C HIS C 235 -14.60 1.81 21.68
N LEU C 236 -15.43 2.55 20.92
CA LEU C 236 -14.99 3.59 19.95
C LEU C 236 -14.37 4.78 20.68
N GLU C 237 -15.02 5.26 21.75
CA GLU C 237 -14.65 6.52 22.45
C GLU C 237 -13.36 6.30 23.27
N LYS C 238 -12.22 6.17 22.60
CA LYS C 238 -10.88 6.23 23.21
C LYS C 238 -10.55 7.64 23.68
N SER C 239 -9.59 7.73 24.59
CA SER C 239 -9.27 8.96 25.33
C SER C 239 -7.75 9.11 25.43
N TYR C 240 -7.34 10.33 25.78
CA TYR C 240 -5.96 10.79 25.58
C TYR C 240 -5.67 11.82 26.66
N GLU C 241 -4.49 11.75 27.26
CA GLU C 241 -4.12 12.68 28.36
C GLU C 241 -3.15 13.73 27.82
N LEU C 242 -3.49 14.99 28.01
CA LEU C 242 -2.66 16.13 27.54
C LEU C 242 -1.40 16.23 28.39
N PRO C 243 -0.35 16.93 27.92
CA PRO C 243 0.77 17.33 28.78
C PRO C 243 0.39 18.08 30.07
N ASP C 244 -0.71 18.85 30.04
CA ASP C 244 -1.31 19.57 31.19
C ASP C 244 -1.84 18.59 32.25
N GLY C 245 -2.13 17.34 31.86
CA GLY C 245 -2.68 16.30 32.76
C GLY C 245 -4.18 16.11 32.59
N GLN C 246 -4.91 17.06 31.97
CA GLN C 246 -6.36 16.91 31.68
C GLN C 246 -6.59 15.90 30.55
N VAL C 247 -7.81 15.38 30.45
CA VAL C 247 -8.13 14.21 29.58
C VAL C 247 -9.24 14.58 28.59
N ILE C 248 -9.06 14.16 27.33
CA ILE C 248 -10.03 14.37 26.22
C ILE C 248 -10.45 13.02 25.64
N THR C 249 -11.64 12.96 25.06
CA THR C 249 -12.24 11.70 24.55
C THR C 249 -12.78 11.90 23.13
N ILE C 250 -12.22 11.17 22.16
CA ILE C 250 -12.59 11.31 20.72
C ILE C 250 -13.19 10.02 20.13
N GLY C 251 -14.29 10.17 19.39
CA GLY C 251 -15.14 9.05 18.94
C GLY C 251 -15.17 8.95 17.44
N ASN C 252 -16.24 9.41 16.77
CA ASN C 252 -16.33 9.34 15.28
C ASN C 252 -15.16 10.15 14.66
N GLU C 253 -14.62 11.13 15.38
CA GLU C 253 -13.45 11.91 14.88
C GLU C 253 -12.30 10.97 14.57
N ARG C 254 -12.28 9.75 15.09
CA ARG C 254 -11.11 8.86 14.95
C ARG C 254 -11.01 8.44 13.49
N PHE C 255 -12.15 8.22 12.82
CA PHE C 255 -12.15 7.70 11.43
C PHE C 255 -12.60 8.82 10.48
N ARG C 256 -13.32 9.83 10.95
CA ARG C 256 -13.64 11.00 10.11
C ARG C 256 -12.36 11.69 9.60
N ALA C 257 -11.30 11.82 10.39
CA ALA C 257 -10.10 12.57 9.94
C ALA C 257 -9.50 11.85 8.71
N PRO C 258 -9.02 10.60 8.76
CA PRO C 258 -8.43 9.97 7.56
C PRO C 258 -9.38 9.79 6.37
N GLU C 259 -10.69 9.85 6.56
CA GLU C 259 -11.66 9.75 5.42
C GLU C 259 -11.42 10.88 4.42
N ALA C 260 -10.91 12.02 4.85
CA ALA C 260 -10.53 13.14 3.96
C ALA C 260 -9.51 12.72 2.87
N LEU C 261 -8.71 11.69 3.03
CA LEU C 261 -7.87 11.15 1.93
C LEU C 261 -8.75 10.58 0.81
N PHE C 262 -9.87 9.95 1.14
CA PHE C 262 -10.75 9.25 0.17
C PHE C 262 -11.90 10.14 -0.29
N GLN C 263 -12.24 11.19 0.49
CA GLN C 263 -13.29 12.18 0.17
C GLN C 263 -12.78 13.59 0.47
N PRO C 264 -11.89 14.19 -0.33
CA PRO C 264 -11.34 15.52 0.01
C PRO C 264 -12.39 16.63 0.03
N SER C 265 -13.61 16.36 -0.47
CA SER C 265 -14.80 17.24 -0.32
C SER C 265 -15.03 17.62 1.15
N VAL C 266 -14.88 16.67 2.09
CA VAL C 266 -15.17 16.88 3.55
C VAL C 266 -14.23 18.00 4.06
N LEU C 267 -13.07 18.10 3.47
CA LEU C 267 -11.95 19.03 3.84
C LEU C 267 -12.02 20.29 2.98
N GLY C 268 -13.03 20.41 2.11
CA GLY C 268 -13.33 21.64 1.34
C GLY C 268 -12.37 21.90 0.19
N LEU C 269 -11.87 20.88 -0.50
CA LEU C 269 -11.06 21.07 -1.75
C LEU C 269 -11.63 20.22 -2.90
N GLU C 270 -11.52 20.71 -4.14
CA GLU C 270 -12.16 20.04 -5.31
C GLU C 270 -11.13 19.10 -5.95
N SER C 271 -11.04 17.86 -5.47
CA SER C 271 -10.11 16.87 -6.06
C SER C 271 -10.60 15.43 -5.87
N GLY C 272 -10.15 14.53 -6.74
CA GLY C 272 -10.27 13.07 -6.55
C GLY C 272 -9.47 12.65 -5.33
N GLY C 273 -9.94 11.67 -4.55
CA GLY C 273 -9.13 11.11 -3.45
C GLY C 273 -8.07 10.16 -3.94
N ILE C 274 -7.27 9.62 -3.04
CA ILE C 274 -6.03 8.88 -3.36
C ILE C 274 -6.31 7.64 -4.21
N HIS C 275 -7.48 7.06 -4.07
CA HIS C 275 -7.84 5.82 -4.83
C HIS C 275 -8.15 6.19 -6.29
N VAL C 276 -8.92 7.26 -6.51
CA VAL C 276 -9.24 7.76 -7.86
C VAL C 276 -7.94 8.24 -8.52
N THR C 277 -7.08 9.02 -7.85
CA THR C 277 -5.84 9.54 -8.48
C THR C 277 -4.95 8.37 -8.87
N THR C 278 -4.95 7.28 -8.11
CA THR C 278 -4.12 6.10 -8.44
C THR C 278 -4.66 5.45 -9.71
N PHE C 279 -5.96 5.30 -9.83
CA PHE C 279 -6.62 4.74 -11.02
C PHE C 279 -6.31 5.62 -12.24
N ASN C 280 -6.49 6.92 -12.10
CA ASN C 280 -6.17 7.91 -13.16
C ASN C 280 -4.71 7.79 -13.64
N SER C 281 -3.71 7.65 -12.78
CA SER C 281 -2.29 7.51 -13.18
C SER C 281 -2.05 6.25 -13.96
N ILE C 282 -2.73 5.16 -13.62
CA ILE C 282 -2.60 3.85 -14.34
C ILE C 282 -3.20 4.07 -15.72
N MET C 283 -4.32 4.78 -15.80
CA MET C 283 -5.02 5.04 -17.07
C MET C 283 -4.36 6.12 -17.93
N LYS C 284 -3.26 6.73 -17.52
CA LYS C 284 -2.45 7.59 -18.42
C LYS C 284 -1.28 6.77 -18.97
N CYS C 285 -1.06 5.55 -18.54
CA CYS C 285 0.05 4.69 -19.03
C CYS C 285 -0.36 3.86 -20.26
N ASP C 286 0.67 3.29 -20.89
CA ASP C 286 0.57 2.30 -21.99
C ASP C 286 -0.29 1.12 -21.56
N VAL C 287 -1.16 0.64 -22.45
CA VAL C 287 -2.14 -0.44 -22.15
C VAL C 287 -1.40 -1.72 -21.71
N ASP C 288 -0.25 -2.04 -22.30
CA ASP C 288 0.49 -3.29 -22.03
C ASP C 288 1.18 -3.24 -20.64
N VAL C 289 1.34 -2.04 -20.08
CA VAL C 289 1.98 -1.81 -18.76
C VAL C 289 0.95 -2.01 -17.62
N ARG C 290 -0.32 -1.69 -17.81
CA ARG C 290 -1.33 -1.49 -16.73
C ARG C 290 -1.55 -2.75 -15.86
N LYS C 291 -1.50 -3.97 -16.40
CA LYS C 291 -1.62 -5.18 -15.57
C LYS C 291 -0.55 -5.18 -14.47
N ASP C 292 0.67 -4.81 -14.83
CA ASP C 292 1.85 -4.87 -13.93
C ASP C 292 1.75 -3.74 -12.91
N LEU C 293 0.99 -2.69 -13.18
CA LEU C 293 0.83 -1.55 -12.23
C LEU C 293 -0.21 -1.93 -11.17
N TYR C 294 -1.33 -2.52 -11.57
CA TYR C 294 -2.35 -2.97 -10.59
C TYR C 294 -1.81 -4.08 -9.71
N GLY C 295 -1.01 -4.98 -10.27
CA GLY C 295 -0.38 -6.09 -9.52
C GLY C 295 0.73 -5.65 -8.59
N ASN C 296 1.05 -4.34 -8.52
CA ASN C 296 2.19 -3.79 -7.75
C ASN C 296 1.91 -2.36 -7.27
N ILE C 297 0.78 -2.12 -6.60
CA ILE C 297 0.52 -0.77 -6.04
C ILE C 297 1.25 -0.70 -4.69
N VAL C 298 2.17 0.25 -4.55
CA VAL C 298 3.06 0.34 -3.37
C VAL C 298 2.72 1.61 -2.63
N MET C 299 2.72 1.54 -1.30
CA MET C 299 2.35 2.70 -0.44
C MET C 299 3.58 3.16 0.34
N SER C 300 3.78 4.46 0.45
CA SER C 300 5.05 5.04 0.97
C SER C 300 4.74 6.34 1.69
N GLY C 301 5.50 6.63 2.71
CA GLY C 301 5.37 7.90 3.43
C GLY C 301 4.50 7.80 4.66
N GLY C 302 4.62 8.77 5.54
CA GLY C 302 4.06 8.71 6.89
C GLY C 302 2.54 8.68 6.85
N THR C 303 1.92 9.41 5.94
CA THR C 303 0.44 9.48 5.90
C THR C 303 -0.14 8.13 5.44
N THR C 304 0.66 7.11 5.14
CA THR C 304 0.09 5.81 4.69
C THR C 304 0.07 4.86 5.88
N MET C 305 0.31 5.38 7.08
CA MET C 305 0.51 4.47 8.26
C MET C 305 -0.82 4.21 8.99
N TYR C 306 -1.88 4.98 8.76
CA TYR C 306 -3.20 4.76 9.41
C TYR C 306 -3.64 3.31 9.32
N PRO C 307 -4.09 2.67 10.44
CA PRO C 307 -4.55 1.28 10.41
C PRO C 307 -5.74 1.09 9.45
N GLY C 308 -5.71 0.01 8.68
CA GLY C 308 -6.76 -0.34 7.72
C GLY C 308 -6.64 0.34 6.37
N LEU C 309 -5.63 1.16 6.13
CA LEU C 309 -5.54 1.95 4.88
C LEU C 309 -5.39 1.02 3.67
N SER C 310 -4.52 0.01 3.75
CA SER C 310 -4.27 -0.91 2.61
C SER C 310 -5.59 -1.62 2.28
N ASP C 311 -6.39 -1.93 3.28
CA ASP C 311 -7.59 -2.79 3.11
C ASP C 311 -8.65 -1.96 2.39
N ARG C 312 -8.73 -0.70 2.74
CA ARG C 312 -9.62 0.26 2.03
C ARG C 312 -9.09 0.49 0.61
N MET C 313 -7.78 0.67 0.37
CA MET C 313 -7.19 0.79 -1.00
C MET C 313 -7.51 -0.46 -1.83
N GLN C 314 -7.35 -1.64 -1.32
CA GLN C 314 -7.71 -2.88 -2.07
C GLN C 314 -9.19 -2.84 -2.47
N LYS C 315 -10.08 -2.42 -1.59
CA LYS C 315 -11.53 -2.37 -1.87
C LYS C 315 -11.87 -1.23 -2.85
N GLU C 316 -11.28 -0.06 -2.67
CA GLU C 316 -11.58 1.17 -3.44
C GLU C 316 -11.07 1.05 -4.89
N ILE C 317 -9.86 0.57 -5.08
CA ILE C 317 -9.27 0.40 -6.43
C ILE C 317 -9.95 -0.78 -7.14
N THR C 318 -10.39 -1.79 -6.44
CA THR C 318 -11.15 -2.91 -7.02
C THR C 318 -12.48 -2.42 -7.57
N ALA C 319 -13.11 -1.42 -6.99
CA ALA C 319 -14.39 -0.86 -7.50
C ALA C 319 -14.18 -0.13 -8.84
N LEU C 320 -13.08 0.58 -9.00
CA LEU C 320 -12.74 1.35 -10.22
C LEU C 320 -12.25 0.36 -11.31
N ALA C 321 -11.30 -0.52 -11.00
CA ALA C 321 -10.59 -1.41 -11.96
C ALA C 321 -11.54 -2.44 -12.59
N PRO C 322 -11.18 -3.00 -13.77
CA PRO C 322 -11.97 -4.09 -14.36
C PRO C 322 -11.95 -5.36 -13.50
N SER C 323 -13.00 -6.18 -13.61
CA SER C 323 -13.17 -7.46 -12.86
C SER C 323 -12.08 -8.48 -13.22
N SER C 324 -11.42 -8.34 -14.37
CA SER C 324 -10.32 -9.24 -14.81
C SER C 324 -9.00 -8.90 -14.12
N MET C 325 -8.85 -7.69 -13.54
CA MET C 325 -7.55 -7.25 -12.95
C MET C 325 -7.32 -7.88 -11.57
N LYS C 326 -6.06 -8.15 -11.27
CA LYS C 326 -5.58 -8.74 -10.00
C LYS C 326 -4.88 -7.62 -9.22
N VAL C 327 -5.65 -6.72 -8.62
CA VAL C 327 -5.12 -5.62 -7.75
C VAL C 327 -4.42 -6.19 -6.51
N LYS C 328 -3.20 -5.77 -6.25
CA LYS C 328 -2.44 -6.04 -5.02
C LYS C 328 -1.86 -4.75 -4.44
N ILE C 329 -2.11 -4.49 -3.16
CA ILE C 329 -1.52 -3.35 -2.40
C ILE C 329 -0.32 -3.86 -1.56
N ILE C 330 0.80 -3.20 -1.70
CA ILE C 330 2.03 -3.54 -0.94
C ILE C 330 2.24 -2.37 0.01
N ALA C 331 2.23 -2.65 1.31
CA ALA C 331 2.45 -1.68 2.40
C ALA C 331 3.33 -2.36 3.43
N PRO C 332 4.67 -2.39 3.26
CA PRO C 332 5.53 -3.07 4.22
C PRO C 332 5.62 -2.32 5.58
N PRO C 333 6.16 -2.95 6.63
CA PRO C 333 6.23 -2.33 7.95
C PRO C 333 7.08 -1.05 8.01
N GLU C 334 8.14 -0.99 7.17
CA GLU C 334 9.16 0.08 7.17
C GLU C 334 8.74 1.26 6.28
N ARG C 335 7.54 1.24 5.72
CA ARG C 335 7.10 2.21 4.71
C ARG C 335 7.13 3.69 5.08
N LYS C 336 7.21 4.11 6.32
CA LYS C 336 7.40 5.59 6.59
C LYS C 336 8.85 6.00 6.26
N TYR C 337 9.76 5.07 6.10
CA TYR C 337 11.19 5.31 5.74
C TYR C 337 11.59 4.59 4.43
N SER C 338 10.66 4.14 3.59
CA SER C 338 10.99 3.45 2.31
C SER C 338 11.88 4.34 1.43
N VAL C 339 11.65 5.64 1.38
CA VAL C 339 12.47 6.56 0.55
C VAL C 339 13.90 6.61 1.06
N TRP C 340 14.10 6.72 2.35
CA TRP C 340 15.48 6.64 2.93
C TRP C 340 16.14 5.28 2.69
N ILE C 341 15.39 4.22 2.89
CA ILE C 341 15.91 2.83 2.78
C ILE C 341 16.31 2.59 1.34
N GLY C 342 15.50 3.08 0.37
CA GLY C 342 15.87 2.88 -1.05
C GLY C 342 17.15 3.66 -1.36
N GLY C 343 17.28 4.87 -0.79
CA GLY C 343 18.51 5.65 -0.89
C GLY C 343 19.69 4.84 -0.36
N SER C 344 19.58 4.27 0.83
CA SER C 344 20.70 3.57 1.48
C SER C 344 21.15 2.41 0.59
N ILE C 345 20.18 1.68 0.04
CA ILE C 345 20.49 0.49 -0.79
C ILE C 345 21.22 0.99 -2.04
N LEU C 346 20.69 1.95 -2.75
CA LEU C 346 21.35 2.50 -3.95
C LEU C 346 22.78 2.88 -3.59
N ALA C 347 22.97 3.78 -2.66
CA ALA C 347 24.28 4.40 -2.39
C ALA C 347 25.25 3.39 -1.77
N SER C 348 24.88 2.12 -1.63
CA SER C 348 25.78 1.09 -1.05
C SER C 348 26.13 0.06 -2.11
N LEU C 349 25.55 0.15 -3.31
CA LEU C 349 25.97 -0.65 -4.52
C LEU C 349 27.31 -0.16 -5.07
N SER C 350 28.20 -1.06 -5.46
CA SER C 350 29.49 -0.71 -6.10
C SER C 350 29.25 0.09 -7.40
N THR C 351 28.12 -0.17 -8.04
CA THR C 351 27.66 0.55 -9.26
C THR C 351 27.47 2.04 -8.99
N PHE C 352 27.16 2.50 -7.80
CA PHE C 352 26.97 3.95 -7.50
C PHE C 352 28.25 4.77 -7.80
N GLN C 353 29.43 4.17 -7.68
CA GLN C 353 30.71 4.90 -7.89
C GLN C 353 30.79 5.44 -9.32
N GLN C 354 29.96 4.92 -10.24
CA GLN C 354 30.04 5.16 -11.69
C GLN C 354 28.67 5.61 -12.15
N MET C 355 28.03 6.39 -11.28
CA MET C 355 26.65 6.92 -11.40
C MET C 355 26.60 8.34 -10.78
N TRP C 356 27.47 8.65 -9.84
CA TRP C 356 27.53 9.98 -9.18
C TRP C 356 28.20 11.02 -10.07
N ILE C 357 27.87 12.28 -9.84
CA ILE C 357 28.62 13.46 -10.34
C ILE C 357 29.89 13.62 -9.49
N SER C 358 31.05 13.54 -10.10
CA SER C 358 32.36 13.81 -9.46
C SER C 358 32.55 15.30 -9.38
N LYS C 359 33.31 15.84 -8.41
CA LYS C 359 33.56 17.31 -8.37
C LYS C 359 34.49 17.77 -9.49
N GLN C 360 35.28 16.89 -10.11
CA GLN C 360 35.91 17.23 -11.43
C GLN C 360 34.85 17.51 -12.52
N GLU C 361 33.79 16.73 -12.64
CA GLU C 361 32.76 16.98 -13.67
C GLU C 361 32.05 18.32 -13.36
N TYR C 362 31.95 18.69 -12.09
CA TYR C 362 31.29 19.94 -11.69
C TYR C 362 32.23 21.07 -12.10
N ASP C 363 33.54 20.95 -11.86
CA ASP C 363 34.52 22.02 -12.21
C ASP C 363 34.45 22.34 -13.72
N GLU C 364 34.29 21.33 -14.57
CA GLU C 364 34.30 21.50 -16.03
C GLU C 364 32.94 21.89 -16.60
N SER C 365 31.83 21.46 -16.02
CA SER C 365 30.49 21.52 -16.65
C SER C 365 29.53 22.45 -15.91
N GLY C 366 29.79 22.72 -14.64
CA GLY C 366 28.96 23.64 -13.85
C GLY C 366 27.70 22.92 -13.41
N PRO C 367 26.81 23.68 -12.77
CA PRO C 367 25.56 23.14 -12.20
C PRO C 367 24.69 22.30 -13.15
N SER C 368 24.71 22.56 -14.47
CA SER C 368 23.83 21.86 -15.43
C SER C 368 24.26 20.41 -15.65
N ILE C 369 25.43 20.01 -15.17
CA ILE C 369 25.89 18.59 -15.31
C ILE C 369 24.78 17.65 -14.76
N VAL C 370 23.98 18.09 -13.78
CA VAL C 370 23.01 17.22 -13.06
C VAL C 370 21.95 16.70 -14.05
N HIS C 371 21.61 17.43 -15.11
CA HIS C 371 20.60 16.93 -16.10
C HIS C 371 21.17 15.84 -17.00
N ARG C 372 22.44 15.93 -17.32
CA ARG C 372 23.16 14.92 -18.13
C ARG C 372 23.27 13.63 -17.32
N LYS C 373 23.44 13.70 -15.99
CA LYS C 373 23.95 12.54 -15.20
C LYS C 373 22.93 11.95 -14.22
N CYS C 374 21.91 12.69 -13.81
CA CYS C 374 20.91 12.22 -12.81
C CYS C 374 19.54 12.23 -13.48
N PHE C 375 19.00 11.02 -13.64
CA PHE C 375 17.66 10.75 -14.24
C PHE C 375 16.68 10.37 -13.14
N ALA D 13 37.62 32.01 -24.77
CA ALA D 13 36.79 32.35 -23.56
C ALA D 13 37.02 31.32 -22.44
N ASP D 14 36.52 30.08 -22.60
CA ASP D 14 36.63 28.95 -21.65
C ASP D 14 35.90 29.26 -20.33
N ILE D 15 34.92 30.17 -20.37
CA ILE D 15 34.14 30.56 -19.16
C ILE D 15 32.81 29.79 -19.08
N TYR D 16 32.40 28.99 -20.06
CA TYR D 16 31.01 28.48 -20.13
C TYR D 16 30.92 26.98 -19.85
N GLY D 17 29.78 26.56 -19.30
CA GLY D 17 29.47 25.16 -18.95
C GLY D 17 28.79 24.36 -20.05
N GLY D 18 28.20 23.24 -19.67
CA GLY D 18 27.38 22.40 -20.56
C GLY D 18 26.04 23.04 -20.87
N ASP D 19 25.61 23.98 -20.04
CA ASP D 19 24.39 24.82 -20.21
C ASP D 19 24.46 25.51 -21.59
N GLU D 20 23.40 25.46 -22.39
CA GLU D 20 23.34 26.26 -23.64
C GLU D 20 21.99 26.99 -23.65
N VAL D 21 20.96 26.40 -24.22
CA VAL D 21 19.59 26.98 -24.17
C VAL D 21 18.61 25.93 -23.64
N SER D 22 17.91 26.28 -22.58
CA SER D 22 16.77 25.49 -22.04
C SER D 22 15.49 26.06 -22.67
N ALA D 23 15.01 25.43 -23.74
CA ALA D 23 13.81 25.90 -24.45
C ALA D 23 12.61 25.17 -23.86
N LEU D 24 11.49 25.90 -23.76
CA LEU D 24 10.18 25.27 -23.46
C LEU D 24 9.53 24.86 -24.77
N VAL D 25 8.95 23.69 -24.81
CA VAL D 25 8.26 23.15 -26.01
C VAL D 25 6.80 22.96 -25.63
N LEU D 26 5.91 23.64 -26.34
CA LEU D 26 4.47 23.64 -26.10
C LEU D 26 3.73 23.08 -27.32
N ASP D 27 2.80 22.16 -27.12
CA ASP D 27 2.04 21.46 -28.18
C ASP D 27 0.56 21.35 -27.84
N PRO D 28 -0.29 22.38 -28.12
CA PRO D 28 -1.72 22.33 -27.83
C PRO D 28 -2.53 21.63 -28.89
N GLY D 29 -3.51 20.83 -28.45
CA GLY D 29 -4.41 19.96 -29.24
C GLY D 29 -5.81 19.92 -28.66
N TYR D 30 -6.80 19.41 -29.40
CA TYR D 30 -8.23 19.50 -29.07
C TYR D 30 -8.53 18.56 -27.92
N CYS D 31 -7.83 17.44 -27.89
CA CYS D 31 -7.99 16.47 -26.80
C CYS D 31 -7.02 16.82 -25.67
N ASN D 32 -5.75 16.93 -26.00
CA ASN D 32 -4.63 17.03 -25.04
C ASN D 32 -3.73 18.25 -25.32
N THR D 33 -3.11 18.80 -24.31
CA THR D 33 -2.03 19.80 -24.41
C THR D 33 -0.79 19.26 -23.68
N ARG D 34 0.38 19.41 -24.28
CA ARG D 34 1.62 18.77 -23.78
C ARG D 34 2.72 19.84 -23.70
N ALA D 35 3.47 19.85 -22.61
CA ALA D 35 4.49 20.87 -22.33
C ALA D 35 5.69 20.22 -21.61
N GLY D 36 6.85 20.85 -21.74
CA GLY D 36 8.11 20.24 -21.30
C GLY D 36 9.31 21.08 -21.75
N PHE D 37 10.49 20.55 -21.48
CA PHE D 37 11.75 21.14 -21.92
C PHE D 37 12.27 20.38 -23.13
N ALA D 38 12.95 21.08 -24.04
CA ALA D 38 13.63 20.43 -25.18
C ALA D 38 14.76 19.53 -24.64
N GLY D 39 15.20 18.56 -25.40
CA GLY D 39 16.28 17.69 -24.90
C GLY D 39 15.77 16.59 -24.00
N GLU D 40 14.48 16.30 -24.03
CA GLU D 40 13.85 15.25 -23.19
C GLU D 40 12.93 14.39 -24.04
N GLU D 41 12.89 13.11 -23.75
CA GLU D 41 12.31 12.09 -24.63
C GLU D 41 10.79 12.16 -24.60
N MET D 42 10.16 12.73 -23.55
CA MET D 42 8.68 12.86 -23.46
C MET D 42 8.28 14.09 -22.70
N PRO D 43 7.07 14.63 -22.91
CA PRO D 43 6.63 15.82 -22.16
C PRO D 43 6.42 15.49 -20.68
N LYS D 44 6.78 16.44 -19.83
CA LYS D 44 6.63 16.29 -18.37
C LYS D 44 5.15 16.43 -18.10
N GLN D 45 4.53 17.48 -18.62
CA GLN D 45 3.12 17.83 -18.33
C GLN D 45 2.24 17.50 -19.53
N VAL D 46 1.30 16.57 -19.36
CA VAL D 46 0.23 16.29 -20.34
C VAL D 46 -1.13 16.44 -19.66
N ILE D 47 -1.98 17.36 -20.11
CA ILE D 47 -3.32 17.60 -19.51
C ILE D 47 -4.38 17.67 -20.58
N PRO D 48 -5.64 17.30 -20.24
CA PRO D 48 -6.74 17.52 -21.16
C PRO D 48 -6.85 18.98 -21.54
N SER D 49 -7.28 19.23 -22.75
CA SER D 49 -7.61 20.60 -23.23
C SER D 49 -8.99 20.99 -22.73
N PHE D 50 -9.82 20.02 -22.40
CA PHE D 50 -11.07 20.23 -21.63
C PHE D 50 -10.70 20.65 -20.21
N TYR D 51 -11.27 21.74 -19.74
CA TYR D 51 -10.99 22.29 -18.39
C TYR D 51 -12.33 22.50 -17.67
N GLY D 52 -12.31 22.41 -16.33
CA GLY D 52 -13.45 22.70 -15.45
C GLY D 52 -13.67 24.19 -15.28
N HIS D 53 -14.93 24.62 -15.21
CA HIS D 53 -15.33 25.94 -14.71
C HIS D 53 -16.39 25.76 -13.61
N VAL D 54 -16.30 26.53 -12.51
CA VAL D 54 -17.22 26.35 -11.35
C VAL D 54 -17.89 27.66 -10.93
N ASP D 55 -17.12 28.55 -10.30
CA ASP D 55 -17.64 29.80 -9.67
C ASP D 55 -16.70 30.95 -10.07
N GLY D 56 -16.55 31.18 -11.38
CA GLY D 56 -15.56 32.11 -11.95
C GLY D 56 -14.17 31.48 -12.00
N ARG D 57 -13.90 30.47 -11.16
CA ARG D 57 -12.63 29.69 -11.12
C ARG D 57 -12.57 28.70 -12.28
N ASP D 58 -11.40 28.62 -12.92
CA ASP D 58 -11.06 27.64 -13.99
C ASP D 58 -10.10 26.60 -13.42
N LEU D 59 -10.30 25.33 -13.74
CA LEU D 59 -9.65 24.18 -13.06
C LEU D 59 -8.99 23.25 -14.08
N PHE D 60 -7.67 23.09 -14.01
CA PHE D 60 -6.85 22.41 -15.05
C PHE D 60 -6.27 21.11 -14.49
N GLY D 61 -6.34 20.04 -15.28
CA GLY D 61 -5.79 18.71 -14.94
C GLY D 61 -6.89 17.68 -14.80
N ASP D 62 -6.62 16.46 -15.24
CA ASP D 62 -7.53 15.29 -15.21
C ASP D 62 -7.98 14.98 -13.77
N GLU D 63 -7.19 15.42 -12.80
CA GLU D 63 -7.33 15.21 -11.33
C GLU D 63 -8.32 16.21 -10.68
N VAL D 64 -8.69 17.30 -11.34
CA VAL D 64 -9.54 18.39 -10.76
C VAL D 64 -10.96 18.30 -11.33
N ILE D 65 -11.19 17.44 -12.30
CA ILE D 65 -12.54 17.21 -12.86
C ILE D 65 -13.24 16.21 -11.94
N VAL D 66 -14.20 16.66 -11.13
CA VAL D 66 -14.88 15.85 -10.06
C VAL D 66 -16.29 16.36 -9.79
N PRO D 67 -17.30 15.51 -9.50
CA PRO D 67 -18.70 15.96 -9.42
C PRO D 67 -18.96 16.98 -8.29
N ARG D 68 -19.47 18.14 -8.68
CA ARG D 68 -19.74 19.30 -7.78
C ARG D 68 -20.93 20.07 -8.37
N ALA D 69 -21.59 20.91 -7.57
CA ALA D 69 -22.92 21.46 -7.89
C ALA D 69 -22.88 22.37 -9.13
N GLY D 70 -21.87 23.22 -9.25
CA GLY D 70 -21.79 24.24 -10.34
C GLY D 70 -21.06 23.75 -11.59
N PHE D 71 -20.45 22.56 -11.56
CA PHE D 71 -19.30 22.18 -12.42
C PHE D 71 -19.75 22.02 -13.88
N GLU D 72 -19.03 22.71 -14.76
CA GLU D 72 -19.27 22.72 -16.22
C GLU D 72 -17.92 22.50 -16.90
N VAL D 73 -17.91 21.75 -18.00
CA VAL D 73 -16.64 21.44 -18.73
C VAL D 73 -16.64 22.19 -20.05
N ARG D 74 -15.52 22.87 -20.32
CA ARG D 74 -15.29 23.69 -21.54
C ARG D 74 -13.98 23.29 -22.22
N ASN D 75 -13.78 23.74 -23.46
CA ASN D 75 -12.53 23.55 -24.23
C ASN D 75 -12.07 24.92 -24.76
N TYR D 76 -10.76 25.19 -24.78
CA TYR D 76 -10.20 26.43 -25.36
C TYR D 76 -9.74 26.21 -26.81
N MET D 77 -9.83 24.98 -27.32
CA MET D 77 -9.55 24.61 -28.73
C MET D 77 -10.86 24.35 -29.49
N ASN D 78 -10.96 24.73 -30.76
CA ASN D 78 -12.09 24.35 -31.66
C ASN D 78 -11.76 23.04 -32.40
N ARG D 79 -12.71 22.44 -33.11
CA ARG D 79 -12.44 21.21 -33.92
C ARG D 79 -11.72 21.56 -35.24
N ASP D 80 -11.25 22.79 -35.42
CA ASP D 80 -10.23 23.08 -36.44
C ASP D 80 -8.84 22.88 -35.86
N SER D 81 -8.70 22.42 -34.62
CA SER D 81 -7.41 22.24 -33.90
C SER D 81 -6.69 23.60 -33.71
N MET D 82 -7.46 24.69 -33.54
CA MET D 82 -6.91 26.04 -33.33
C MET D 82 -7.51 26.65 -32.05
N VAL D 83 -6.87 27.66 -31.48
CA VAL D 83 -7.38 28.27 -30.23
C VAL D 83 -8.68 29.03 -30.55
N GLU D 84 -9.73 28.71 -29.81
CA GLU D 84 -11.05 29.36 -29.90
C GLU D 84 -11.13 30.51 -28.90
N ASP D 85 -10.47 30.37 -27.73
CA ASP D 85 -10.59 31.35 -26.61
C ASP D 85 -9.20 31.71 -26.08
N TRP D 86 -8.67 32.86 -26.49
CA TRP D 86 -7.30 33.28 -26.11
C TRP D 86 -7.19 33.62 -24.64
N ASP D 87 -8.29 33.94 -23.98
CA ASP D 87 -8.26 34.23 -22.52
C ASP D 87 -7.96 32.90 -21.81
N ALA D 88 -8.79 31.89 -22.08
CA ALA D 88 -8.68 30.54 -21.49
C ALA D 88 -7.33 29.93 -21.89
N ALA D 89 -6.90 30.08 -23.14
CA ALA D 89 -5.61 29.57 -23.63
C ALA D 89 -4.51 30.18 -22.76
N THR D 90 -4.59 31.47 -22.47
CA THR D 90 -3.55 32.12 -21.63
C THR D 90 -3.55 31.51 -20.22
N ARG D 91 -4.72 31.29 -19.61
CA ARG D 91 -4.80 30.64 -18.26
C ARG D 91 -4.25 29.21 -18.28
N VAL D 92 -4.59 28.40 -19.30
CA VAL D 92 -4.06 27.01 -19.42
C VAL D 92 -2.53 27.01 -19.59
N TRP D 93 -2.00 27.88 -20.44
CA TRP D 93 -0.55 27.91 -20.72
C TRP D 93 0.19 28.52 -19.54
N GLU D 94 -0.42 29.47 -18.81
CA GLU D 94 0.16 29.98 -17.54
C GLU D 94 0.30 28.80 -16.56
N TYR D 95 -0.75 27.99 -16.40
CA TYR D 95 -0.71 26.83 -15.49
C TYR D 95 0.46 25.90 -15.87
N LEU D 96 0.53 25.47 -17.13
CA LEU D 96 1.60 24.51 -17.55
C LEU D 96 2.98 25.15 -17.47
N LEU D 97 3.21 26.24 -18.16
CA LEU D 97 4.57 26.78 -18.32
C LEU D 97 5.04 27.48 -17.03
N VAL D 98 4.17 28.15 -16.26
CA VAL D 98 4.65 28.93 -15.07
C VAL D 98 4.48 28.11 -13.78
N GLN D 99 3.26 27.72 -13.42
CA GLN D 99 3.02 27.04 -12.11
C GLN D 99 3.68 25.66 -12.03
N ARG D 100 3.61 24.85 -13.08
CA ARG D 100 4.09 23.45 -13.04
C ARG D 100 5.58 23.35 -13.41
N LEU D 101 6.09 24.19 -14.32
CA LEU D 101 7.46 23.97 -14.88
C LEU D 101 8.48 24.93 -14.28
N GLN D 102 8.11 25.95 -13.51
CA GLN D 102 9.12 26.83 -12.84
C GLN D 102 9.14 26.62 -11.32
N PRO D 103 10.16 27.17 -10.61
CA PRO D 103 10.15 27.31 -9.15
C PRO D 103 8.98 28.08 -8.57
N PRO D 104 8.37 27.61 -7.45
CA PRO D 104 7.35 28.39 -6.75
C PRO D 104 7.89 29.56 -5.90
N ARG D 105 6.98 30.42 -5.44
CA ARG D 105 7.23 31.42 -4.38
C ARG D 105 6.90 30.84 -3.02
N PRO D 106 7.56 31.26 -1.91
CA PRO D 106 7.24 30.73 -0.57
C PRO D 106 5.95 31.32 0.06
N THR D 107 5.27 30.56 0.91
CA THR D 107 4.11 31.04 1.72
C THR D 107 4.58 32.02 2.79
N PRO D 108 3.80 33.06 3.16
CA PRO D 108 4.14 33.91 4.30
C PRO D 108 4.19 33.20 5.67
N ALA D 109 5.12 33.66 6.52
CA ALA D 109 5.36 33.17 7.90
C ALA D 109 4.10 33.25 8.78
N SER D 110 3.20 34.22 8.52
CA SER D 110 1.93 34.41 9.25
C SER D 110 0.90 33.31 8.91
N LYS D 111 1.09 32.57 7.80
CA LYS D 111 0.07 31.63 7.26
C LYS D 111 0.51 30.17 7.38
N ASN D 112 1.77 29.90 7.69
CA ASN D 112 2.33 28.52 7.71
C ASN D 112 1.87 27.73 8.94
N GLY D 113 1.30 28.41 9.97
CA GLY D 113 0.75 27.76 11.18
C GLY D 113 1.77 27.48 12.28
N LEU D 114 3.07 27.70 12.05
CA LEU D 114 4.12 27.54 13.10
C LEU D 114 4.11 28.71 14.10
N ASN D 115 3.73 29.93 13.71
CA ASN D 115 4.06 31.15 14.50
C ASN D 115 2.85 31.71 15.30
N VAL D 116 1.69 31.05 15.28
CA VAL D 116 0.42 31.52 15.90
C VAL D 116 0.06 32.92 15.35
N LYS D 139 9.27 39.05 -14.75
CA LYS D 139 8.20 38.20 -15.36
C LYS D 139 8.67 36.74 -15.39
N PRO D 140 7.77 35.73 -15.58
CA PRO D 140 8.12 34.35 -15.25
C PRO D 140 8.97 33.52 -16.23
N LEU D 141 8.98 33.77 -17.56
CA LEU D 141 9.76 32.87 -18.45
C LEU D 141 11.05 33.51 -18.98
N THR D 142 11.70 34.36 -18.20
CA THR D 142 12.85 35.18 -18.67
C THR D 142 14.07 34.36 -19.07
N GLU D 143 14.12 33.05 -18.80
CA GLU D 143 15.34 32.26 -19.02
C GLU D 143 15.15 31.29 -20.18
N ASN D 144 13.93 31.10 -20.67
CA ASN D 144 13.58 29.94 -21.56
C ASN D 144 12.84 30.47 -22.79
N PRO D 145 13.39 30.36 -24.02
CA PRO D 145 12.60 30.66 -25.21
C PRO D 145 11.55 29.54 -25.47
N LEU D 146 10.45 29.93 -26.08
CA LEU D 146 9.24 29.10 -26.24
C LEU D 146 9.03 28.65 -27.69
N LEU D 147 9.00 27.35 -27.91
CA LEU D 147 8.68 26.71 -29.22
C LEU D 147 7.26 26.18 -29.20
N MET D 148 6.39 26.74 -30.04
CA MET D 148 4.94 26.49 -29.98
C MET D 148 4.54 25.78 -31.27
N THR D 149 3.67 24.80 -31.18
CA THR D 149 3.25 23.94 -32.30
C THR D 149 1.85 24.35 -32.79
N GLU D 150 1.66 24.47 -34.10
CA GLU D 150 0.39 24.89 -34.78
C GLU D 150 -0.06 23.78 -35.77
N ALA D 151 -1.33 23.77 -36.16
CA ALA D 151 -1.84 22.88 -37.22
C ALA D 151 -1.41 23.46 -38.56
N PRO D 152 -1.22 22.63 -39.61
CA PRO D 152 -0.71 23.14 -40.90
C PRO D 152 -1.67 24.05 -41.67
N TRP D 153 -2.95 24.09 -41.30
CA TRP D 153 -3.95 25.03 -41.85
C TRP D 153 -4.25 26.20 -40.91
N ASN D 154 -3.35 26.52 -39.99
CA ASN D 154 -3.54 27.65 -39.05
C ASN D 154 -3.40 29.00 -39.78
N THR D 155 -4.48 29.79 -39.82
CA THR D 155 -4.56 31.08 -40.58
C THR D 155 -3.69 32.18 -39.97
N PRO D 156 -3.10 33.11 -40.78
CA PRO D 156 -2.19 34.15 -40.27
C PRO D 156 -2.67 35.03 -39.09
N LYS D 157 -3.94 35.41 -39.00
CA LYS D 157 -4.45 36.18 -37.84
C LYS D 157 -4.18 35.44 -36.52
N ALA D 158 -4.36 34.13 -36.52
CA ALA D 158 -4.13 33.29 -35.33
C ALA D 158 -2.64 33.26 -34.99
N ARG D 159 -1.77 33.14 -36.00
CA ARG D 159 -0.31 33.15 -35.77
C ARG D 159 0.11 34.50 -35.17
N GLU D 160 -0.40 35.61 -35.68
CA GLU D 160 -0.13 36.97 -35.15
C GLU D 160 -0.56 37.03 -33.68
N LYS D 161 -1.71 36.46 -33.33
CA LYS D 161 -2.20 36.53 -31.94
C LYS D 161 -1.36 35.63 -31.04
N ALA D 162 -0.82 34.53 -31.53
CA ALA D 162 0.04 33.64 -30.72
C ALA D 162 1.28 34.41 -30.22
N ILE D 163 2.08 35.02 -31.08
CA ILE D 163 3.26 35.81 -30.63
C ILE D 163 2.84 37.02 -29.78
N GLU D 164 1.76 37.72 -30.12
CA GLU D 164 1.23 38.87 -29.34
C GLU D 164 0.96 38.42 -27.89
N VAL D 165 0.22 37.34 -27.71
CA VAL D 165 -0.14 36.80 -26.37
C VAL D 165 1.13 36.34 -25.64
N VAL D 166 2.01 35.62 -26.32
CA VAL D 166 3.23 35.05 -25.70
C VAL D 166 4.18 36.16 -25.28
N MET D 167 4.45 37.16 -26.10
CA MET D 167 5.44 38.23 -25.73
C MET D 167 4.87 39.14 -24.62
N GLU D 168 3.56 39.46 -24.60
CA GLU D 168 2.98 40.40 -23.62
C GLU D 168 2.84 39.79 -22.23
N ASN D 169 2.47 38.53 -22.10
CA ASN D 169 2.17 37.91 -20.80
C ASN D 169 3.43 37.49 -20.03
N TRP D 170 4.49 36.99 -20.67
CA TRP D 170 5.42 36.09 -19.93
C TRP D 170 6.87 36.52 -19.91
N GLY D 171 7.28 37.54 -20.64
CA GLY D 171 8.70 37.94 -20.55
C GLY D 171 9.67 36.92 -21.13
N THR D 172 9.15 36.02 -21.97
CA THR D 172 9.91 35.06 -22.81
C THR D 172 10.94 35.83 -23.64
N PRO D 173 12.20 35.36 -23.72
CA PRO D 173 13.25 36.06 -24.45
C PRO D 173 13.04 36.00 -25.97
N ALA D 174 12.49 34.90 -26.47
CA ALA D 174 12.45 34.56 -27.90
C ALA D 174 11.46 33.42 -28.17
N PHE D 175 10.94 33.33 -29.38
CA PHE D 175 9.73 32.57 -29.76
C PHE D 175 9.93 31.90 -31.11
N TRP D 176 9.29 30.78 -31.28
CA TRP D 176 9.22 30.06 -32.58
C TRP D 176 7.88 29.37 -32.64
N LEU D 177 7.37 29.19 -33.85
CA LEU D 177 6.00 28.71 -34.08
C LEU D 177 6.05 27.78 -35.27
N SER D 178 5.88 26.48 -35.07
CA SER D 178 6.08 25.51 -36.18
C SER D 178 4.94 24.55 -36.33
N ARG D 179 4.94 23.88 -37.47
CA ARG D 179 3.78 23.10 -37.92
C ARG D 179 3.99 21.66 -37.48
N THR D 180 2.91 21.11 -36.94
CA THR D 180 2.76 19.72 -36.46
C THR D 180 3.39 18.71 -37.42
N PRO D 181 3.17 18.74 -38.76
CA PRO D 181 3.75 17.74 -39.66
C PRO D 181 5.28 17.73 -39.75
N VAL D 182 5.89 18.93 -39.67
CA VAL D 182 7.38 19.05 -39.76
C VAL D 182 7.95 18.36 -38.55
N LEU D 183 7.39 18.69 -37.39
CA LEU D 183 7.86 18.12 -36.12
C LEU D 183 7.68 16.59 -36.17
N ALA D 184 6.52 16.07 -36.56
CA ALA D 184 6.35 14.59 -36.66
C ALA D 184 7.41 13.97 -37.61
N ALA D 185 7.84 14.63 -38.69
CA ALA D 185 8.84 14.04 -39.60
C ALA D 185 10.20 14.03 -38.88
N PHE D 186 10.57 15.12 -38.17
CA PHE D 186 11.86 15.13 -37.42
C PHE D 186 11.82 14.11 -36.25
N ALA D 187 10.66 13.91 -35.63
CA ALA D 187 10.42 12.86 -34.62
C ALA D 187 10.64 11.46 -35.19
N ALA D 188 10.54 11.28 -36.50
CA ALA D 188 10.86 9.99 -37.19
C ALA D 188 12.27 10.00 -37.74
N GLY D 189 13.00 11.13 -37.60
CA GLY D 189 14.40 11.28 -38.03
C GLY D 189 14.52 11.51 -39.53
N LYS D 190 13.59 12.27 -40.13
CA LYS D 190 13.45 12.35 -41.60
C LYS D 190 13.37 13.80 -42.06
N ALA D 191 14.10 14.10 -43.14
CA ALA D 191 14.09 15.39 -43.85
C ALA D 191 12.82 15.52 -44.69
N THR D 192 12.50 14.45 -45.39
CA THR D 192 11.46 14.41 -46.45
C THR D 192 10.60 13.19 -46.13
N ALA D 193 9.31 13.42 -45.99
CA ALA D 193 8.39 12.36 -45.57
C ALA D 193 6.96 12.71 -45.94
N LEU D 194 6.14 11.67 -46.06
CA LEU D 194 4.67 11.84 -46.19
C LEU D 194 4.06 11.59 -44.81
N VAL D 195 3.48 12.62 -44.19
CA VAL D 195 3.01 12.50 -42.78
C VAL D 195 1.50 12.30 -42.75
N ILE D 196 1.07 11.16 -42.27
CA ILE D 196 -0.34 10.82 -41.98
C ILE D 196 -0.59 10.95 -40.48
N ASP D 197 -1.53 11.81 -40.11
CA ASP D 197 -1.63 12.31 -38.73
C ASP D 197 -3.08 12.24 -38.31
N VAL D 198 -3.44 11.19 -37.59
CA VAL D 198 -4.83 10.83 -37.22
C VAL D 198 -5.04 11.20 -35.75
N GLY D 199 -5.57 12.38 -35.52
CA GLY D 199 -5.67 12.96 -34.17
C GLY D 199 -7.02 12.73 -33.55
N GLY D 200 -7.43 13.68 -32.74
CA GLY D 200 -8.78 13.70 -32.18
C GLY D 200 -9.71 14.34 -33.17
N ALA D 201 -9.60 15.63 -33.36
CA ALA D 201 -10.57 16.44 -34.11
C ALA D 201 -10.38 16.26 -35.60
N ASN D 202 -9.16 15.99 -36.08
CA ASN D 202 -8.84 16.01 -37.53
C ASN D 202 -7.86 14.88 -37.87
N THR D 203 -7.97 14.37 -39.10
CA THR D 203 -6.97 13.53 -39.78
C THR D 203 -6.34 14.39 -40.86
N SER D 204 -5.05 14.31 -41.03
CA SER D 204 -4.31 15.18 -41.97
C SER D 204 -3.34 14.33 -42.77
N VAL D 205 -3.12 14.70 -44.03
CA VAL D 205 -2.00 14.16 -44.83
C VAL D 205 -1.24 15.32 -45.44
N THR D 206 0.08 15.28 -45.43
CA THR D 206 0.92 16.44 -45.80
C THR D 206 2.30 15.92 -46.21
N ALA D 207 2.89 16.51 -47.25
CA ALA D 207 4.25 16.12 -47.68
C ALA D 207 5.23 17.18 -47.18
N ILE D 208 6.29 16.70 -46.55
CA ILE D 208 7.40 17.53 -46.01
C ILE D 208 8.55 17.22 -46.96
N HIS D 209 9.25 18.25 -47.39
CA HIS D 209 10.50 18.08 -48.16
C HIS D 209 11.56 19.06 -47.64
N ASP D 210 12.78 18.57 -47.42
CA ASP D 210 13.91 19.36 -46.83
C ASP D 210 13.41 20.18 -45.61
N GLY D 211 12.69 19.53 -44.70
CA GLY D 211 12.26 20.17 -43.45
C GLY D 211 11.20 21.24 -43.63
N MET D 212 10.48 21.31 -44.75
CA MET D 212 9.43 22.35 -44.97
C MET D 212 8.18 21.72 -45.56
N VAL D 213 7.02 22.30 -45.24
CA VAL D 213 5.69 21.81 -45.71
C VAL D 213 5.51 22.27 -47.16
N LEU D 214 5.20 21.34 -48.06
CA LEU D 214 4.69 21.66 -49.42
C LEU D 214 3.22 22.06 -49.28
N LYS D 215 2.91 23.37 -49.33
CA LYS D 215 1.55 23.89 -49.00
C LYS D 215 0.46 23.33 -49.92
N ARG D 216 0.77 22.96 -51.17
CA ARG D 216 -0.22 22.34 -52.08
C ARG D 216 -0.60 20.91 -51.64
N SER D 217 0.24 20.24 -50.86
CA SER D 217 0.03 18.81 -50.45
C SER D 217 -0.91 18.67 -49.23
N ILE D 218 -1.25 19.75 -48.52
CA ILE D 218 -2.05 19.66 -47.27
C ILE D 218 -3.45 19.16 -47.59
N GLN D 219 -3.90 18.10 -46.93
CA GLN D 219 -5.27 17.52 -47.05
C GLN D 219 -5.78 17.19 -45.67
N ARG D 220 -7.07 17.47 -45.35
CA ARG D 220 -7.61 17.26 -43.98
C ARG D 220 -9.00 16.62 -43.99
N SER D 221 -9.41 15.99 -42.89
CA SER D 221 -10.70 15.25 -42.77
C SER D 221 -11.20 15.18 -41.32
N PRO D 222 -12.52 15.26 -41.06
CA PRO D 222 -13.06 14.93 -39.74
C PRO D 222 -12.98 13.45 -39.30
N ALA D 223 -12.73 12.55 -40.22
CA ALA D 223 -12.68 11.10 -39.97
C ALA D 223 -11.42 10.77 -39.14
N ALA D 224 -11.50 11.02 -37.83
CA ALA D 224 -10.42 10.91 -36.85
C ALA D 224 -10.98 10.34 -35.53
N GLY D 225 -10.27 10.53 -34.43
CA GLY D 225 -10.68 9.97 -33.14
C GLY D 225 -12.04 10.48 -32.63
N VAL D 226 -12.39 11.74 -32.77
CA VAL D 226 -13.66 12.26 -32.19
C VAL D 226 -14.78 11.64 -33.00
N TRP D 227 -14.65 11.58 -34.32
CA TRP D 227 -15.63 10.87 -35.20
C TRP D 227 -15.77 9.38 -34.84
N LEU D 228 -14.67 8.69 -34.60
CA LEU D 228 -14.70 7.26 -34.17
C LEU D 228 -15.44 7.09 -32.86
N SER D 229 -15.39 8.04 -31.95
CA SER D 229 -16.19 7.93 -30.70
C SER D 229 -17.69 8.01 -31.08
N GLY D 230 -18.08 8.89 -32.00
CA GLY D 230 -19.50 9.00 -32.42
C GLY D 230 -19.99 7.74 -33.14
N GLN D 231 -19.10 7.08 -33.87
CA GLN D 231 -19.41 5.79 -34.51
C GLN D 231 -19.71 4.80 -33.40
N ILE D 232 -18.88 4.77 -32.35
CA ILE D 232 -19.08 3.76 -31.27
C ILE D 232 -20.40 4.06 -30.55
N ARG D 233 -20.65 5.29 -30.19
CA ARG D 233 -21.91 5.67 -29.51
C ARG D 233 -23.08 5.20 -30.35
N SER D 234 -23.04 5.44 -31.65
CA SER D 234 -24.11 5.02 -32.60
C SER D 234 -24.26 3.49 -32.64
N MET D 235 -23.14 2.80 -32.72
CA MET D 235 -23.14 1.32 -32.81
C MET D 235 -23.76 0.74 -31.53
N TRP D 236 -23.46 1.30 -30.34
CA TRP D 236 -24.02 0.89 -29.03
C TRP D 236 -25.53 1.10 -29.00
N LYS D 237 -26.06 2.24 -29.43
CA LYS D 237 -27.54 2.44 -29.44
C LYS D 237 -28.23 1.63 -30.55
N SER D 238 -27.52 1.02 -31.49
CA SER D 238 -28.16 0.21 -32.55
C SER D 238 -28.29 -1.26 -32.13
N GLN D 239 -27.61 -1.70 -31.05
CA GLN D 239 -27.63 -3.13 -30.65
C GLN D 239 -29.03 -3.58 -30.22
N ASP D 240 -29.33 -4.89 -30.33
CA ASP D 240 -30.71 -5.46 -30.18
C ASP D 240 -31.26 -5.11 -28.78
N PRO D 241 -30.63 -5.55 -27.65
CA PRO D 241 -30.75 -4.83 -26.39
C PRO D 241 -29.77 -3.66 -26.45
N PRO D 242 -30.21 -2.39 -26.33
CA PRO D 242 -29.28 -1.26 -26.35
C PRO D 242 -28.18 -1.41 -25.29
N VAL D 243 -27.00 -0.93 -25.65
CA VAL D 243 -25.87 -0.81 -24.70
C VAL D 243 -25.83 0.64 -24.21
N ASN D 244 -25.94 0.84 -22.90
CA ASN D 244 -25.93 2.19 -22.29
C ASN D 244 -24.62 2.40 -21.55
N VAL D 245 -23.86 3.42 -21.97
CA VAL D 245 -22.62 3.83 -21.29
C VAL D 245 -23.04 4.60 -20.03
N VAL D 246 -22.47 4.24 -18.89
CA VAL D 246 -22.61 5.00 -17.62
C VAL D 246 -21.19 5.13 -17.07
N PRO D 247 -20.72 6.37 -16.83
CA PRO D 247 -19.33 6.59 -16.48
C PRO D 247 -19.03 6.15 -15.03
N THR D 248 -17.76 5.88 -14.78
CA THR D 248 -17.24 5.37 -13.49
C THR D 248 -17.71 6.27 -12.34
N PHE D 249 -17.79 7.59 -12.49
CA PHE D 249 -18.09 8.48 -11.33
C PHE D 249 -19.46 8.18 -10.75
N MET D 250 -20.37 7.59 -11.54
CA MET D 250 -21.75 7.32 -11.12
C MET D 250 -21.92 5.99 -10.39
N VAL D 251 -20.89 5.16 -10.33
CA VAL D 251 -20.98 3.79 -9.75
C VAL D 251 -20.26 3.78 -8.41
N GLU D 252 -20.93 3.34 -7.33
CA GLU D 252 -20.29 3.18 -5.99
C GLU D 252 -19.49 1.87 -5.97
N ASN D 253 -20.17 0.75 -6.18
CA ASN D 253 -19.61 -0.61 -6.05
C ASN D 253 -20.34 -1.53 -7.02
N LYS D 254 -19.61 -2.52 -7.54
CA LYS D 254 -20.08 -3.43 -8.59
C LYS D 254 -19.63 -4.86 -8.30
N LYS D 255 -20.45 -5.82 -8.72
CA LYS D 255 -20.15 -7.27 -8.59
C LYS D 255 -20.02 -7.86 -9.98
N PRO D 256 -19.07 -8.80 -10.20
CA PRO D 256 -18.94 -9.45 -11.50
C PRO D 256 -20.20 -10.25 -11.87
N VAL D 257 -20.52 -10.24 -13.16
CA VAL D 257 -21.73 -10.89 -13.75
C VAL D 257 -21.34 -11.57 -15.06
N GLU D 258 -22.16 -12.53 -15.47
CA GLU D 258 -21.97 -13.28 -16.74
C GLU D 258 -22.27 -12.40 -17.96
N ALA D 259 -21.67 -12.76 -19.09
CA ALA D 259 -21.82 -12.10 -20.41
C ALA D 259 -23.32 -11.94 -20.75
N GLY D 260 -23.74 -10.71 -21.09
CA GLY D 260 -25.12 -10.42 -21.49
C GLY D 260 -26.10 -10.23 -20.33
N ALA D 261 -25.73 -10.54 -19.08
CA ALA D 261 -26.60 -10.41 -17.89
C ALA D 261 -26.78 -8.94 -17.50
N PRO D 262 -27.88 -8.56 -16.81
CA PRO D 262 -27.97 -7.24 -16.19
C PRO D 262 -26.95 -7.06 -15.06
N PRO D 263 -26.40 -5.84 -14.87
CA PRO D 263 -25.37 -5.60 -13.85
C PRO D 263 -25.87 -5.57 -12.40
N ASP D 264 -25.17 -6.28 -11.51
CA ASP D 264 -25.32 -6.14 -10.03
C ASP D 264 -24.41 -4.99 -9.58
N CYS D 265 -25.03 -3.83 -9.39
CA CYS D 265 -24.31 -2.56 -9.17
C CYS D 265 -25.20 -1.55 -8.44
N ARG D 266 -24.60 -0.66 -7.65
CA ARG D 266 -25.35 0.44 -7.01
C ARG D 266 -24.71 1.78 -7.35
N LEU D 267 -25.56 2.72 -7.76
CA LEU D 267 -25.16 4.05 -8.26
C LEU D 267 -24.98 5.01 -7.09
N ARG D 268 -24.18 6.06 -7.28
CA ARG D 268 -24.24 7.25 -6.39
C ARG D 268 -25.55 7.98 -6.62
N ASN D 269 -25.84 8.91 -5.73
CA ASN D 269 -26.81 10.00 -5.96
C ASN D 269 -26.19 11.29 -5.43
N PHE D 270 -26.65 12.41 -5.97
CA PHE D 270 -26.10 13.76 -5.72
C PHE D 270 -27.27 14.70 -5.40
N GLY D 271 -27.03 15.69 -4.53
CA GLY D 271 -28.07 16.69 -4.20
C GLY D 271 -28.36 17.58 -5.40
N PHE D 272 -27.30 17.85 -6.16
CA PHE D 272 -27.24 18.74 -7.34
C PHE D 272 -27.48 17.94 -8.62
N PRO D 273 -28.04 18.56 -9.70
CA PRO D 273 -28.06 17.92 -11.01
C PRO D 273 -26.68 18.01 -11.69
N ILE D 274 -26.22 16.90 -12.28
CA ILE D 274 -24.93 16.87 -13.02
C ILE D 274 -25.10 17.56 -14.37
N HIS D 275 -24.11 18.36 -14.78
CA HIS D 275 -24.11 19.08 -16.09
C HIS D 275 -23.84 18.11 -17.25
N ASP D 276 -24.53 18.30 -18.37
CA ASP D 276 -24.45 17.43 -19.58
C ASP D 276 -23.00 17.38 -20.09
N SER D 277 -22.25 18.49 -19.99
CA SER D 277 -20.85 18.60 -20.47
C SER D 277 -19.94 17.71 -19.62
N PHE D 278 -20.13 17.71 -18.32
CA PHE D 278 -19.36 16.89 -17.36
C PHE D 278 -19.62 15.42 -17.67
N ARG D 279 -20.89 15.07 -17.77
CA ARG D 279 -21.34 13.70 -18.05
C ARG D 279 -20.66 13.24 -19.33
N ALA D 280 -20.68 14.07 -20.39
CA ALA D 280 -20.09 13.73 -21.70
C ALA D 280 -18.58 13.47 -21.57
N PHE D 281 -17.84 14.40 -20.98
CA PHE D 281 -16.38 14.30 -20.76
C PHE D 281 -16.01 12.98 -20.04
N GLU D 282 -16.77 12.59 -19.04
CA GLU D 282 -16.57 11.37 -18.24
C GLU D 282 -16.93 10.13 -19.05
N GLU D 283 -17.97 10.17 -19.90
CA GLU D 283 -18.27 9.02 -20.84
C GLU D 283 -17.14 8.81 -21.88
N GLU D 284 -16.44 9.88 -22.28
CA GLU D 284 -15.34 9.78 -23.26
C GLU D 284 -14.14 9.02 -22.71
N ARG D 285 -14.00 8.87 -21.39
CA ARG D 285 -12.94 7.99 -20.82
C ARG D 285 -13.31 6.57 -21.16
N VAL D 286 -14.58 6.18 -21.00
CA VAL D 286 -15.03 4.77 -21.29
C VAL D 286 -14.84 4.49 -22.78
N LEU D 287 -15.31 5.38 -23.66
CA LEU D 287 -15.11 5.25 -25.13
C LEU D 287 -13.61 5.11 -25.47
N THR D 288 -12.72 5.86 -24.87
CA THR D 288 -11.27 5.71 -25.17
C THR D 288 -10.77 4.32 -24.74
N GLU D 289 -11.28 3.76 -23.65
CA GLU D 289 -10.90 2.41 -23.20
C GLU D 289 -11.47 1.37 -24.16
N PHE D 290 -12.64 1.59 -24.75
CA PHE D 290 -13.21 0.70 -25.80
C PHE D 290 -12.31 0.74 -27.05
N LYS D 291 -11.90 1.93 -27.48
CA LYS D 291 -10.96 2.10 -28.63
C LYS D 291 -9.62 1.44 -28.41
N GLU D 292 -9.00 1.55 -27.26
CA GLU D 292 -7.62 1.01 -27.08
C GLU D 292 -7.62 -0.52 -26.89
N SER D 293 -8.77 -1.18 -26.79
CA SER D 293 -8.79 -2.60 -26.31
C SER D 293 -9.76 -3.52 -27.08
N VAL D 294 -10.86 -2.98 -27.59
CA VAL D 294 -11.81 -3.78 -28.42
C VAL D 294 -11.54 -3.50 -29.90
N VAL D 295 -11.58 -2.23 -30.32
CA VAL D 295 -11.75 -1.88 -31.76
C VAL D 295 -10.53 -2.34 -32.54
N GLU D 296 -10.78 -2.88 -33.73
CA GLU D 296 -9.72 -3.40 -34.63
C GLU D 296 -10.02 -2.92 -36.04
N VAL D 297 -9.04 -2.39 -36.74
CA VAL D 297 -9.14 -2.04 -38.18
C VAL D 297 -9.11 -3.36 -38.96
N TRP D 298 -10.00 -3.53 -39.92
CA TRP D 298 -9.92 -4.69 -40.83
C TRP D 298 -8.65 -4.56 -41.65
N ARG D 299 -7.68 -5.44 -41.42
CA ARG D 299 -6.37 -5.39 -42.09
C ARG D 299 -6.32 -6.33 -43.30
N GLY D 300 -7.31 -7.23 -43.43
CA GLY D 300 -7.32 -8.39 -44.33
C GLY D 300 -7.37 -7.99 -45.79
N PRO D 301 -7.32 -8.97 -46.73
CA PRO D 301 -7.39 -8.70 -48.16
C PRO D 301 -8.71 -8.02 -48.59
N GLY D 302 -8.57 -6.82 -49.17
CA GLY D 302 -9.72 -6.02 -49.64
C GLY D 302 -10.52 -5.38 -48.52
N LYS D 303 -11.55 -4.61 -48.90
CA LYS D 303 -12.42 -3.85 -47.98
C LYS D 303 -13.20 -4.83 -47.09
N TYR D 304 -13.63 -4.38 -45.91
CA TYR D 304 -14.43 -5.19 -44.97
C TYR D 304 -15.76 -5.60 -45.62
N LEU D 305 -16.37 -4.74 -46.44
CA LEU D 305 -17.67 -5.07 -47.06
C LEU D 305 -17.52 -5.84 -48.40
N ASN D 306 -16.35 -6.39 -48.74
CA ASN D 306 -16.23 -7.37 -49.84
C ASN D 306 -17.02 -8.65 -49.49
N PRO D 307 -17.52 -9.40 -50.51
CA PRO D 307 -18.57 -10.41 -50.34
C PRO D 307 -18.40 -11.50 -49.25
N GLY D 308 -17.17 -11.93 -48.94
CA GLY D 308 -16.91 -12.96 -47.93
C GLY D 308 -16.58 -12.43 -46.54
N ASN D 309 -16.15 -11.17 -46.46
CA ASN D 309 -15.31 -10.67 -45.33
C ASN D 309 -16.15 -10.53 -44.04
N GLU D 310 -17.30 -9.87 -44.08
CA GLU D 310 -18.17 -9.70 -42.88
C GLU D 310 -18.66 -11.08 -42.39
N ASP D 311 -19.01 -11.99 -43.29
CA ASP D 311 -19.46 -13.35 -42.94
C ASP D 311 -18.33 -14.07 -42.19
N PHE D 312 -17.10 -13.99 -42.69
CA PHE D 312 -15.91 -14.58 -42.03
C PHE D 312 -15.70 -13.94 -40.65
N ALA D 313 -15.79 -12.61 -40.56
CA ALA D 313 -15.55 -11.84 -39.31
C ALA D 313 -16.41 -12.39 -38.16
N LYS D 314 -17.67 -12.73 -38.43
CA LYS D 314 -18.62 -13.27 -37.41
C LYS D 314 -18.16 -14.64 -36.87
N THR D 315 -17.29 -15.38 -37.58
CA THR D 315 -16.79 -16.72 -37.15
C THR D 315 -15.50 -16.62 -36.32
N GLN D 316 -14.81 -15.48 -36.36
CA GLN D 316 -13.57 -15.26 -35.56
C GLN D 316 -13.92 -15.22 -34.07
N PRO D 317 -12.96 -15.52 -33.17
CA PRO D 317 -13.12 -15.19 -31.76
C PRO D 317 -13.22 -13.66 -31.62
N GLY D 318 -14.08 -13.21 -30.71
CA GLY D 318 -14.28 -11.79 -30.43
C GLY D 318 -13.27 -11.24 -29.44
N ARG D 319 -13.59 -10.10 -28.87
CA ARG D 319 -12.85 -9.48 -27.75
C ARG D 319 -13.85 -9.11 -26.65
N VAL D 320 -13.51 -9.40 -25.39
CA VAL D 320 -14.45 -9.10 -24.26
C VAL D 320 -14.24 -7.66 -23.77
N PHE D 321 -15.30 -7.05 -23.22
CA PHE D 321 -15.19 -5.72 -22.58
C PHE D 321 -16.18 -5.54 -21.43
N GLU D 322 -15.75 -4.86 -20.36
CA GLU D 322 -16.61 -4.52 -19.20
C GLU D 322 -16.79 -3.03 -19.10
N PHE D 323 -18.04 -2.57 -19.02
CA PHE D 323 -18.35 -1.17 -18.66
C PHE D 323 -18.15 -0.96 -17.17
N PRO D 324 -17.93 0.29 -16.70
CA PRO D 324 -17.82 0.58 -15.26
C PRO D 324 -18.98 0.07 -14.39
N ASP D 325 -20.18 -0.06 -14.95
CA ASP D 325 -21.38 -0.68 -14.33
C ASP D 325 -21.19 -2.17 -14.06
N GLY D 326 -20.12 -2.82 -14.54
CA GLY D 326 -19.97 -4.28 -14.48
C GLY D 326 -20.55 -5.03 -15.68
N SER D 327 -21.46 -4.43 -16.46
CA SER D 327 -22.02 -5.02 -17.72
C SER D 327 -20.90 -5.51 -18.62
N ASN D 328 -21.05 -6.67 -19.19
CA ASN D 328 -19.96 -7.48 -19.77
C ASN D 328 -20.52 -8.15 -21.05
N GLN D 329 -19.73 -8.23 -22.12
CA GLN D 329 -20.16 -8.77 -23.44
C GLN D 329 -18.94 -9.15 -24.29
N MET D 330 -19.15 -10.03 -25.25
CA MET D 330 -18.13 -10.40 -26.27
C MET D 330 -18.49 -9.72 -27.60
N TRP D 331 -17.54 -9.00 -28.19
CA TRP D 331 -17.71 -8.20 -29.43
C TRP D 331 -17.09 -8.94 -30.60
N ARG D 332 -17.82 -9.09 -31.71
CA ARG D 332 -17.34 -9.96 -32.82
C ARG D 332 -17.07 -9.09 -34.05
N GLU D 333 -18.09 -8.76 -34.83
CA GLU D 333 -17.89 -8.06 -36.14
C GLU D 333 -18.06 -6.55 -35.95
N GLN D 334 -18.85 -6.08 -34.99
CA GLN D 334 -19.06 -4.60 -34.78
C GLN D 334 -17.71 -3.92 -34.47
N ARG D 335 -16.81 -4.67 -33.86
CA ARG D 335 -15.39 -4.35 -33.59
C ARG D 335 -14.74 -3.84 -34.89
N TYR D 336 -15.01 -4.46 -36.04
CA TYR D 336 -14.45 -4.05 -37.36
C TYR D 336 -15.27 -2.92 -37.99
N ARG D 337 -16.56 -3.05 -37.94
CA ARG D 337 -17.43 -2.12 -38.67
C ARG D 337 -17.28 -0.68 -38.16
N VAL D 338 -16.97 -0.42 -36.89
CA VAL D 338 -16.84 1.00 -36.40
C VAL D 338 -15.60 1.70 -36.98
N ALA D 339 -14.54 0.97 -37.26
CA ALA D 339 -13.30 1.56 -37.76
C ALA D 339 -13.40 1.75 -39.29
N GLU D 340 -14.13 0.88 -40.00
CA GLU D 340 -14.09 0.77 -41.49
C GLU D 340 -14.46 2.10 -42.16
N GLY D 341 -15.32 2.92 -41.56
CA GLY D 341 -15.82 4.12 -42.23
C GLY D 341 -14.73 5.09 -42.70
N MET D 342 -13.58 5.20 -42.03
CA MET D 342 -12.49 6.12 -42.46
C MET D 342 -11.71 5.53 -43.65
N TRP D 343 -11.97 4.29 -44.03
CA TRP D 343 -11.42 3.64 -45.25
C TRP D 343 -12.49 3.51 -46.34
N ASP D 344 -13.76 3.36 -45.99
CA ASP D 344 -14.88 3.17 -46.95
C ASP D 344 -16.11 3.91 -46.41
N GLU D 345 -16.45 5.02 -47.05
CA GLU D 345 -17.57 5.89 -46.65
C GLU D 345 -18.92 5.15 -46.62
N THR D 346 -19.06 3.99 -47.25
CA THR D 346 -20.33 3.21 -47.29
C THR D 346 -20.59 2.55 -45.93
N ALA D 347 -19.50 2.18 -45.24
CA ALA D 347 -19.52 1.27 -44.08
C ALA D 347 -20.01 1.99 -42.81
N ALA D 348 -19.95 3.31 -42.75
CA ALA D 348 -20.14 4.10 -41.50
C ALA D 348 -21.57 3.99 -40.95
N TYR D 349 -21.69 3.94 -39.61
CA TYR D 349 -22.97 4.09 -38.88
C TYR D 349 -23.48 5.53 -38.99
N PRO D 350 -24.82 5.78 -38.96
CA PRO D 350 -25.35 7.14 -38.90
C PRO D 350 -24.94 7.88 -37.62
N SER D 351 -24.70 9.19 -37.70
CA SER D 351 -24.42 10.02 -36.50
C SER D 351 -25.65 10.03 -35.58
N LEU D 352 -25.46 9.99 -34.25
CA LEU D 352 -26.57 10.16 -33.28
C LEU D 352 -26.95 11.64 -33.21
N ASN D 353 -25.97 12.54 -33.28
CA ASN D 353 -26.18 13.98 -33.57
C ASN D 353 -26.71 14.08 -34.99
N PRO D 354 -27.97 14.54 -35.23
CA PRO D 354 -28.53 14.55 -36.59
C PRO D 354 -27.94 15.66 -37.49
N ASP D 355 -27.20 16.61 -36.90
CA ASP D 355 -26.53 17.73 -37.62
C ASP D 355 -25.20 17.28 -38.23
N GLU D 356 -24.44 16.38 -37.58
CA GLU D 356 -23.06 16.00 -37.97
C GLU D 356 -23.11 15.11 -39.22
N ALA D 357 -22.95 15.75 -40.40
CA ALA D 357 -23.07 15.17 -41.75
C ALA D 357 -22.11 13.99 -41.94
N ALA D 358 -22.56 13.01 -42.72
CA ALA D 358 -21.82 11.76 -43.01
C ALA D 358 -20.53 12.08 -43.75
N ILE D 359 -19.47 11.30 -43.53
CA ILE D 359 -18.19 11.53 -44.25
C ILE D 359 -18.34 11.07 -45.70
N THR D 360 -17.72 11.84 -46.61
CA THR D 360 -17.78 11.64 -48.08
C THR D 360 -16.56 10.85 -48.55
N LYS D 361 -16.57 10.35 -49.80
CA LYS D 361 -15.47 9.52 -50.35
C LYS D 361 -14.16 10.33 -50.27
N ALA D 362 -14.22 11.61 -50.65
CA ALA D 362 -13.09 12.56 -50.61
C ALA D 362 -12.45 12.72 -49.23
N GLN D 363 -13.15 12.39 -48.14
CA GLN D 363 -12.66 12.54 -46.74
C GLN D 363 -12.08 11.23 -46.19
N THR D 364 -12.13 10.12 -46.91
CA THR D 364 -11.47 8.87 -46.45
C THR D 364 -9.94 8.99 -46.54
N ILE D 365 -9.21 8.19 -45.76
CA ILE D 365 -7.72 8.19 -45.75
C ILE D 365 -7.13 7.92 -47.12
N PRO D 366 -7.53 6.89 -47.91
CA PRO D 366 -6.98 6.70 -49.26
C PRO D 366 -7.22 7.88 -50.22
N ALA D 367 -8.36 8.53 -50.12
CA ALA D 367 -8.66 9.75 -50.90
C ALA D 367 -7.72 10.90 -50.51
N LEU D 368 -7.45 11.11 -49.22
CA LEU D 368 -6.57 12.21 -48.77
C LEU D 368 -5.16 11.89 -49.28
N ILE D 369 -4.72 10.65 -49.22
CA ILE D 369 -3.33 10.31 -49.64
C ILE D 369 -3.18 10.62 -51.12
N LYS D 370 -4.12 10.15 -51.95
CA LYS D 370 -4.06 10.34 -53.42
C LYS D 370 -4.10 11.83 -53.72
N ALA D 371 -5.01 12.56 -53.11
CA ALA D 371 -5.13 14.03 -53.28
C ALA D 371 -3.90 14.79 -52.78
N ALA D 372 -3.13 14.25 -51.83
CA ALA D 372 -1.93 14.90 -51.26
C ALA D 372 -0.77 14.72 -52.22
N LEU D 373 -0.50 13.49 -52.67
CA LEU D 373 0.63 13.23 -53.61
C LEU D 373 0.35 13.78 -55.02
N ASP D 374 -0.92 13.86 -55.44
CA ASP D 374 -1.29 14.57 -56.70
C ASP D 374 -0.90 16.04 -56.62
N GLY D 375 -0.76 16.60 -55.42
CA GLY D 375 -0.31 18.00 -55.20
C GLY D 375 1.20 18.16 -55.18
N VAL D 376 1.96 17.13 -55.56
CA VAL D 376 3.45 17.10 -55.45
C VAL D 376 4.05 16.70 -56.81
N ASP D 377 5.26 17.19 -57.09
CA ASP D 377 6.07 16.83 -58.29
C ASP D 377 6.24 15.31 -58.41
N VAL D 378 6.06 14.75 -59.61
CA VAL D 378 6.09 13.28 -59.84
C VAL D 378 7.46 12.71 -59.41
N ASP D 379 8.53 13.51 -59.50
CA ASP D 379 9.92 13.11 -59.12
C ASP D 379 10.03 12.76 -57.63
N LEU D 380 9.24 13.41 -56.76
CA LEU D 380 9.30 13.24 -55.28
C LEU D 380 8.47 12.05 -54.80
N ARG D 381 7.56 11.50 -55.61
CA ARG D 381 6.58 10.52 -55.11
C ARG D 381 7.28 9.26 -54.59
N PRO D 382 8.26 8.67 -55.31
CA PRO D 382 8.99 7.50 -54.77
C PRO D 382 9.77 7.79 -53.47
N ASN D 383 10.28 8.99 -53.32
CA ASN D 383 11.01 9.44 -52.11
C ASN D 383 10.00 9.49 -50.95
N LEU D 384 8.88 10.20 -51.15
CA LEU D 384 7.86 10.40 -50.11
C LEU D 384 7.27 9.06 -49.68
N LEU D 385 6.86 8.21 -50.61
CA LEU D 385 6.21 6.91 -50.27
C LEU D 385 7.25 5.93 -49.68
N GLY D 386 8.53 6.13 -49.88
CA GLY D 386 9.53 5.34 -49.15
C GLY D 386 9.69 5.79 -47.72
N ASN D 387 9.17 6.97 -47.37
CA ASN D 387 9.31 7.60 -46.04
C ASN D 387 7.92 7.99 -45.50
N VAL D 388 6.99 7.04 -45.39
CA VAL D 388 5.68 7.32 -44.74
C VAL D 388 5.86 7.41 -43.22
N VAL D 389 5.40 8.49 -42.62
CA VAL D 389 5.47 8.76 -41.16
C VAL D 389 4.04 8.81 -40.62
N VAL D 390 3.74 7.96 -39.66
CA VAL D 390 2.36 7.84 -39.12
C VAL D 390 2.36 8.40 -37.70
N THR D 391 1.28 9.09 -37.34
CA THR D 391 1.24 9.97 -36.15
C THR D 391 -0.18 10.12 -35.69
N GLY D 392 -0.33 10.56 -34.45
CA GLY D 392 -1.65 10.81 -33.85
C GLY D 392 -2.13 9.57 -33.13
N SER D 393 -2.75 9.74 -31.97
CA SER D 393 -3.09 8.63 -31.07
C SER D 393 -4.13 7.69 -31.73
N THR D 394 -4.98 8.15 -32.64
CA THR D 394 -5.95 7.28 -33.34
C THR D 394 -5.18 6.28 -34.19
N SER D 395 -3.98 6.59 -34.66
CA SER D 395 -3.18 5.64 -35.47
C SER D 395 -2.70 4.45 -34.65
N LEU D 396 -2.97 4.39 -33.34
CA LEU D 396 -2.55 3.26 -32.46
C LEU D 396 -3.58 2.11 -32.46
N LEU D 397 -4.70 2.20 -33.20
CA LEU D 397 -5.70 1.11 -33.29
C LEU D 397 -5.03 -0.18 -33.78
N ASN D 398 -5.50 -1.35 -33.32
CA ASN D 398 -4.99 -2.65 -33.83
C ASN D 398 -5.27 -2.74 -35.32
N GLY D 399 -4.24 -3.06 -36.12
CA GLY D 399 -4.37 -3.27 -37.58
C GLY D 399 -4.24 -2.01 -38.41
N PHE D 400 -4.10 -0.81 -37.83
CA PHE D 400 -4.10 0.46 -38.62
C PHE D 400 -2.94 0.48 -39.64
N ASN D 401 -1.72 0.20 -39.20
CA ASN D 401 -0.53 0.25 -40.10
C ASN D 401 -0.62 -0.83 -41.16
N ASP D 402 -1.20 -1.98 -40.82
CA ASP D 402 -1.34 -3.14 -41.74
C ASP D 402 -2.29 -2.77 -42.86
N ARG D 403 -3.44 -2.20 -42.54
CA ARG D 403 -4.41 -1.68 -43.55
C ARG D 403 -3.74 -0.59 -44.38
N LEU D 404 -3.12 0.43 -43.77
CA LEU D 404 -2.46 1.57 -44.50
C LEU D 404 -1.45 1.01 -45.50
N ASN D 405 -0.64 0.05 -45.07
CA ASN D 405 0.43 -0.51 -45.93
C ASN D 405 -0.24 -1.17 -47.13
N HIS D 406 -1.25 -2.00 -46.89
CA HIS D 406 -1.98 -2.72 -47.95
C HIS D 406 -2.59 -1.71 -48.95
N GLU D 407 -3.28 -0.67 -48.46
CA GLU D 407 -3.95 0.33 -49.32
C GLU D 407 -2.91 1.10 -50.14
N LEU D 408 -1.81 1.57 -49.55
CA LEU D 408 -0.75 2.25 -50.32
C LEU D 408 -0.22 1.28 -51.37
N THR D 409 0.08 0.04 -51.00
CA THR D 409 0.70 -0.95 -51.90
C THR D 409 -0.24 -1.17 -53.08
N ASN D 410 -1.55 -1.26 -52.87
CA ASN D 410 -2.48 -1.57 -53.97
C ASN D 410 -2.70 -0.31 -54.84
N MET D 411 -2.60 0.91 -54.31
CA MET D 411 -2.93 2.14 -55.09
C MET D 411 -1.68 2.75 -55.77
N TYR D 412 -0.47 2.44 -55.29
CA TYR D 412 0.81 2.81 -55.96
C TYR D 412 1.63 1.54 -56.21
N PRO D 413 1.21 0.65 -57.12
CA PRO D 413 1.95 -0.60 -57.36
C PRO D 413 3.31 -0.33 -58.01
N GLY D 414 4.28 -1.20 -57.73
CA GLY D 414 5.66 -1.14 -58.26
C GLY D 414 6.52 -0.06 -57.60
N LEU D 415 6.15 0.40 -56.39
CA LEU D 415 7.04 1.25 -55.53
C LEU D 415 7.28 0.56 -54.19
N LYS D 416 8.46 0.78 -53.62
CA LYS D 416 8.79 0.35 -52.23
C LYS D 416 8.07 1.29 -51.26
N ILE D 417 7.15 0.76 -50.45
CA ILE D 417 6.45 1.50 -49.39
C ILE D 417 7.04 1.09 -48.04
N LYS D 418 7.38 2.05 -47.18
CA LYS D 418 7.90 1.74 -45.82
C LYS D 418 7.34 2.73 -44.82
N LEU D 419 6.96 2.25 -43.64
CA LEU D 419 6.30 3.08 -42.60
C LEU D 419 7.19 3.23 -41.37
N HIS D 420 7.15 4.41 -40.80
CA HIS D 420 7.96 4.87 -39.66
C HIS D 420 7.01 5.41 -38.59
N ALA D 421 7.27 5.07 -37.35
CA ALA D 421 6.61 5.70 -36.20
C ALA D 421 7.32 7.02 -35.91
N ALA D 422 6.59 8.08 -35.59
CA ALA D 422 7.17 9.25 -34.90
C ALA D 422 7.52 8.84 -33.46
N GLY D 423 8.71 9.15 -32.99
CA GLY D 423 9.07 8.84 -31.59
C GLY D 423 10.34 8.02 -31.45
N LEU D 424 10.98 8.18 -30.31
CA LEU D 424 12.27 7.55 -29.94
C LEU D 424 12.01 6.14 -29.41
N THR D 425 10.77 5.83 -29.03
CA THR D 425 10.39 4.73 -28.10
C THR D 425 9.13 4.02 -28.64
N SER D 426 8.75 2.90 -28.03
CA SER D 426 7.44 2.23 -28.28
C SER D 426 6.26 3.16 -27.91
N GLU D 427 6.47 4.17 -27.06
CA GLU D 427 5.47 5.23 -26.78
C GLU D 427 5.32 6.13 -28.01
N ARG D 428 4.14 6.12 -28.64
CA ARG D 428 3.84 6.88 -29.88
C ARG D 428 2.67 7.90 -29.70
N ARG D 429 2.22 8.20 -28.50
CA ARG D 429 1.15 9.20 -28.28
C ARG D 429 1.67 10.61 -28.47
N PHE D 430 2.96 10.83 -28.31
CA PHE D 430 3.60 12.17 -28.50
C PHE D 430 4.43 12.02 -29.78
N GLY D 431 4.17 12.87 -30.76
CA GLY D 431 4.94 12.83 -32.02
C GLY D 431 5.51 14.20 -32.33
N ALA D 432 4.62 15.13 -32.64
CA ALA D 432 4.97 16.56 -32.80
C ALA D 432 5.82 17.03 -31.61
N TRP D 433 5.40 16.74 -30.36
CA TRP D 433 6.11 17.25 -29.16
C TRP D 433 7.56 16.76 -29.22
N ILE D 434 7.80 15.51 -29.57
CA ILE D 434 9.24 15.01 -29.54
C ILE D 434 10.04 15.68 -30.65
N GLY D 435 9.39 16.00 -31.80
CA GLY D 435 10.07 16.70 -32.89
C GLY D 435 10.49 18.09 -32.44
N GLY D 436 9.61 18.82 -31.75
CA GLY D 436 9.93 20.12 -31.12
C GLY D 436 11.13 19.96 -30.16
N SER D 437 11.12 18.92 -29.35
CA SER D 437 12.19 18.61 -28.40
C SER D 437 13.51 18.40 -29.13
N ILE D 438 13.54 17.65 -30.21
CA ILE D 438 14.80 17.42 -31.01
C ILE D 438 15.22 18.74 -31.69
N LEU D 439 14.30 19.40 -32.41
CA LEU D 439 14.55 20.68 -33.11
C LEU D 439 15.17 21.69 -32.14
N ALA D 440 14.50 22.03 -31.05
CA ALA D 440 14.93 23.11 -30.15
C ALA D 440 16.22 22.70 -29.40
N SER D 441 16.77 21.51 -29.64
CA SER D 441 18.05 21.08 -29.05
C SER D 441 19.21 21.07 -30.06
N LEU D 442 18.97 21.44 -31.33
CA LEU D 442 20.00 21.53 -32.42
C LEU D 442 20.71 22.88 -32.35
N GLY D 443 22.04 22.85 -32.46
CA GLY D 443 22.82 24.08 -32.27
C GLY D 443 22.57 25.02 -33.39
N THR D 444 22.38 24.48 -34.60
CA THR D 444 22.12 25.25 -35.84
C THR D 444 20.77 25.97 -35.76
N PHE D 445 19.89 25.54 -34.88
CA PHE D 445 18.51 26.08 -34.83
C PHE D 445 18.55 27.42 -34.11
N HIS D 446 19.52 27.69 -33.25
CA HIS D 446 19.41 28.86 -32.32
C HIS D 446 19.54 30.19 -33.06
N GLN D 447 19.98 30.22 -34.33
CA GLN D 447 19.88 31.42 -35.22
C GLN D 447 18.46 31.72 -35.74
N MET D 448 17.49 30.86 -35.48
CA MET D 448 16.12 30.97 -36.05
C MET D 448 15.20 31.76 -35.12
N TRP D 449 15.30 31.60 -33.78
CA TRP D 449 14.33 32.19 -32.80
C TRP D 449 14.00 33.66 -33.13
N ILE D 450 12.75 34.05 -33.05
CA ILE D 450 12.43 35.49 -33.11
C ILE D 450 12.69 36.01 -31.71
N SER D 451 13.60 36.96 -31.60
CA SER D 451 13.96 37.68 -30.35
C SER D 451 12.81 38.58 -29.88
N ARG D 452 12.81 38.92 -28.60
CA ARG D 452 11.97 39.99 -27.99
C ARG D 452 12.19 41.28 -28.78
N LYS D 453 13.44 41.72 -28.97
CA LYS D 453 13.79 42.97 -29.70
C LYS D 453 13.28 42.93 -31.14
N GLU D 454 13.46 41.78 -31.80
CA GLU D 454 13.07 41.49 -33.21
C GLU D 454 11.55 41.66 -33.36
N TYR D 455 10.78 41.17 -32.39
CA TYR D 455 9.32 41.39 -32.31
C TYR D 455 9.02 42.88 -32.08
N GLU D 456 9.63 43.54 -31.10
CA GLU D 456 9.31 44.95 -30.69
C GLU D 456 9.52 45.91 -31.87
N GLU D 457 10.49 45.63 -32.73
CA GLU D 457 10.76 46.46 -33.95
C GLU D 457 9.73 46.24 -35.07
N ASN D 458 8.98 45.12 -35.10
CA ASN D 458 8.26 44.66 -36.32
C ASN D 458 6.77 44.30 -36.05
N GLY D 459 6.41 43.66 -34.92
CA GLY D 459 5.01 43.40 -34.50
C GLY D 459 4.34 42.20 -35.19
N ALA D 460 4.67 41.92 -36.46
CA ALA D 460 4.15 40.77 -37.22
C ALA D 460 5.28 40.13 -38.06
N GLY D 461 6.45 39.93 -37.41
CA GLY D 461 7.62 39.20 -37.92
C GLY D 461 7.28 37.79 -38.38
N ILE D 462 6.25 37.14 -37.83
CA ILE D 462 5.94 35.70 -38.15
C ILE D 462 5.79 35.45 -39.65
N VAL D 463 5.00 36.30 -40.31
CA VAL D 463 4.54 36.06 -41.71
C VAL D 463 5.77 35.83 -42.57
N GLU D 464 6.85 36.61 -42.35
CA GLU D 464 8.08 36.57 -43.16
C GLU D 464 9.12 35.61 -42.58
N LYS D 465 9.12 35.36 -41.26
CA LYS D 465 10.12 34.44 -40.65
C LYS D 465 9.65 33.00 -40.60
N ARG D 466 8.42 32.66 -41.06
CA ARG D 466 7.99 31.26 -41.36
C ARG D 466 6.93 31.14 -42.45
N ALA E 160 39.25 8.18 -8.71
CA ALA E 160 39.30 8.41 -7.24
C ALA E 160 38.33 9.54 -6.84
N LEU E 161 38.20 9.78 -5.53
CA LEU E 161 37.46 10.94 -4.96
C LEU E 161 38.40 12.15 -4.82
N ASP E 162 38.25 12.96 -3.77
CA ASP E 162 38.91 14.28 -3.59
C ASP E 162 40.44 14.15 -3.47
N ARG E 163 41.15 15.23 -3.84
CA ARG E 163 42.61 15.40 -3.61
C ARG E 163 42.87 15.45 -2.09
N SER E 164 42.38 16.49 -1.41
CA SER E 164 42.47 16.71 0.05
C SER E 164 41.58 17.90 0.39
N GLY E 165 40.27 17.77 0.16
CA GLY E 165 39.36 18.92 0.00
C GLY E 165 39.77 19.77 -1.20
N LYS E 166 40.10 21.05 -0.99
CA LYS E 166 40.48 22.08 -2.00
C LYS E 166 39.25 22.54 -2.79
N PRO E 167 38.88 23.85 -2.81
CA PRO E 167 37.64 24.27 -3.47
C PRO E 167 37.56 24.04 -4.99
N CYS E 168 36.33 23.85 -5.45
CA CYS E 168 35.94 23.89 -6.89
C CYS E 168 35.88 25.36 -7.34
N ARG E 169 35.86 25.62 -8.65
CA ARG E 169 35.69 26.99 -9.17
C ARG E 169 34.22 27.39 -9.11
N LYS E 170 33.94 28.62 -8.70
CA LYS E 170 32.56 29.12 -8.50
C LYS E 170 31.88 29.34 -9.86
N TRP E 171 30.63 28.93 -9.97
CA TRP E 171 29.75 29.20 -11.10
C TRP E 171 28.67 30.24 -10.73
N THR E 172 28.29 31.08 -11.68
CA THR E 172 27.41 32.25 -11.45
C THR E 172 26.51 32.44 -12.68
N ARG E 173 25.24 32.83 -12.50
CA ARG E 173 24.32 33.14 -13.62
C ARG E 173 24.79 34.43 -14.28
N GLY E 174 25.41 34.32 -15.47
CA GLY E 174 25.76 35.43 -16.38
C GLY E 174 24.79 35.55 -17.53
N THR E 175 25.20 36.27 -18.57
CA THR E 175 24.41 36.50 -19.81
C THR E 175 25.31 36.25 -21.01
N PHE E 176 24.71 35.67 -22.05
CA PHE E 176 25.41 35.24 -23.28
C PHE E 176 24.72 35.91 -24.44
N GLN E 177 25.48 36.70 -25.21
CA GLN E 177 25.00 37.35 -26.45
C GLN E 177 24.96 36.31 -27.54
N MET E 178 23.83 36.26 -28.25
CA MET E 178 23.70 35.35 -29.42
C MET E 178 22.87 36.01 -30.52
N LYS E 179 23.00 35.49 -31.74
CA LYS E 179 22.70 36.27 -32.95
C LYS E 179 21.79 35.46 -33.86
N SER E 180 20.72 36.08 -34.32
CA SER E 180 19.85 35.56 -35.41
C SER E 180 20.53 35.68 -36.77
N PHE E 181 20.07 34.92 -37.76
CA PHE E 181 20.64 34.93 -39.12
C PHE E 181 20.31 36.27 -39.80
N THR E 182 19.31 37.01 -39.34
CA THR E 182 18.98 38.38 -39.82
C THR E 182 19.74 39.47 -39.02
N GLY E 183 20.74 39.08 -38.23
CA GLY E 183 21.70 40.01 -37.62
C GLY E 183 21.25 40.63 -36.30
N VAL E 184 20.03 40.35 -35.82
CA VAL E 184 19.54 40.87 -34.51
C VAL E 184 20.20 40.09 -33.36
N VAL E 185 20.72 40.81 -32.36
CA VAL E 185 21.48 40.28 -31.20
C VAL E 185 20.60 40.31 -29.96
N TRP E 186 20.59 39.19 -29.22
CA TRP E 186 19.78 39.08 -27.97
C TRP E 186 20.51 38.27 -26.91
N GLU E 187 20.07 38.37 -25.65
CA GLU E 187 20.78 37.78 -24.48
C GLU E 187 19.97 36.64 -23.86
N ILE E 188 20.65 35.53 -23.63
CA ILE E 188 20.11 34.36 -22.87
C ILE E 188 20.90 34.25 -21.57
N PRO E 189 20.21 34.04 -20.41
CA PRO E 189 20.92 33.74 -19.16
C PRO E 189 21.66 32.41 -19.23
N ARG E 190 22.82 32.34 -18.64
CA ARG E 190 23.70 31.17 -18.80
C ARG E 190 24.68 31.03 -17.62
N TRP E 191 25.07 29.81 -17.25
CA TRP E 191 26.07 29.64 -16.17
C TRP E 191 27.45 29.97 -16.69
N THR E 192 28.23 30.74 -15.91
CA THR E 192 29.63 31.16 -16.22
C THR E 192 30.56 30.96 -15.04
N ALA E 193 31.82 30.71 -15.33
CA ALA E 193 32.91 30.53 -14.36
C ALA E 193 34.14 31.32 -14.81
N PRO E 194 34.98 31.82 -13.87
CA PRO E 194 36.23 32.46 -14.24
C PRO E 194 37.20 31.46 -14.89
N PRO E 195 38.09 31.92 -15.80
CA PRO E 195 38.99 31.03 -16.52
C PRO E 195 39.97 30.31 -15.57
N ARG E 196 40.05 28.98 -15.68
CA ARG E 196 41.00 28.15 -14.89
C ARG E 196 42.41 28.28 -15.50
N PRO E 197 43.47 28.52 -14.69
CA PRO E 197 44.85 28.58 -15.21
C PRO E 197 45.34 27.31 -15.93
#